data_3T4W
#
_entry.id   3T4W
#
_cell.length_a   114.564
_cell.length_b   170.176
_cell.length_c   84.429
_cell.angle_alpha   90.00
_cell.angle_beta   90.00
_cell.angle_gamma   90.00
#
_symmetry.space_group_name_H-M   'P 21 21 2'
#
loop_
_entity.id
_entity.type
_entity.pdbx_description
1 polymer 'Mandelate racemase/muconate lactonizing enzyme family protein'
2 water water
#
_entity_poly.entity_id   1
_entity_poly.type   'polypeptide(L)'
_entity_poly.pdbx_seq_one_letter_code
;MHHHHHHSSGVDLGTENLYFQSMKLQDLEVIVTAPPAPGWGGRYWILVKLTTDTGIVGWGECYAASVGPQAMRAVIEDVF
ARHMQGENPENIELMYRRAYSSGFTQRPDLTVMGAFSGLEIACWDILGKDRDRPVYALIGGRMNERVRGYTYLYPLPHHD
MTAFWTSPEMAAESALDCVARGYTAIKFDPAGPYTMRGGHMPAMTDISQSVAFCKAIRAAVGDKADLLFGTHGQFTTAGA
IRLGNAIAPYSPLWYEEPIPPDAVEQMAAVARAVPIPVATGERLTTKAEFAPVLRSGAAAILQPALGRVGGIWEAKKIAA
MAEVYNAQIAPHLYAGPVEWAANIHLAASIPNILMCECIETPFHDQLIKSTIKVEDGFITAPTAAGLGLEVDEALARAHP
YTGNGLHLEMQEAPCDYVNGNAFEGGAPSVKS
;
_entity_poly.pdbx_strand_id   A,B,C,D
#
# COMPACT_ATOMS: atom_id res chain seq x y z
N SER A 22 -7.75 31.46 6.94
CA SER A 22 -8.54 30.27 6.77
C SER A 22 -9.52 29.97 7.88
N MET A 23 -10.56 29.23 7.53
CA MET A 23 -11.43 28.58 8.45
C MET A 23 -10.66 27.85 9.55
N LYS A 24 -11.02 28.08 10.81
CA LYS A 24 -10.57 27.27 11.90
C LYS A 24 -11.69 26.58 12.63
N LEU A 25 -11.46 25.34 13.00
CA LEU A 25 -12.37 24.62 13.89
C LEU A 25 -12.37 25.28 15.24
N GLN A 26 -13.55 25.53 15.81
CA GLN A 26 -13.59 26.14 17.14
C GLN A 26 -14.49 25.40 18.13
N ASP A 27 -15.68 25.02 17.70
CA ASP A 27 -16.64 24.38 18.60
C ASP A 27 -16.80 22.88 18.40
N LEU A 28 -17.13 22.20 19.50
CA LEU A 28 -17.39 20.77 19.46
C LEU A 28 -18.56 20.42 20.34
N GLU A 29 -19.54 19.73 19.76
CA GLU A 29 -20.63 19.14 20.53
C GLU A 29 -20.65 17.63 20.31
N VAL A 30 -20.81 16.90 21.41
CA VAL A 30 -20.94 15.44 21.35
C VAL A 30 -22.38 15.09 21.65
N ILE A 31 -22.96 14.20 20.84
CA ILE A 31 -24.33 13.79 21.09
C ILE A 31 -24.45 12.28 20.98
N VAL A 32 -24.86 11.65 22.07
CA VAL A 32 -25.11 10.22 22.08
C VAL A 32 -26.61 9.94 21.94
N THR A 33 -26.97 9.30 20.84
CA THR A 33 -28.38 9.01 20.58
C THR A 33 -28.59 7.51 20.54
N ALA A 34 -29.77 7.06 20.95
CA ALA A 34 -30.04 5.64 21.02
C ALA A 34 -31.23 5.26 20.14
N PRO A 35 -31.00 4.35 19.20
CA PRO A 35 -32.04 3.89 18.28
C PRO A 35 -33.22 3.25 19.01
N PRO A 36 -34.45 3.58 18.63
CA PRO A 36 -35.63 2.90 19.17
C PRO A 36 -35.56 1.41 18.86
N ALA A 37 -36.16 0.57 19.71
CA ALA A 37 -36.21 -0.86 19.45
C ALA A 37 -36.83 -1.13 18.07
N PRO A 38 -36.43 -2.23 17.42
CA PRO A 38 -35.56 -3.30 17.93
C PRO A 38 -34.08 -2.94 17.89
N GLY A 39 -33.77 -1.70 17.54
CA GLY A 39 -32.40 -1.24 17.56
C GLY A 39 -31.46 -1.92 16.58
N TRP A 40 -31.90 -2.06 15.32
CA TRP A 40 -30.98 -2.48 14.28
C TRP A 40 -29.96 -1.37 14.13
N GLY A 41 -28.70 -1.67 14.44
CA GLY A 41 -27.67 -0.67 14.38
C GLY A 41 -26.93 -0.50 15.69
N GLY A 42 -27.51 -1.02 16.77
CA GLY A 42 -26.81 -1.03 18.04
C GLY A 42 -27.52 -0.27 19.15
N ARG A 43 -26.86 -0.12 20.29
CA ARG A 43 -27.48 0.52 21.44
C ARG A 43 -27.37 2.04 21.38
N TYR A 44 -26.31 2.55 20.77
CA TYR A 44 -26.14 3.99 20.67
C TYR A 44 -25.19 4.39 19.55
N TRP A 45 -25.43 5.55 18.96
CA TRP A 45 -24.49 6.13 17.99
C TRP A 45 -23.83 7.37 18.60
N ILE A 46 -22.52 7.47 18.49
CA ILE A 46 -21.81 8.66 18.96
C ILE A 46 -21.61 9.68 17.82
N LEU A 47 -22.42 10.73 17.83
CA LEU A 47 -22.29 11.81 16.87
C LEU A 47 -21.44 12.94 17.44
N VAL A 48 -20.63 13.55 16.59
CA VAL A 48 -19.92 14.78 16.91
C VAL A 48 -20.39 15.83 15.92
N LYS A 49 -20.62 17.03 16.43
CA LYS A 49 -21.02 18.13 15.57
C LYS A 49 -19.96 19.21 15.69
N LEU A 50 -19.27 19.49 14.59
CA LEU A 50 -18.24 20.53 14.62
C LEU A 50 -18.68 21.80 13.92
N THR A 51 -18.20 22.93 14.42
CA THR A 51 -18.47 24.23 13.84
C THR A 51 -17.18 25.03 13.75
N THR A 52 -16.93 25.65 12.62
CA THR A 52 -15.75 26.50 12.44
C THR A 52 -16.02 27.91 12.93
N ASP A 53 -14.99 28.76 12.89
CA ASP A 53 -15.13 30.14 13.31
C ASP A 53 -15.99 30.93 12.33
N THR A 54 -16.10 30.44 11.10
CA THR A 54 -16.93 31.12 10.12
C THR A 54 -18.36 30.59 10.15
N GLY A 55 -18.65 29.70 11.09
CA GLY A 55 -20.00 29.22 11.28
C GLY A 55 -20.43 28.01 10.48
N ILE A 56 -19.52 27.42 9.73
CA ILE A 56 -19.85 26.20 9.01
C ILE A 56 -19.94 25.01 9.97
N VAL A 57 -20.96 24.17 9.76
CA VAL A 57 -21.20 23.01 10.62
C VAL A 57 -20.97 21.68 9.89
N GLY A 58 -20.25 20.77 10.54
CA GLY A 58 -20.05 19.42 10.04
C GLY A 58 -20.48 18.38 11.06
N TRP A 59 -20.98 17.25 10.56
CA TRP A 59 -21.31 16.12 11.42
C TRP A 59 -20.38 14.93 11.17
N GLY A 60 -19.96 14.28 12.25
CA GLY A 60 -19.16 13.08 12.18
C GLY A 60 -19.74 11.98 13.06
N GLU A 61 -19.23 10.77 12.93
CA GLU A 61 -19.68 9.68 13.79
C GLU A 61 -18.50 8.82 14.24
N CYS A 62 -18.35 8.70 15.56
CA CYS A 62 -17.31 7.88 16.18
C CYS A 62 -17.82 6.47 16.40
N TYR A 63 -17.00 5.50 16.02
CA TYR A 63 -17.30 4.10 16.29
C TYR A 63 -16.31 3.61 17.32
N ALA A 64 -16.75 3.59 18.58
CA ALA A 64 -15.87 3.26 19.70
C ALA A 64 -16.67 2.77 20.89
N ALA A 65 -16.41 1.56 21.35
CA ALA A 65 -17.19 0.99 22.44
C ALA A 65 -16.37 0.20 23.45
N SER A 66 -15.05 0.35 23.43
CA SER A 66 -14.21 -0.27 24.44
C SER A 66 -14.65 0.16 25.84
N VAL A 67 -14.97 1.44 25.98
CA VAL A 67 -15.61 1.96 27.18
C VAL A 67 -16.91 2.64 26.78
N GLY A 68 -17.69 3.10 27.75
CA GLY A 68 -19.01 3.64 27.48
C GLY A 68 -19.05 5.05 26.94
N PRO A 69 -20.26 5.51 26.58
CA PRO A 69 -20.43 6.83 25.95
C PRO A 69 -19.79 7.94 26.78
N GLN A 70 -19.94 7.87 28.10
CA GLN A 70 -19.41 8.93 28.96
C GLN A 70 -17.87 9.02 29.02
N ALA A 71 -17.19 7.87 29.11
CA ALA A 71 -15.74 7.88 29.00
C ALA A 71 -15.35 8.37 27.60
N MET A 72 -16.04 7.86 26.58
CA MET A 72 -15.76 8.25 25.21
C MET A 72 -15.96 9.75 24.96
N ARG A 73 -16.91 10.35 25.67
CA ARG A 73 -17.14 11.78 25.56
C ARG A 73 -15.90 12.54 26.00
N ALA A 74 -15.30 12.08 27.09
CA ALA A 74 -14.09 12.72 27.61
C ALA A 74 -12.93 12.50 26.65
N VAL A 75 -12.87 11.31 26.06
CA VAL A 75 -11.82 10.98 25.11
C VAL A 75 -11.95 11.88 23.87
N ILE A 76 -13.16 11.99 23.34
CA ILE A 76 -13.39 12.84 22.17
C ILE A 76 -13.09 14.30 22.45
N GLU A 77 -13.55 14.80 23.61
CA GLU A 77 -13.27 16.18 23.99
C GLU A 77 -11.76 16.45 24.04
N ASP A 78 -11.03 15.52 24.64
CA ASP A 78 -9.58 15.67 24.79
C ASP A 78 -8.90 15.71 23.43
N VAL A 79 -9.20 14.70 22.60
CA VAL A 79 -8.60 14.62 21.28
C VAL A 79 -8.84 15.90 20.48
N PHE A 80 -10.05 16.45 20.58
CA PHE A 80 -10.40 17.63 19.80
C PHE A 80 -9.65 18.88 20.23
N ALA A 81 -9.65 19.13 21.54
CA ALA A 81 -9.01 20.32 22.07
C ALA A 81 -7.51 20.24 21.87
N ARG A 82 -6.98 19.04 22.05
CA ARG A 82 -5.54 18.85 21.99
C ARG A 82 -4.99 18.96 20.57
N HIS A 83 -5.68 18.38 19.60
CA HIS A 83 -5.08 18.18 18.28
C HIS A 83 -5.80 18.85 17.10
N MET A 84 -7.03 19.31 17.29
CA MET A 84 -7.83 19.79 16.16
C MET A 84 -8.36 21.22 16.31
N GLN A 85 -8.78 21.57 17.53
CA GLN A 85 -9.33 22.90 17.78
C GLN A 85 -8.34 24.01 17.43
N GLY A 86 -8.82 24.99 16.66
CA GLY A 86 -7.99 26.12 16.24
C GLY A 86 -7.28 25.86 14.93
N GLU A 87 -7.51 24.69 14.33
CA GLU A 87 -6.78 24.28 13.14
C GLU A 87 -7.63 24.34 11.86
N ASN A 88 -7.00 24.76 10.77
CA ASN A 88 -7.58 24.67 9.43
C ASN A 88 -8.02 23.24 9.12
N PRO A 89 -9.32 23.05 8.84
CA PRO A 89 -9.88 21.71 8.58
C PRO A 89 -9.29 21.04 7.35
N GLU A 90 -8.62 21.83 6.51
CA GLU A 90 -7.96 21.30 5.32
C GLU A 90 -6.83 20.36 5.69
N ASN A 91 -6.23 20.58 6.85
CA ASN A 91 -5.02 19.85 7.24
C ASN A 91 -5.31 18.50 7.91
N ILE A 92 -5.89 17.61 7.13
CA ILE A 92 -6.25 16.27 7.59
C ILE A 92 -5.02 15.42 7.90
N GLU A 93 -4.03 15.45 7.01
CA GLU A 93 -2.77 14.75 7.24
C GLU A 93 -2.17 15.15 8.57
N LEU A 94 -2.09 16.45 8.82
CA LEU A 94 -1.45 16.98 10.03
C LEU A 94 -2.18 16.55 11.30
N MET A 95 -3.50 16.62 11.26
CA MET A 95 -4.27 16.35 12.47
C MET A 95 -4.24 14.86 12.77
N TYR A 96 -4.21 14.06 11.71
CA TYR A 96 -4.12 12.63 11.88
C TYR A 96 -2.77 12.27 12.52
N ARG A 97 -1.70 12.85 12.00
CA ARG A 97 -0.38 12.60 12.58
C ARG A 97 -0.30 12.96 14.06
N ARG A 98 -0.92 14.09 14.43
CA ARG A 98 -0.94 14.54 15.83
C ARG A 98 -1.66 13.55 16.73
N ALA A 99 -2.85 13.13 16.30
CA ALA A 99 -3.67 12.20 17.08
C ALA A 99 -3.03 10.81 17.18
N TYR A 100 -2.62 10.28 16.03
CA TYR A 100 -1.92 9.00 15.92
C TYR A 100 -0.70 8.94 16.83
N SER A 101 -0.04 10.09 16.99
CA SER A 101 1.20 10.14 17.76
C SER A 101 1.00 10.54 19.21
N SER A 102 -0.22 10.94 19.55
CA SER A 102 -0.52 11.55 20.85
C SER A 102 0.12 10.84 22.05
N GLY A 103 0.89 11.59 22.83
CA GLY A 103 1.45 11.10 24.08
C GLY A 103 2.62 10.15 23.89
N PHE A 104 3.33 10.32 22.77
CA PHE A 104 4.42 9.42 22.42
C PHE A 104 3.89 8.01 22.25
N THR A 105 3.01 7.83 21.26
CA THR A 105 2.51 6.52 20.92
C THR A 105 2.89 6.16 19.49
N GLN A 106 2.26 6.81 18.51
CA GLN A 106 2.54 6.57 17.11
C GLN A 106 2.38 5.08 16.77
N ARG A 107 1.34 4.49 17.32
CA ARG A 107 0.86 3.16 16.92
C ARG A 107 -0.65 3.20 17.11
N PRO A 108 -1.37 2.26 16.48
CA PRO A 108 -2.84 2.28 16.53
C PRO A 108 -3.42 2.19 17.94
N ASP A 109 -4.12 3.24 18.35
CA ASP A 109 -4.84 3.27 19.61
C ASP A 109 -6.33 3.23 19.31
N LEU A 110 -6.92 2.06 19.48
CA LEU A 110 -8.30 1.81 19.09
C LEU A 110 -9.32 2.82 19.63
N THR A 111 -9.09 3.33 20.84
CA THR A 111 -10.04 4.27 21.45
C THR A 111 -9.84 5.72 21.00
N VAL A 112 -8.59 6.20 21.00
CA VAL A 112 -8.31 7.55 20.54
C VAL A 112 -8.70 7.67 19.07
N MET A 113 -8.27 6.70 18.27
CA MET A 113 -8.55 6.72 16.85
C MET A 113 -10.04 6.64 16.55
N GLY A 114 -10.80 6.01 17.44
CA GLY A 114 -12.24 5.99 17.29
C GLY A 114 -12.77 7.40 17.45
N ALA A 115 -12.19 8.13 18.40
CA ALA A 115 -12.61 9.51 18.65
C ALA A 115 -12.22 10.37 17.45
N PHE A 116 -10.99 10.24 16.99
CA PHE A 116 -10.50 11.05 15.89
C PHE A 116 -11.28 10.82 14.61
N SER A 117 -11.67 9.57 14.36
CA SER A 117 -12.37 9.21 13.14
C SER A 117 -13.65 10.02 12.92
N GLY A 118 -14.41 10.21 13.99
CA GLY A 118 -15.65 10.94 13.91
C GLY A 118 -15.43 12.43 13.67
N LEU A 119 -14.41 12.96 14.33
CA LEU A 119 -14.05 14.36 14.17
C LEU A 119 -13.55 14.60 12.75
N GLU A 120 -12.74 13.67 12.25
CA GLU A 120 -12.18 13.79 10.92
C GLU A 120 -13.31 13.79 9.91
N ILE A 121 -14.30 12.94 10.14
CA ILE A 121 -15.46 12.88 9.25
C ILE A 121 -16.19 14.21 9.22
N ALA A 122 -16.44 14.76 10.40
CA ALA A 122 -17.11 16.05 10.47
C ALA A 122 -16.31 17.08 9.68
N CYS A 123 -14.99 16.96 9.72
CA CYS A 123 -14.12 17.87 8.96
C CYS A 123 -14.45 17.87 7.47
N TRP A 124 -14.64 16.67 6.92
CA TRP A 124 -14.96 16.53 5.49
C TRP A 124 -16.34 17.10 5.14
N ASP A 125 -17.30 16.96 6.06
CA ASP A 125 -18.62 17.54 5.87
C ASP A 125 -18.43 19.04 5.75
N ILE A 126 -17.67 19.61 6.67
CA ILE A 126 -17.36 21.04 6.65
C ILE A 126 -16.65 21.47 5.34
N LEU A 127 -15.63 20.74 4.95
CA LEU A 127 -14.90 21.05 3.73
C LEU A 127 -15.81 20.96 2.50
N GLY A 128 -16.71 19.99 2.51
CA GLY A 128 -17.66 19.85 1.41
C GLY A 128 -18.56 21.06 1.29
N LYS A 129 -19.00 21.59 2.42
CA LYS A 129 -19.89 22.75 2.40
C LYS A 129 -19.12 24.01 1.98
N ASP A 130 -17.88 24.12 2.44
CA ASP A 130 -17.05 25.26 2.12
C ASP A 130 -16.71 25.32 0.63
N ARG A 131 -16.57 24.14 0.01
CA ARG A 131 -16.26 24.06 -1.40
C ARG A 131 -17.54 24.00 -2.23
N ASP A 132 -18.67 23.94 -1.55
CA ASP A 132 -19.94 23.64 -2.21
C ASP A 132 -19.85 22.44 -3.14
N ARG A 133 -19.31 21.32 -2.66
CA ARG A 133 -19.24 20.08 -3.44
C ARG A 133 -19.51 18.88 -2.55
N PRO A 134 -19.90 17.75 -3.14
CA PRO A 134 -20.04 16.52 -2.36
C PRO A 134 -18.65 16.03 -1.98
N VAL A 135 -18.54 15.28 -0.88
CA VAL A 135 -17.25 14.81 -0.40
C VAL A 135 -16.47 14.01 -1.44
N TYR A 136 -17.15 13.11 -2.15
CA TYR A 136 -16.46 12.26 -3.11
C TYR A 136 -15.78 13.08 -4.18
N ALA A 137 -16.32 14.26 -4.48
CA ALA A 137 -15.74 15.13 -5.49
C ALA A 137 -14.39 15.70 -5.05
N LEU A 138 -14.14 15.65 -3.75
CA LEU A 138 -12.91 16.23 -3.20
C LEU A 138 -11.85 15.16 -3.04
N ILE A 139 -12.27 13.91 -3.16
CA ILE A 139 -11.39 12.77 -2.95
C ILE A 139 -11.27 11.84 -4.18
N GLY A 140 -11.12 12.42 -5.37
CA GLY A 140 -10.88 11.60 -6.54
C GLY A 140 -11.99 11.67 -7.58
N GLY A 141 -13.19 12.01 -7.14
CA GLY A 141 -14.29 12.27 -8.05
C GLY A 141 -15.31 11.16 -8.09
N ARG A 142 -16.31 11.33 -8.93
CA ARG A 142 -17.37 10.33 -9.06
C ARG A 142 -16.91 9.13 -9.90
N MET A 143 -16.15 8.25 -9.27
CA MET A 143 -15.72 7.00 -9.90
C MET A 143 -16.93 6.10 -10.12
N ASN A 144 -17.92 6.24 -9.24
CA ASN A 144 -19.10 5.38 -9.29
C ASN A 144 -20.39 6.19 -9.20
N GLU A 145 -21.25 6.04 -10.19
CA GLU A 145 -22.52 6.74 -10.17
C GLU A 145 -23.43 6.15 -9.10
N ARG A 146 -23.40 4.83 -8.98
CA ARG A 146 -24.18 4.13 -7.97
C ARG A 146 -23.31 3.16 -7.20
N VAL A 147 -23.77 2.75 -6.03
CA VAL A 147 -23.03 1.82 -5.21
C VAL A 147 -23.91 0.65 -4.81
N ARG A 148 -23.39 -0.55 -5.01
CA ARG A 148 -24.06 -1.78 -4.64
C ARG A 148 -24.22 -1.82 -3.12
N GLY A 149 -25.42 -2.18 -2.67
CA GLY A 149 -25.67 -2.26 -1.25
C GLY A 149 -25.96 -3.68 -0.80
N TYR A 150 -25.84 -3.92 0.50
CA TYR A 150 -26.32 -5.17 1.06
C TYR A 150 -26.89 -4.93 2.45
N THR A 151 -27.73 -5.85 2.88
CA THR A 151 -28.30 -5.80 4.22
C THR A 151 -28.16 -7.14 4.95
N TYR A 152 -28.38 -7.09 6.25
CA TYR A 152 -28.39 -8.28 7.06
C TYR A 152 -29.81 -8.85 6.95
N LEU A 153 -29.97 -10.13 7.27
CA LEU A 153 -31.30 -10.74 7.29
C LEU A 153 -32.02 -10.45 8.62
N TYR A 154 -32.93 -9.49 8.58
CA TYR A 154 -33.68 -9.13 9.78
C TYR A 154 -35.06 -9.77 9.72
N PRO A 155 -35.65 -10.05 10.90
CA PRO A 155 -36.98 -10.65 10.99
C PRO A 155 -38.02 -9.83 10.24
N LEU A 156 -38.96 -10.50 9.60
CA LEU A 156 -40.11 -9.84 9.00
C LEU A 156 -41.13 -9.53 10.10
N PRO A 157 -42.08 -8.62 9.84
CA PRO A 157 -43.08 -8.25 10.84
C PRO A 157 -43.76 -9.48 11.46
N HIS A 158 -44.08 -10.46 10.62
CA HIS A 158 -44.77 -11.66 11.12
C HIS A 158 -43.79 -12.70 11.64
N HIS A 159 -42.59 -12.28 12.01
CA HIS A 159 -41.59 -13.21 12.53
C HIS A 159 -41.45 -13.17 14.05
N ASP A 160 -41.44 -14.33 14.67
CA ASP A 160 -41.11 -14.43 16.09
C ASP A 160 -39.68 -13.94 16.25
N MET A 161 -39.51 -12.79 16.89
CA MET A 161 -38.20 -12.15 16.91
C MET A 161 -37.20 -12.86 17.81
N THR A 162 -37.62 -13.96 18.43
CA THR A 162 -36.71 -14.75 19.25
C THR A 162 -36.32 -16.02 18.50
N ALA A 163 -37.31 -16.65 17.89
CA ALA A 163 -37.09 -17.87 17.12
C ALA A 163 -36.29 -17.57 15.86
N PHE A 164 -36.60 -16.44 15.22
CA PHE A 164 -36.01 -16.08 13.93
C PHE A 164 -34.52 -16.39 13.82
N TRP A 165 -33.77 -16.07 14.87
CA TRP A 165 -32.32 -16.11 14.78
C TRP A 165 -31.69 -17.51 14.69
N THR A 166 -32.46 -18.55 15.02
CA THR A 166 -31.98 -19.92 14.83
C THR A 166 -32.82 -20.65 13.80
N SER A 167 -33.43 -19.89 12.90
CA SER A 167 -34.38 -20.44 11.94
C SER A 167 -33.92 -20.28 10.49
N PRO A 168 -33.49 -21.38 9.86
CA PRO A 168 -33.17 -21.35 8.43
C PRO A 168 -34.40 -20.97 7.62
N GLU A 169 -35.58 -21.46 8.02
CA GLU A 169 -36.81 -21.19 7.28
C GLU A 169 -37.19 -19.70 7.23
N MET A 170 -37.14 -19.02 8.37
CA MET A 170 -37.49 -17.60 8.43
C MET A 170 -36.43 -16.74 7.77
N ALA A 171 -35.17 -17.10 7.95
CA ALA A 171 -34.08 -16.35 7.33
C ALA A 171 -34.23 -16.36 5.82
N ALA A 172 -34.87 -17.39 5.31
CA ALA A 172 -35.05 -17.52 3.86
C ALA A 172 -36.19 -16.61 3.42
N GLU A 173 -37.24 -16.50 4.23
CA GLU A 173 -38.31 -15.57 3.92
C GLU A 173 -37.73 -14.15 3.82
N SER A 174 -36.93 -13.75 4.80
CA SER A 174 -36.22 -12.47 4.74
C SER A 174 -35.38 -12.36 3.48
N ALA A 175 -34.62 -13.41 3.19
CA ALA A 175 -33.79 -13.40 1.99
C ALA A 175 -34.64 -13.02 0.77
N LEU A 176 -35.75 -13.70 0.60
CA LEU A 176 -36.70 -13.42 -0.49
C LEU A 176 -37.20 -11.98 -0.47
N ASP A 177 -37.54 -11.49 0.72
CA ASP A 177 -38.03 -10.12 0.85
C ASP A 177 -36.97 -9.10 0.46
N CYS A 178 -35.73 -9.38 0.81
CA CYS A 178 -34.61 -8.55 0.40
C CYS A 178 -34.41 -8.53 -1.12
N VAL A 179 -34.51 -9.70 -1.75
CA VAL A 179 -34.39 -9.81 -3.19
C VAL A 179 -35.48 -8.99 -3.89
N ALA A 180 -36.72 -9.19 -3.50
CA ALA A 180 -37.85 -8.43 -4.06
C ALA A 180 -37.66 -6.92 -3.91
N ARG A 181 -36.86 -6.52 -2.92
CA ARG A 181 -36.65 -5.10 -2.67
C ARG A 181 -35.42 -4.56 -3.40
N GLY A 182 -34.78 -5.40 -4.20
CA GLY A 182 -33.67 -4.97 -5.05
C GLY A 182 -32.28 -5.39 -4.59
N TYR A 183 -32.14 -5.77 -3.33
CA TYR A 183 -30.85 -6.18 -2.80
C TYR A 183 -30.29 -7.36 -3.57
N THR A 184 -29.02 -7.29 -3.90
CA THR A 184 -28.36 -8.33 -4.67
C THR A 184 -27.38 -9.13 -3.82
N ALA A 185 -27.42 -8.90 -2.50
CA ALA A 185 -26.58 -9.61 -1.52
C ALA A 185 -27.15 -9.52 -0.11
N ILE A 186 -26.96 -10.56 0.68
CA ILE A 186 -27.54 -10.62 2.01
C ILE A 186 -26.57 -11.31 2.97
N LYS A 187 -26.51 -10.82 4.20
CA LYS A 187 -25.62 -11.38 5.22
C LYS A 187 -26.40 -12.00 6.39
N PHE A 188 -25.81 -13.03 7.00
CA PHE A 188 -26.42 -13.69 8.15
C PHE A 188 -25.31 -14.30 8.99
N ASP A 189 -25.58 -14.57 10.26
CA ASP A 189 -24.64 -15.31 11.10
C ASP A 189 -25.35 -16.34 11.95
N PRO A 190 -25.26 -17.62 11.55
CA PRO A 190 -25.94 -18.73 12.22
C PRO A 190 -24.99 -19.50 13.13
N ALA A 191 -23.76 -19.04 13.28
CA ALA A 191 -22.69 -19.88 13.82
C ALA A 191 -22.50 -19.85 15.34
N GLY A 192 -23.39 -19.19 16.06
CA GLY A 192 -23.31 -19.16 17.50
C GLY A 192 -22.67 -17.90 18.05
N PRO A 193 -22.65 -17.75 19.38
CA PRO A 193 -22.21 -16.52 20.02
C PRO A 193 -20.69 -16.41 20.12
N TYR A 194 -20.19 -15.17 20.03
CA TYR A 194 -18.80 -14.89 20.28
C TYR A 194 -18.69 -14.57 21.76
N THR A 195 -17.63 -15.03 22.41
CA THR A 195 -17.47 -14.80 23.83
C THR A 195 -16.16 -14.10 24.16
N MET A 196 -16.14 -13.48 25.33
CA MET A 196 -14.98 -12.85 25.91
C MET A 196 -13.77 -13.81 26.02
N ARG A 197 -14.01 -15.10 25.82
CA ARG A 197 -13.02 -16.13 26.11
C ARG A 197 -11.93 -16.26 25.06
N GLY A 198 -12.23 -15.80 23.85
CA GLY A 198 -11.35 -16.03 22.72
C GLY A 198 -11.99 -17.06 21.82
N GLY A 199 -11.33 -17.39 20.71
CA GLY A 199 -11.88 -18.34 19.76
C GLY A 199 -12.14 -19.72 20.37
N HIS A 200 -13.24 -20.34 19.97
CA HIS A 200 -13.54 -21.67 20.45
C HIS A 200 -13.77 -22.59 19.26
N MET A 201 -13.91 -23.87 19.54
CA MET A 201 -14.34 -24.84 18.54
C MET A 201 -15.86 -24.82 18.46
N PRO A 202 -16.41 -24.63 17.26
CA PRO A 202 -17.87 -24.61 17.12
C PRO A 202 -18.47 -25.94 17.55
N ALA A 203 -19.61 -25.90 18.22
CA ALA A 203 -20.33 -27.13 18.53
C ALA A 203 -20.73 -27.74 17.19
N MET A 204 -20.87 -29.06 17.14
CA MET A 204 -21.25 -29.67 15.87
C MET A 204 -22.61 -29.15 15.39
N THR A 205 -23.45 -28.73 16.32
CA THR A 205 -24.76 -28.17 15.98
C THR A 205 -24.60 -26.78 15.38
N ASP A 206 -23.49 -26.10 15.70
CA ASP A 206 -23.19 -24.79 15.12
C ASP A 206 -22.92 -24.93 13.64
N ILE A 207 -22.22 -26.00 13.28
CA ILE A 207 -21.89 -26.28 11.89
C ILE A 207 -23.17 -26.69 11.15
N SER A 208 -23.96 -27.56 11.76
CA SER A 208 -25.19 -28.02 11.14
C SER A 208 -26.16 -26.87 10.88
N GLN A 209 -26.34 -26.01 11.87
CA GLN A 209 -27.25 -24.89 11.70
C GLN A 209 -26.74 -23.97 10.59
N SER A 210 -25.43 -23.81 10.50
CA SER A 210 -24.81 -22.97 9.49
C SER A 210 -25.10 -23.49 8.09
N VAL A 211 -24.80 -24.78 7.87
CA VAL A 211 -25.05 -25.43 6.60
C VAL A 211 -26.52 -25.36 6.20
N ALA A 212 -27.40 -25.45 7.19
CA ALA A 212 -28.84 -25.46 6.93
C ALA A 212 -29.33 -24.07 6.54
N PHE A 213 -28.77 -23.04 7.18
CA PHE A 213 -29.05 -21.67 6.75
C PHE A 213 -28.64 -21.48 5.30
N CYS A 214 -27.41 -21.84 4.99
CA CYS A 214 -26.89 -21.69 3.63
C CYS A 214 -27.76 -22.45 2.64
N LYS A 215 -28.06 -23.70 2.95
CA LYS A 215 -28.91 -24.50 2.08
C LYS A 215 -30.23 -23.76 1.79
N ALA A 216 -30.91 -23.34 2.85
CA ALA A 216 -32.21 -22.68 2.71
C ALA A 216 -32.13 -21.33 1.98
N ILE A 217 -31.20 -20.48 2.37
CA ILE A 217 -31.08 -19.17 1.76
C ILE A 217 -30.64 -19.27 0.28
N ARG A 218 -29.70 -20.16 -0.02
CA ARG A 218 -29.27 -20.35 -1.40
C ARG A 218 -30.41 -20.90 -2.25
N ALA A 219 -31.18 -21.82 -1.67
CA ALA A 219 -32.30 -22.41 -2.39
C ALA A 219 -33.30 -21.33 -2.78
N ALA A 220 -33.66 -20.51 -1.81
CA ALA A 220 -34.64 -19.46 -2.00
C ALA A 220 -34.24 -18.39 -3.04
N VAL A 221 -32.99 -17.94 -3.03
CA VAL A 221 -32.57 -16.84 -3.91
C VAL A 221 -31.95 -17.31 -5.22
N GLY A 222 -31.45 -18.54 -5.25
CA GLY A 222 -30.74 -19.03 -6.42
C GLY A 222 -29.63 -18.09 -6.83
N ASP A 223 -29.75 -17.49 -8.01
CA ASP A 223 -28.73 -16.60 -8.59
C ASP A 223 -28.97 -15.12 -8.31
N LYS A 224 -30.14 -14.77 -7.80
CA LYS A 224 -30.50 -13.37 -7.66
C LYS A 224 -29.67 -12.63 -6.61
N ALA A 225 -29.06 -13.36 -5.68
CA ALA A 225 -28.26 -12.68 -4.66
C ALA A 225 -27.07 -13.50 -4.19
N ASP A 226 -26.06 -12.81 -3.67
CA ASP A 226 -24.92 -13.47 -3.06
C ASP A 226 -25.13 -13.72 -1.56
N LEU A 227 -24.49 -14.76 -1.05
CA LEU A 227 -24.53 -15.06 0.37
C LEU A 227 -23.26 -14.56 1.04
N LEU A 228 -23.42 -13.67 2.02
CA LEU A 228 -22.31 -13.18 2.81
C LEU A 228 -22.39 -13.84 4.18
N PHE A 229 -21.52 -14.78 4.47
CA PHE A 229 -21.48 -15.44 5.74
C PHE A 229 -20.78 -14.61 6.75
N GLY A 230 -21.55 -14.03 7.65
CA GLY A 230 -21.07 -13.00 8.52
C GLY A 230 -20.83 -13.34 9.94
N THR A 231 -19.85 -14.16 10.16
CA THR A 231 -19.30 -14.51 11.43
C THR A 231 -18.70 -13.33 12.19
N HIS A 232 -18.53 -13.53 13.49
CA HIS A 232 -18.07 -12.54 14.41
C HIS A 232 -16.78 -12.93 15.11
N GLY A 233 -15.96 -13.76 14.48
CA GLY A 233 -14.68 -14.20 15.02
C GLY A 233 -14.81 -15.06 16.25
N GLN A 234 -15.79 -15.96 16.25
CA GLN A 234 -16.04 -16.86 17.39
C GLN A 234 -14.96 -17.92 17.56
N PHE A 235 -14.28 -18.24 16.45
CA PHE A 235 -13.58 -19.51 16.34
C PHE A 235 -12.05 -19.48 16.41
N THR A 236 -11.50 -20.57 16.94
CA THR A 236 -10.11 -20.89 16.77
C THR A 236 -9.88 -21.14 15.28
N THR A 237 -8.63 -21.02 14.84
CA THR A 237 -8.27 -21.35 13.46
C THR A 237 -8.82 -22.70 13.02
N ALA A 238 -8.59 -23.73 13.83
CA ALA A 238 -9.12 -25.05 13.56
C ALA A 238 -10.63 -25.02 13.31
N GLY A 239 -11.36 -24.39 14.21
CA GLY A 239 -12.81 -24.31 14.09
C GLY A 239 -13.25 -23.54 12.86
N ALA A 240 -12.62 -22.40 12.64
CA ALA A 240 -12.95 -21.55 11.51
C ALA A 240 -12.80 -22.33 10.21
N ILE A 241 -11.77 -23.15 10.12
CA ILE A 241 -11.51 -23.90 8.91
C ILE A 241 -12.54 -25.02 8.75
N ARG A 242 -12.90 -25.67 9.85
CA ARG A 242 -13.93 -26.70 9.77
C ARG A 242 -15.28 -26.11 9.30
N LEU A 243 -15.64 -24.95 9.84
CA LEU A 243 -16.90 -24.30 9.44
C LEU A 243 -16.85 -23.90 7.97
N GLY A 244 -15.79 -23.21 7.58
CA GLY A 244 -15.64 -22.74 6.21
C GLY A 244 -15.80 -23.83 5.17
N ASN A 245 -15.19 -24.98 5.42
CA ASN A 245 -15.28 -26.07 4.47
C ASN A 245 -16.67 -26.69 4.41
N ALA A 246 -17.44 -26.50 5.48
CA ALA A 246 -18.78 -27.07 5.54
C ALA A 246 -19.79 -26.23 4.78
N ILE A 247 -19.58 -24.92 4.71
CA ILE A 247 -20.49 -24.03 3.98
C ILE A 247 -20.01 -23.69 2.55
N ALA A 248 -18.82 -24.17 2.20
CA ALA A 248 -18.26 -23.88 0.88
C ALA A 248 -19.14 -24.33 -0.28
N PRO A 249 -19.83 -25.47 -0.13
CA PRO A 249 -20.69 -25.94 -1.22
C PRO A 249 -21.75 -24.91 -1.63
N TYR A 250 -22.26 -24.16 -0.68
CA TYR A 250 -23.35 -23.23 -0.96
C TYR A 250 -22.81 -21.94 -1.55
N SER A 251 -21.50 -21.95 -1.79
CA SER A 251 -20.82 -20.90 -2.54
C SER A 251 -21.00 -19.47 -2.01
N PRO A 252 -20.66 -19.24 -0.73
CA PRO A 252 -20.75 -17.88 -0.19
C PRO A 252 -19.71 -16.95 -0.82
N LEU A 253 -20.01 -15.69 -0.99
CA LEU A 253 -19.14 -14.74 -1.56
C LEU A 253 -17.99 -14.31 -0.64
N TRP A 254 -18.29 -14.14 0.63
CA TRP A 254 -17.31 -13.93 1.66
C TRP A 254 -17.58 -14.74 2.92
N TYR A 255 -16.54 -14.96 3.68
CA TYR A 255 -16.52 -15.56 4.97
C TYR A 255 -15.88 -14.47 5.83
N GLU A 256 -16.68 -13.86 6.68
CA GLU A 256 -16.31 -12.69 7.45
C GLU A 256 -15.77 -13.01 8.80
N GLU A 257 -14.75 -12.30 9.22
CA GLU A 257 -14.11 -12.51 10.52
C GLU A 257 -14.21 -13.95 11.01
N PRO A 258 -13.50 -14.86 10.32
CA PRO A 258 -13.50 -16.27 10.73
C PRO A 258 -12.96 -16.43 12.16
N ILE A 259 -11.97 -15.61 12.52
CA ILE A 259 -11.35 -15.66 13.85
C ILE A 259 -11.22 -14.26 14.42
N PRO A 260 -10.86 -14.16 15.68
CA PRO A 260 -10.61 -12.87 16.31
C PRO A 260 -9.58 -12.02 15.60
N PRO A 261 -9.69 -10.73 15.82
CA PRO A 261 -8.98 -9.70 15.11
C PRO A 261 -7.55 -9.52 15.55
N ASP A 262 -7.05 -10.44 16.32
CA ASP A 262 -5.77 -10.29 16.91
C ASP A 262 -4.69 -11.29 16.55
N ALA A 263 -4.82 -11.93 15.40
CA ALA A 263 -3.84 -12.83 14.84
C ALA A 263 -3.88 -12.84 13.30
N VAL A 264 -3.28 -11.87 12.63
CA VAL A 264 -3.27 -11.83 11.17
C VAL A 264 -2.86 -13.16 10.54
N GLU A 265 -1.69 -13.66 10.95
CA GLU A 265 -1.12 -14.84 10.33
C GLU A 265 -2.07 -16.05 10.43
N GLN A 266 -2.82 -16.11 11.54
CA GLN A 266 -3.80 -17.17 11.68
C GLN A 266 -4.95 -16.98 10.71
N MET A 267 -5.38 -15.75 10.50
CA MET A 267 -6.48 -15.53 9.57
C MET A 267 -6.04 -15.95 8.17
N ALA A 268 -4.80 -15.63 7.81
CA ALA A 268 -4.27 -16.05 6.51
C ALA A 268 -4.29 -17.57 6.40
N ALA A 269 -3.98 -18.24 7.50
CA ALA A 269 -4.03 -19.69 7.55
C ALA A 269 -5.40 -20.18 7.12
N VAL A 270 -6.43 -19.62 7.73
CA VAL A 270 -7.81 -19.91 7.36
C VAL A 270 -8.03 -19.65 5.88
N ALA A 271 -7.53 -18.51 5.40
CA ALA A 271 -7.75 -18.12 4.02
C ALA A 271 -7.17 -19.14 3.07
N ARG A 272 -6.01 -19.69 3.42
CA ARG A 272 -5.38 -20.67 2.56
C ARG A 272 -6.06 -22.05 2.62
N ALA A 273 -6.85 -22.31 3.65
CA ALA A 273 -7.36 -23.66 3.87
C ALA A 273 -8.83 -23.84 3.45
N VAL A 274 -9.49 -22.75 3.10
CA VAL A 274 -10.89 -22.77 2.70
C VAL A 274 -11.03 -22.12 1.32
N PRO A 275 -12.03 -22.55 0.55
CA PRO A 275 -12.24 -21.97 -0.78
C PRO A 275 -12.90 -20.59 -0.76
N ILE A 276 -13.50 -20.20 0.36
CA ILE A 276 -14.21 -18.92 0.43
C ILE A 276 -13.27 -17.72 0.60
N PRO A 277 -13.54 -16.64 -0.16
CA PRO A 277 -12.81 -15.40 0.09
C PRO A 277 -13.05 -14.93 1.52
N VAL A 278 -11.99 -14.51 2.18
CA VAL A 278 -12.11 -14.02 3.54
C VAL A 278 -12.26 -12.49 3.62
N ALA A 279 -13.24 -12.04 4.39
CA ALA A 279 -13.46 -10.61 4.64
C ALA A 279 -13.23 -10.31 6.11
N THR A 280 -12.56 -9.19 6.38
CA THR A 280 -12.33 -8.74 7.74
C THR A 280 -12.08 -7.24 7.73
N GLY A 281 -12.24 -6.59 8.89
CA GLY A 281 -11.94 -5.18 8.97
C GLY A 281 -12.55 -4.39 10.11
N GLU A 282 -13.80 -4.67 10.46
CA GLU A 282 -14.55 -3.79 11.36
C GLU A 282 -13.85 -3.50 12.68
N ARG A 283 -13.01 -4.43 13.13
CA ARG A 283 -12.36 -4.28 14.43
C ARG A 283 -10.92 -3.76 14.32
N LEU A 284 -10.52 -3.44 13.09
CA LEU A 284 -9.18 -2.95 12.82
C LEU A 284 -9.13 -1.43 12.75
N THR A 285 -7.95 -0.85 12.97
CA THR A 285 -7.82 0.59 12.94
C THR A 285 -6.49 1.05 12.33
N THR A 286 -6.56 2.08 11.51
CA THR A 286 -5.40 2.63 10.79
C THR A 286 -4.83 1.69 9.72
N LYS A 287 -4.18 2.28 8.74
CA LYS A 287 -3.57 1.55 7.63
C LYS A 287 -2.44 0.65 8.13
N ALA A 288 -1.91 0.93 9.31
CA ALA A 288 -0.81 0.14 9.87
C ALA A 288 -1.27 -1.25 10.28
N GLU A 289 -2.58 -1.43 10.43
CA GLU A 289 -3.14 -2.72 10.79
C GLU A 289 -3.69 -3.44 9.58
N PHE A 290 -4.03 -2.68 8.55
CA PHE A 290 -4.57 -3.27 7.33
C PHE A 290 -3.46 -3.72 6.41
N ALA A 291 -2.29 -3.09 6.53
CA ALA A 291 -1.15 -3.41 5.70
C ALA A 291 -0.72 -4.87 5.84
N PRO A 292 -0.53 -5.35 7.09
CA PRO A 292 -0.20 -6.77 7.29
C PRO A 292 -1.32 -7.72 6.87
N VAL A 293 -2.57 -7.25 6.94
CA VAL A 293 -3.69 -8.04 6.46
C VAL A 293 -3.57 -8.36 4.97
N LEU A 294 -3.24 -7.35 4.17
CA LEU A 294 -3.04 -7.58 2.73
C LEU A 294 -1.75 -8.34 2.47
N ARG A 295 -0.69 -7.93 3.15
CA ARG A 295 0.64 -8.47 2.88
C ARG A 295 0.68 -9.99 3.08
N SER A 296 -0.04 -10.47 4.09
CA SER A 296 0.06 -11.87 4.51
C SER A 296 -1.01 -12.75 3.88
N GLY A 297 -1.95 -12.15 3.17
CA GLY A 297 -3.01 -12.90 2.53
C GLY A 297 -4.13 -13.26 3.48
N ALA A 298 -4.24 -12.52 4.57
CA ALA A 298 -5.21 -12.81 5.61
C ALA A 298 -6.64 -12.53 5.15
N ALA A 299 -6.79 -11.68 4.15
CA ALA A 299 -8.14 -11.32 3.71
C ALA A 299 -8.11 -10.69 2.33
N ALA A 300 -9.11 -11.03 1.51
CA ALA A 300 -9.18 -10.51 0.15
C ALA A 300 -10.22 -9.40 0.05
N ILE A 301 -10.99 -9.21 1.11
CA ILE A 301 -12.00 -8.16 1.14
C ILE A 301 -11.89 -7.38 2.44
N LEU A 302 -11.69 -6.07 2.34
CA LEU A 302 -11.49 -5.24 3.52
C LEU A 302 -12.78 -4.55 3.93
N GLN A 303 -13.02 -4.48 5.23
CA GLN A 303 -14.25 -3.91 5.75
C GLN A 303 -13.98 -2.89 6.86
N PRO A 304 -13.41 -1.73 6.50
CA PRO A 304 -13.13 -0.72 7.51
C PRO A 304 -14.41 -0.08 8.04
N ALA A 305 -14.46 0.20 9.34
CA ALA A 305 -15.48 1.07 9.90
C ALA A 305 -14.91 2.49 9.94
N LEU A 306 -15.41 3.37 9.07
CA LEU A 306 -14.85 4.71 8.93
C LEU A 306 -14.80 5.48 10.26
N GLY A 307 -15.79 5.25 11.11
CA GLY A 307 -15.80 5.88 12.41
C GLY A 307 -14.74 5.31 13.34
N ARG A 308 -13.95 4.36 12.82
CA ARG A 308 -12.94 3.70 13.65
C ARG A 308 -11.54 3.66 13.01
N VAL A 309 -11.45 3.56 11.69
CA VAL A 309 -10.16 3.37 11.02
C VAL A 309 -9.23 4.56 11.06
N GLY A 310 -9.80 5.75 11.26
CA GLY A 310 -9.02 6.98 11.25
C GLY A 310 -9.64 8.03 10.34
N GLY A 311 -10.86 7.78 9.88
CA GLY A 311 -11.57 8.72 9.05
C GLY A 311 -11.67 8.39 7.58
N ILE A 312 -12.20 9.34 6.82
CA ILE A 312 -12.39 9.16 5.39
C ILE A 312 -11.04 9.08 4.66
N TRP A 313 -10.14 10.00 4.98
CA TRP A 313 -8.84 10.08 4.32
C TRP A 313 -8.04 8.79 4.52
N GLU A 314 -7.96 8.35 5.77
CA GLU A 314 -7.26 7.12 6.10
C GLU A 314 -7.80 5.97 5.27
N ALA A 315 -9.12 5.87 5.20
CA ALA A 315 -9.77 4.79 4.47
C ALA A 315 -9.49 4.88 2.97
N LYS A 316 -9.23 6.09 2.47
CA LYS A 316 -8.84 6.24 1.08
C LYS A 316 -7.44 5.66 0.84
N LYS A 317 -6.58 5.76 1.84
CA LYS A 317 -5.23 5.23 1.74
C LYS A 317 -5.26 3.71 1.78
N ILE A 318 -6.17 3.17 2.59
CA ILE A 318 -6.30 1.72 2.68
C ILE A 318 -6.88 1.17 1.37
N ALA A 319 -7.90 1.84 0.85
CA ALA A 319 -8.48 1.42 -0.42
C ALA A 319 -7.40 1.40 -1.52
N ALA A 320 -6.53 2.40 -1.51
CA ALA A 320 -5.42 2.46 -2.46
C ALA A 320 -4.46 1.29 -2.26
N MET A 321 -4.32 0.84 -1.02
CA MET A 321 -3.46 -0.29 -0.69
C MET A 321 -4.05 -1.61 -1.14
N ALA A 322 -5.34 -1.80 -0.88
CA ALA A 322 -6.02 -3.00 -1.33
C ALA A 322 -5.89 -3.10 -2.85
N GLU A 323 -5.76 -1.94 -3.49
CA GLU A 323 -5.78 -1.85 -4.95
C GLU A 323 -4.63 -2.61 -5.63
N VAL A 324 -3.45 -2.59 -5.03
CA VAL A 324 -2.30 -3.34 -5.54
C VAL A 324 -2.31 -4.81 -5.09
N TYR A 325 -3.37 -5.21 -4.39
CA TYR A 325 -3.57 -6.61 -4.04
C TYR A 325 -4.80 -7.13 -4.77
N ASN A 326 -5.22 -6.40 -5.79
CA ASN A 326 -6.42 -6.75 -6.54
C ASN A 326 -7.55 -7.09 -5.59
N ALA A 327 -7.66 -6.29 -4.52
CA ALA A 327 -8.62 -6.54 -3.46
C ALA A 327 -9.61 -5.38 -3.37
N GLN A 328 -10.71 -5.60 -2.65
CA GLN A 328 -11.82 -4.66 -2.65
C GLN A 328 -12.26 -4.19 -1.27
N ILE A 329 -12.99 -3.09 -1.22
CA ILE A 329 -13.44 -2.50 0.02
C ILE A 329 -14.95 -2.64 0.15
N ALA A 330 -15.40 -3.13 1.30
CA ALA A 330 -16.82 -3.19 1.63
C ALA A 330 -17.01 -2.53 2.99
N PRO A 331 -17.26 -1.22 3.00
CA PRO A 331 -17.40 -0.42 4.23
C PRO A 331 -18.35 -1.03 5.25
N HIS A 332 -17.89 -1.14 6.49
CA HIS A 332 -18.71 -1.69 7.56
C HIS A 332 -19.76 -0.69 8.01
N LEU A 333 -20.91 -1.21 8.42
CA LEU A 333 -21.91 -0.38 9.06
C LEU A 333 -22.66 -1.16 10.10
N TYR A 334 -22.39 -0.83 11.36
CA TYR A 334 -23.24 -1.20 12.47
C TYR A 334 -23.36 0.03 13.37
N ALA A 335 -23.82 1.11 12.77
CA ALA A 335 -23.90 2.40 13.44
C ALA A 335 -25.01 3.22 12.79
N GLY A 336 -24.93 4.54 12.90
CA GLY A 336 -25.97 5.40 12.35
C GLY A 336 -25.69 5.93 10.95
N PRO A 337 -26.64 6.72 10.42
CA PRO A 337 -26.68 7.21 9.04
C PRO A 337 -25.55 8.17 8.70
N VAL A 338 -24.92 8.77 9.70
CA VAL A 338 -23.80 9.67 9.43
C VAL A 338 -22.54 8.91 9.03
N GLU A 339 -22.23 7.81 9.73
CA GLU A 339 -21.12 6.95 9.33
C GLU A 339 -21.42 6.32 7.97
N TRP A 340 -22.67 5.94 7.75
CA TRP A 340 -23.07 5.36 6.48
C TRP A 340 -22.75 6.33 5.34
N ALA A 341 -23.10 7.60 5.55
CA ALA A 341 -22.85 8.65 4.59
C ALA A 341 -21.38 8.76 4.22
N ALA A 342 -20.50 8.69 5.20
CA ALA A 342 -19.07 8.71 4.92
C ALA A 342 -18.70 7.45 4.12
N ASN A 343 -19.30 6.31 4.49
CA ASN A 343 -19.07 5.06 3.77
C ASN A 343 -19.33 5.23 2.27
N ILE A 344 -20.41 5.93 1.98
CA ILE A 344 -20.88 6.08 0.61
C ILE A 344 -20.05 7.08 -0.19
N HIS A 345 -19.54 8.11 0.47
CA HIS A 345 -18.64 9.04 -0.19
C HIS A 345 -17.27 8.41 -0.44
N LEU A 346 -16.88 7.48 0.41
CA LEU A 346 -15.70 6.66 0.13
C LEU A 346 -16.02 5.77 -1.08
N ALA A 347 -17.11 5.01 -0.97
CA ALA A 347 -17.52 4.09 -2.02
C ALA A 347 -17.54 4.74 -3.41
N ALA A 348 -18.18 5.90 -3.51
CA ALA A 348 -18.35 6.54 -4.81
C ALA A 348 -17.03 6.95 -5.42
N SER A 349 -15.99 7.07 -4.59
CA SER A 349 -14.70 7.60 -5.02
C SER A 349 -13.65 6.53 -5.36
N ILE A 350 -13.92 5.26 -5.06
CA ILE A 350 -12.90 4.23 -5.26
C ILE A 350 -13.27 3.21 -6.35
N PRO A 351 -12.35 2.94 -7.27
CA PRO A 351 -12.63 1.97 -8.34
C PRO A 351 -12.85 0.57 -7.77
N ASN A 352 -12.16 0.26 -6.68
CA ASN A 352 -12.20 -1.09 -6.12
C ASN A 352 -13.19 -1.27 -4.97
N ILE A 353 -14.41 -0.79 -5.19
CA ILE A 353 -15.49 -0.95 -4.22
C ILE A 353 -16.24 -2.25 -4.52
N LEU A 354 -16.55 -3.00 -3.46
CA LEU A 354 -17.38 -4.19 -3.61
C LEU A 354 -18.85 -3.87 -3.35
N MET A 355 -19.16 -3.47 -2.12
CA MET A 355 -20.51 -3.13 -1.74
C MET A 355 -20.52 -2.45 -0.38
N CYS A 356 -21.61 -1.75 -0.08
CA CYS A 356 -21.76 -1.05 1.18
C CYS A 356 -22.80 -1.71 2.07
N GLU A 357 -22.42 -1.96 3.32
CA GLU A 357 -23.37 -2.47 4.30
C GLU A 357 -24.48 -1.44 4.51
N CYS A 358 -25.72 -1.91 4.56
CA CYS A 358 -26.85 -1.02 4.73
C CYS A 358 -27.78 -1.49 5.85
N ILE A 359 -28.40 -0.53 6.52
CA ILE A 359 -29.36 -0.82 7.57
C ILE A 359 -30.53 0.14 7.45
N GLU A 360 -31.66 -0.37 6.98
CA GLU A 360 -32.85 0.43 6.80
C GLU A 360 -33.80 0.32 7.98
N THR A 361 -33.81 1.35 8.82
CA THR A 361 -34.81 1.47 9.88
C THR A 361 -35.37 2.87 9.77
N PRO A 362 -36.63 3.05 10.18
CA PRO A 362 -37.24 4.38 10.25
C PRO A 362 -36.34 5.41 10.94
N PHE A 363 -35.63 5.00 11.99
CA PHE A 363 -34.78 5.94 12.71
C PHE A 363 -33.58 6.44 11.89
N HIS A 364 -32.91 5.52 11.21
CA HIS A 364 -31.82 5.87 10.30
C HIS A 364 -32.30 6.93 9.31
N ASP A 365 -33.40 6.62 8.64
CA ASP A 365 -33.95 7.48 7.62
C ASP A 365 -34.24 8.88 8.16
N GLN A 366 -34.94 8.96 9.29
CA GLN A 366 -35.40 10.25 9.79
C GLN A 366 -34.31 11.07 10.45
N LEU A 367 -33.28 10.39 10.94
CA LEU A 367 -32.18 11.08 11.60
C LEU A 367 -31.43 11.95 10.59
N ILE A 368 -31.61 11.66 9.31
CA ILE A 368 -31.02 12.47 8.27
C ILE A 368 -32.09 12.92 7.27
N LYS A 369 -33.29 13.13 7.78
CA LYS A 369 -34.45 13.54 6.97
C LYS A 369 -34.46 12.91 5.58
N SER A 370 -34.09 11.64 5.50
CA SER A 370 -34.16 10.90 4.24
C SER A 370 -33.30 11.47 3.10
N THR A 371 -32.25 12.22 3.44
CA THR A 371 -31.43 12.87 2.42
C THR A 371 -30.61 11.89 1.59
N ILE A 372 -30.22 10.78 2.20
CA ILE A 372 -29.58 9.70 1.46
C ILE A 372 -30.39 8.43 1.69
N LYS A 373 -30.68 7.70 0.61
CA LYS A 373 -31.52 6.52 0.74
C LYS A 373 -31.07 5.40 -0.20
N VAL A 374 -31.31 4.16 0.21
CA VAL A 374 -31.13 3.00 -0.64
C VAL A 374 -32.34 2.91 -1.54
N GLU A 375 -32.11 2.60 -2.82
CA GLU A 375 -33.20 2.46 -3.79
C GLU A 375 -32.97 1.23 -4.65
N ASP A 376 -33.88 0.27 -4.59
CA ASP A 376 -33.76 -0.94 -5.40
C ASP A 376 -32.37 -1.58 -5.25
N GLY A 377 -31.88 -1.61 -4.01
CA GLY A 377 -30.62 -2.27 -3.71
C GLY A 377 -29.38 -1.43 -3.92
N PHE A 378 -29.54 -0.22 -4.43
CA PHE A 378 -28.37 0.61 -4.74
C PHE A 378 -28.45 2.00 -4.15
N ILE A 379 -27.30 2.65 -4.04
CA ILE A 379 -27.24 4.01 -3.53
C ILE A 379 -26.63 4.94 -4.56
N THR A 380 -27.36 5.99 -4.90
CA THR A 380 -26.90 6.96 -5.88
C THR A 380 -25.98 7.98 -5.23
N ALA A 381 -24.90 8.36 -5.93
CA ALA A 381 -23.93 9.30 -5.38
C ALA A 381 -24.64 10.60 -4.98
N PRO A 382 -24.53 10.97 -3.70
CA PRO A 382 -25.26 12.15 -3.25
C PRO A 382 -24.84 13.37 -4.06
N THR A 383 -25.68 14.40 -4.06
CA THR A 383 -25.46 15.57 -4.92
C THR A 383 -25.17 16.86 -4.14
N ALA A 384 -25.78 16.97 -2.96
CA ALA A 384 -25.63 18.15 -2.12
C ALA A 384 -24.22 18.26 -1.55
N ALA A 385 -23.89 19.44 -1.00
CA ALA A 385 -22.56 19.69 -0.47
C ALA A 385 -22.24 18.81 0.72
N GLY A 386 -20.95 18.69 1.02
CA GLY A 386 -20.48 17.92 2.16
C GLY A 386 -20.91 16.47 2.08
N LEU A 387 -21.38 15.95 3.21
CA LEU A 387 -21.87 14.57 3.26
C LEU A 387 -23.24 14.44 2.60
N GLY A 388 -23.89 15.59 2.35
CA GLY A 388 -25.16 15.63 1.67
C GLY A 388 -26.32 15.34 2.59
N LEU A 389 -26.14 15.62 3.88
CA LEU A 389 -27.13 15.29 4.89
C LEU A 389 -27.84 16.50 5.50
N GLU A 390 -29.10 16.29 5.88
CA GLU A 390 -29.75 17.15 6.83
C GLU A 390 -29.89 16.37 8.13
N VAL A 391 -28.95 16.55 9.05
CA VAL A 391 -29.03 15.89 10.34
C VAL A 391 -30.14 16.52 11.18
N ASP A 392 -30.96 15.69 11.81
CA ASP A 392 -32.02 16.19 12.67
C ASP A 392 -31.58 16.18 14.12
N GLU A 393 -30.88 17.23 14.51
CA GLU A 393 -30.33 17.30 15.85
C GLU A 393 -31.36 17.16 16.95
N ALA A 394 -32.48 17.87 16.81
CA ALA A 394 -33.52 17.82 17.83
C ALA A 394 -34.01 16.38 18.03
N LEU A 395 -34.08 15.61 16.96
CA LEU A 395 -34.52 14.22 17.04
C LEU A 395 -33.52 13.32 17.78
N ALA A 396 -32.24 13.52 17.52
CA ALA A 396 -31.17 12.77 18.20
C ALA A 396 -31.14 13.03 19.70
N ARG A 397 -31.31 14.29 20.09
CA ARG A 397 -31.30 14.69 21.49
C ARG A 397 -32.54 14.19 22.24
N ALA A 398 -33.64 14.00 21.50
CA ALA A 398 -34.85 13.42 22.05
C ALA A 398 -34.69 11.92 22.34
N HIS A 399 -33.67 11.30 21.76
CA HIS A 399 -33.44 9.87 21.99
C HIS A 399 -32.13 9.58 22.71
N PRO A 400 -32.03 10.02 23.98
CA PRO A 400 -30.81 9.81 24.77
C PRO A 400 -30.61 8.33 25.05
N TYR A 401 -29.36 7.94 25.29
CA TYR A 401 -29.08 6.57 25.67
C TYR A 401 -29.10 6.43 27.19
N THR A 402 -29.95 5.54 27.67
CA THR A 402 -30.18 5.40 29.10
C THR A 402 -29.74 4.04 29.60
N GLY A 403 -29.02 3.31 28.77
CA GLY A 403 -28.60 1.95 29.09
C GLY A 403 -27.30 1.90 29.85
N ASN A 404 -26.96 0.69 30.32
CA ASN A 404 -25.69 0.45 30.99
C ASN A 404 -24.69 -0.16 30.02
N GLY A 405 -25.22 -0.82 28.99
CA GLY A 405 -24.39 -1.62 28.11
C GLY A 405 -23.46 -0.85 27.18
N LEU A 406 -22.61 -1.59 26.48
CA LEU A 406 -21.78 -1.02 25.45
C LEU A 406 -22.52 -1.23 24.15
N HIS A 407 -22.12 -0.48 23.11
CA HIS A 407 -22.76 -0.59 21.81
C HIS A 407 -22.89 -2.06 21.42
N LEU A 408 -21.88 -2.85 21.77
CA LEU A 408 -21.87 -4.28 21.50
C LEU A 408 -21.22 -4.95 22.69
N GLU A 409 -21.42 -6.26 22.82
CA GLU A 409 -20.87 -6.98 23.97
C GLU A 409 -20.55 -8.43 23.63
N MET A 410 -19.44 -8.92 24.20
CA MET A 410 -19.10 -10.33 24.07
C MET A 410 -19.54 -11.06 25.33
N GLN A 411 -20.45 -12.02 25.15
CA GLN A 411 -21.05 -12.70 26.29
C GLN A 411 -20.01 -13.42 27.15
N GLU A 412 -20.37 -13.66 28.41
CA GLU A 412 -19.45 -14.29 29.35
C GLU A 412 -19.52 -15.82 29.30
N ALA A 413 -20.72 -16.34 29.13
CA ALA A 413 -20.91 -17.79 29.09
C ALA A 413 -20.13 -18.41 27.95
N PRO A 414 -19.57 -19.61 28.17
CA PRO A 414 -18.84 -20.35 27.14
C PRO A 414 -19.77 -20.80 26.03
N CYS A 415 -19.20 -21.14 24.88
CA CYS A 415 -19.98 -21.81 23.85
C CYS A 415 -20.71 -23.01 24.47
N ASP A 416 -21.99 -23.13 24.15
CA ASP A 416 -22.84 -24.17 24.72
C ASP A 416 -22.69 -25.47 23.92
N TYR A 417 -22.27 -26.55 24.59
CA TYR A 417 -22.04 -27.81 23.89
C TYR A 417 -23.06 -28.88 24.26
N SER B 22 -20.91 22.97 -14.09
CA SER B 22 -20.42 21.64 -13.71
C SER B 22 -18.99 21.36 -14.19
N MET B 23 -18.58 22.01 -15.29
CA MET B 23 -17.17 22.10 -15.73
C MET B 23 -16.64 20.89 -16.52
N LYS B 24 -16.10 21.16 -17.70
CA LYS B 24 -15.62 20.11 -18.60
C LYS B 24 -14.29 20.48 -19.21
N LEU B 25 -13.35 19.54 -19.23
CA LEU B 25 -12.09 19.73 -19.95
C LEU B 25 -12.40 19.90 -21.44
N GLN B 26 -11.74 20.85 -22.10
CA GLN B 26 -12.10 21.16 -23.47
C GLN B 26 -10.94 21.27 -24.46
N ASP B 27 -9.93 22.07 -24.15
CA ASP B 27 -8.87 22.36 -25.11
C ASP B 27 -7.52 21.85 -24.64
N LEU B 28 -6.72 21.37 -25.59
CA LEU B 28 -5.37 20.89 -25.30
C LEU B 28 -4.34 21.53 -26.22
N GLU B 29 -3.29 22.08 -25.63
CA GLU B 29 -2.15 22.57 -26.39
C GLU B 29 -0.90 21.86 -25.88
N VAL B 30 -0.07 21.42 -26.82
CA VAL B 30 1.21 20.83 -26.49
C VAL B 30 2.34 21.74 -26.95
N ILE B 31 3.24 22.06 -26.02
CA ILE B 31 4.35 22.95 -26.34
C ILE B 31 5.69 22.33 -25.89
N VAL B 32 6.50 21.95 -26.87
CA VAL B 32 7.79 21.34 -26.61
C VAL B 32 8.86 22.43 -26.60
N THR B 33 9.47 22.67 -25.45
CA THR B 33 10.40 23.76 -25.31
C THR B 33 11.80 23.26 -24.99
N ALA B 34 12.79 23.84 -25.68
CA ALA B 34 14.18 23.42 -25.52
C ALA B 34 14.95 24.39 -24.63
N PRO B 35 15.42 23.89 -23.49
CA PRO B 35 16.25 24.71 -22.60
C PRO B 35 17.52 25.14 -23.31
N PRO B 36 17.98 26.36 -23.07
CA PRO B 36 19.23 26.85 -23.68
C PRO B 36 20.44 26.19 -23.04
N ALA B 37 21.53 26.05 -23.81
CA ALA B 37 22.79 25.53 -23.29
C ALA B 37 23.17 26.27 -22.01
N PRO B 38 23.82 25.57 -21.05
CA PRO B 38 24.30 24.19 -21.12
C PRO B 38 23.18 23.16 -20.97
N GLY B 39 21.93 23.62 -20.90
CA GLY B 39 20.78 22.73 -20.89
C GLY B 39 20.66 21.76 -19.73
N TRP B 40 20.99 22.19 -18.52
CA TRP B 40 20.71 21.37 -17.35
C TRP B 40 19.23 21.07 -17.34
N GLY B 41 18.89 19.78 -17.32
CA GLY B 41 17.50 19.39 -17.31
C GLY B 41 17.04 18.72 -18.59
N GLY B 42 17.94 18.61 -19.57
CA GLY B 42 17.64 17.83 -20.75
C GLY B 42 17.54 18.62 -22.03
N ARG B 43 17.13 17.94 -23.10
CA ARG B 43 17.05 18.55 -24.41
C ARG B 43 15.77 19.36 -24.58
N TYR B 44 14.69 18.90 -23.98
CA TYR B 44 13.40 19.53 -24.18
C TYR B 44 12.43 19.11 -23.09
N TRP B 45 11.50 19.99 -22.78
CA TRP B 45 10.44 19.68 -21.83
C TRP B 45 9.13 19.64 -22.60
N ILE B 46 8.28 18.67 -22.25
CA ILE B 46 6.95 18.56 -22.83
C ILE B 46 5.91 19.21 -21.92
N LEU B 47 5.39 20.35 -22.37
CA LEU B 47 4.39 21.10 -21.61
C LEU B 47 2.99 20.88 -22.20
N VAL B 48 2.00 20.73 -21.33
CA VAL B 48 0.61 20.66 -21.74
C VAL B 48 -0.19 21.76 -21.09
N LYS B 49 -1.11 22.34 -21.84
CA LYS B 49 -1.99 23.36 -21.31
C LYS B 49 -3.45 23.00 -21.57
N LEU B 50 -4.20 22.80 -20.51
CA LEU B 50 -5.62 22.49 -20.66
C LEU B 50 -6.52 23.67 -20.34
N THR B 51 -7.67 23.71 -21.00
CA THR B 51 -8.64 24.76 -20.77
C THR B 51 -10.02 24.15 -20.63
N THR B 52 -10.74 24.52 -19.58
CA THR B 52 -12.08 24.02 -19.36
C THR B 52 -13.05 24.78 -20.26
N ASP B 53 -14.29 24.30 -20.33
CA ASP B 53 -15.32 25.02 -21.08
C ASP B 53 -15.62 26.37 -20.44
N THR B 54 -15.22 26.55 -19.18
CA THR B 54 -15.45 27.83 -18.50
C THR B 54 -14.19 28.69 -18.48
N GLY B 55 -13.15 28.25 -19.18
CA GLY B 55 -11.98 29.09 -19.37
C GLY B 55 -10.86 28.95 -18.36
N ILE B 56 -11.03 28.03 -17.41
CA ILE B 56 -9.94 27.80 -16.46
C ILE B 56 -8.81 27.05 -17.13
N VAL B 57 -7.63 27.66 -17.13
CA VAL B 57 -6.45 27.12 -17.78
C VAL B 57 -5.48 26.49 -16.79
N GLY B 58 -5.04 25.28 -17.09
CA GLY B 58 -4.08 24.58 -16.26
C GLY B 58 -2.84 24.14 -17.03
N TRP B 59 -1.70 24.13 -16.34
CA TRP B 59 -0.46 23.66 -16.95
C TRP B 59 0.00 22.34 -16.33
N GLY B 60 0.61 21.50 -17.17
CA GLY B 60 1.21 20.27 -16.72
C GLY B 60 2.44 19.97 -17.54
N GLU B 61 3.17 18.93 -17.16
CA GLU B 61 4.39 18.54 -17.85
C GLU B 61 4.44 17.03 -18.01
N CYS B 62 4.84 16.57 -19.18
CA CYS B 62 4.97 15.13 -19.45
C CYS B 62 6.41 14.67 -19.40
N TYR B 63 6.64 13.52 -18.77
CA TYR B 63 7.97 12.93 -18.75
C TYR B 63 7.95 11.63 -19.55
N ALA B 64 8.37 11.73 -20.81
CA ALA B 64 8.39 10.59 -21.71
C ALA B 64 9.35 10.86 -22.87
N ALA B 65 10.18 9.88 -23.19
CA ALA B 65 11.15 10.03 -24.26
C ALA B 65 11.58 8.65 -24.77
N SER B 66 10.65 7.71 -24.76
CA SER B 66 10.87 6.41 -25.39
C SER B 66 10.80 6.61 -26.89
N VAL B 67 10.06 7.63 -27.28
CA VAL B 67 10.01 8.14 -28.65
C VAL B 67 10.14 9.66 -28.60
N GLY B 68 10.31 10.30 -29.74
CA GLY B 68 10.55 11.74 -29.78
C GLY B 68 9.30 12.57 -29.55
N PRO B 69 9.48 13.88 -29.37
CA PRO B 69 8.40 14.83 -29.06
C PRO B 69 7.24 14.74 -30.05
N GLN B 70 7.53 14.52 -31.33
CA GLN B 70 6.45 14.53 -32.33
C GLN B 70 5.51 13.35 -32.14
N ALA B 71 6.08 12.18 -31.91
CA ALA B 71 5.29 10.98 -31.65
C ALA B 71 4.51 11.18 -30.37
N MET B 72 5.15 11.79 -29.37
CA MET B 72 4.50 12.05 -28.09
C MET B 72 3.28 12.96 -28.25
N ARG B 73 3.38 13.97 -29.14
CA ARG B 73 2.26 14.87 -29.40
C ARG B 73 1.00 14.10 -29.76
N ALA B 74 1.15 13.18 -30.72
CA ALA B 74 0.06 12.33 -31.14
C ALA B 74 -0.45 11.49 -29.97
N VAL B 75 0.49 10.94 -29.18
CA VAL B 75 0.11 10.11 -28.04
C VAL B 75 -0.70 10.92 -27.03
N ILE B 76 -0.18 12.08 -26.65
CA ILE B 76 -0.85 12.96 -25.69
C ILE B 76 -2.25 13.36 -26.17
N GLU B 77 -2.37 13.69 -27.44
CA GLU B 77 -3.65 14.08 -28.02
C GLU B 77 -4.64 12.92 -28.12
N ASP B 78 -4.13 11.71 -28.36
CA ASP B 78 -4.97 10.52 -28.36
C ASP B 78 -5.49 10.23 -26.95
N VAL B 79 -4.58 10.30 -25.97
CA VAL B 79 -4.99 10.12 -24.58
C VAL B 79 -6.06 11.15 -24.21
N PHE B 80 -5.76 12.42 -24.44
CA PHE B 80 -6.68 13.48 -24.03
C PHE B 80 -8.06 13.33 -24.65
N ALA B 81 -8.10 13.24 -25.97
CA ALA B 81 -9.35 13.18 -26.67
C ALA B 81 -10.16 11.97 -26.21
N ARG B 82 -9.49 10.83 -26.14
CA ARG B 82 -10.16 9.55 -25.91
C ARG B 82 -10.65 9.32 -24.49
N HIS B 83 -9.92 9.85 -23.50
CA HIS B 83 -10.21 9.51 -22.10
C HIS B 83 -10.53 10.70 -21.19
N MET B 84 -10.27 11.92 -21.66
CA MET B 84 -10.31 13.08 -20.79
C MET B 84 -11.17 14.25 -21.26
N GLN B 85 -11.12 14.54 -22.56
CA GLN B 85 -11.90 15.66 -23.09
C GLN B 85 -13.37 15.41 -22.81
N GLY B 86 -14.05 16.42 -22.29
CA GLY B 86 -15.45 16.30 -21.93
C GLY B 86 -15.68 15.95 -20.47
N GLU B 87 -14.66 15.41 -19.81
CA GLU B 87 -14.83 14.95 -18.43
C GLU B 87 -14.71 16.08 -17.40
N ASN B 88 -15.49 15.97 -16.33
CA ASN B 88 -15.29 16.81 -15.16
C ASN B 88 -13.91 16.55 -14.56
N PRO B 89 -13.07 17.59 -14.48
CA PRO B 89 -11.70 17.52 -13.97
C PRO B 89 -11.58 16.95 -12.55
N GLU B 90 -12.66 16.95 -11.78
CA GLU B 90 -12.66 16.36 -10.44
C GLU B 90 -12.50 14.84 -10.49
N ASN B 91 -12.76 14.26 -11.67
CA ASN B 91 -12.86 12.80 -11.77
C ASN B 91 -11.54 12.15 -12.14
N ILE B 92 -10.55 12.38 -11.27
CA ILE B 92 -9.19 11.90 -11.46
C ILE B 92 -9.10 10.37 -11.46
N GLU B 93 -9.78 9.72 -10.50
CA GLU B 93 -9.85 8.26 -10.47
C GLU B 93 -10.35 7.69 -11.80
N LEU B 94 -11.46 8.23 -12.29
CA LEU B 94 -12.08 7.76 -13.52
C LEU B 94 -11.15 7.90 -14.73
N MET B 95 -10.50 9.05 -14.84
CA MET B 95 -9.63 9.33 -15.97
C MET B 95 -8.37 8.47 -15.93
N TYR B 96 -7.89 8.19 -14.73
CA TYR B 96 -6.73 7.32 -14.56
C TYR B 96 -7.10 5.90 -14.99
N ARG B 97 -8.26 5.43 -14.54
CA ARG B 97 -8.72 4.08 -14.91
C ARG B 97 -8.90 3.92 -16.42
N ARG B 98 -9.39 4.96 -17.07
CA ARG B 98 -9.57 4.92 -18.52
C ARG B 98 -8.24 4.79 -19.25
N ALA B 99 -7.28 5.63 -18.89
CA ALA B 99 -6.00 5.68 -19.58
C ALA B 99 -5.19 4.42 -19.29
N TYR B 100 -5.25 3.98 -18.05
CA TYR B 100 -4.54 2.80 -17.60
C TYR B 100 -5.07 1.57 -18.31
N SER B 101 -6.37 1.56 -18.62
CA SER B 101 -7.02 0.38 -19.18
C SER B 101 -7.08 0.38 -20.71
N SER B 102 -6.64 1.51 -21.29
CA SER B 102 -6.82 1.79 -22.70
C SER B 102 -6.39 0.68 -23.65
N GLY B 103 -7.31 0.27 -24.53
CA GLY B 103 -6.99 -0.68 -25.59
C GLY B 103 -6.94 -2.11 -25.10
N PHE B 104 -7.67 -2.38 -24.02
CA PHE B 104 -7.61 -3.66 -23.32
C PHE B 104 -6.18 -3.92 -22.89
N THR B 105 -5.68 -3.05 -22.00
CA THR B 105 -4.36 -3.21 -21.41
C THR B 105 -4.47 -3.41 -19.89
N GLN B 106 -4.73 -2.33 -19.17
CA GLN B 106 -4.87 -2.38 -17.73
C GLN B 106 -3.59 -2.87 -17.07
N ARG B 107 -2.45 -2.44 -17.61
CA ARG B 107 -1.15 -2.65 -16.99
C ARG B 107 -0.22 -1.51 -17.43
N PRO B 108 0.85 -1.27 -16.67
CA PRO B 108 1.64 -0.07 -16.92
C PRO B 108 2.13 0.07 -18.36
N ASP B 109 1.60 1.09 -19.05
CA ASP B 109 2.14 1.51 -20.35
C ASP B 109 2.94 2.78 -20.14
N LEU B 110 4.26 2.66 -20.16
CA LEU B 110 5.16 3.79 -19.89
C LEU B 110 4.86 5.03 -20.72
N THR B 111 4.64 4.84 -22.02
CA THR B 111 4.44 5.97 -22.92
C THR B 111 3.07 6.64 -22.69
N VAL B 112 2.02 5.83 -22.61
CA VAL B 112 0.68 6.34 -22.32
C VAL B 112 0.61 7.06 -20.98
N MET B 113 1.19 6.46 -19.96
CA MET B 113 1.22 7.07 -18.63
C MET B 113 2.01 8.39 -18.59
N GLY B 114 3.07 8.47 -19.38
CA GLY B 114 3.78 9.72 -19.57
C GLY B 114 2.80 10.77 -20.06
N ALA B 115 2.00 10.40 -21.06
CA ALA B 115 1.01 11.31 -21.61
C ALA B 115 -0.02 11.72 -20.56
N PHE B 116 -0.60 10.74 -19.89
CA PHE B 116 -1.65 10.99 -18.90
C PHE B 116 -1.18 11.78 -17.69
N SER B 117 0.05 11.54 -17.25
CA SER B 117 0.58 12.20 -16.07
C SER B 117 0.63 13.71 -16.23
N GLY B 118 1.05 14.15 -17.40
CA GLY B 118 1.13 15.57 -17.70
C GLY B 118 -0.23 16.22 -17.76
N LEU B 119 -1.19 15.54 -18.40
CA LEU B 119 -2.55 16.04 -18.49
C LEU B 119 -3.20 16.09 -17.13
N GLU B 120 -2.88 15.10 -16.30
CA GLU B 120 -3.49 14.96 -14.99
C GLU B 120 -3.02 16.09 -14.07
N ILE B 121 -1.74 16.44 -14.17
CA ILE B 121 -1.16 17.52 -13.39
C ILE B 121 -1.84 18.83 -13.78
N ALA B 122 -2.11 19.00 -15.07
CA ALA B 122 -2.82 20.16 -15.56
C ALA B 122 -4.21 20.23 -14.94
N CYS B 123 -4.86 19.08 -14.80
CA CYS B 123 -6.18 19.01 -14.17
C CYS B 123 -6.15 19.55 -12.76
N TRP B 124 -5.09 19.21 -12.03
CA TRP B 124 -4.91 19.71 -10.67
C TRP B 124 -4.71 21.23 -10.61
N ASP B 125 -3.89 21.76 -11.52
CA ASP B 125 -3.66 23.20 -11.62
C ASP B 125 -5.01 23.87 -11.85
N ILE B 126 -5.84 23.23 -12.68
CA ILE B 126 -7.20 23.69 -12.93
C ILE B 126 -8.09 23.62 -11.68
N LEU B 127 -8.00 22.52 -10.94
CA LEU B 127 -8.80 22.34 -9.72
C LEU B 127 -8.44 23.35 -8.63
N GLY B 128 -7.14 23.63 -8.48
CA GLY B 128 -6.71 24.63 -7.53
C GLY B 128 -7.23 26.02 -7.87
N LYS B 129 -7.27 26.33 -9.17
CA LYS B 129 -7.79 27.62 -9.58
C LYS B 129 -9.30 27.68 -9.40
N ASP B 130 -9.99 26.59 -9.68
CA ASP B 130 -11.44 26.57 -9.50
C ASP B 130 -11.82 26.69 -8.02
N ARG B 131 -11.03 26.05 -7.16
CA ARG B 131 -11.28 26.09 -5.72
C ARG B 131 -10.61 27.28 -5.05
N ASP B 132 -9.74 27.96 -5.80
CA ASP B 132 -8.95 29.07 -5.26
C ASP B 132 -8.12 28.66 -4.04
N ARG B 133 -7.37 27.57 -4.19
CA ARG B 133 -6.47 27.10 -3.14
C ARG B 133 -5.23 26.51 -3.78
N PRO B 134 -4.14 26.43 -3.00
CA PRO B 134 -2.95 25.66 -3.40
C PRO B 134 -3.33 24.19 -3.56
N VAL B 135 -2.77 23.52 -4.56
CA VAL B 135 -3.05 22.10 -4.76
C VAL B 135 -2.90 21.26 -3.49
N TYR B 136 -1.81 21.43 -2.75
CA TYR B 136 -1.59 20.62 -1.55
C TYR B 136 -2.75 20.79 -0.56
N ALA B 137 -3.44 21.92 -0.65
CA ALA B 137 -4.58 22.17 0.25
C ALA B 137 -5.78 21.30 -0.12
N LEU B 138 -5.78 20.80 -1.36
CA LEU B 138 -6.86 19.97 -1.85
C LEU B 138 -6.58 18.49 -1.61
N ILE B 139 -5.34 18.18 -1.25
CA ILE B 139 -4.91 16.80 -1.11
C ILE B 139 -4.31 16.47 0.26
N GLY B 140 -4.93 16.95 1.32
CA GLY B 140 -4.51 16.59 2.66
C GLY B 140 -3.99 17.73 3.50
N GLY B 141 -3.77 18.89 2.89
CA GLY B 141 -3.39 20.07 3.63
C GLY B 141 -1.89 20.30 3.79
N ARG B 142 -1.56 21.40 4.45
CA ARG B 142 -0.18 21.80 4.68
C ARG B 142 0.47 20.89 5.72
N MET B 143 0.93 19.72 5.29
CA MET B 143 1.64 18.83 6.20
C MET B 143 3.02 19.42 6.50
N ASN B 144 3.59 20.11 5.52
CA ASN B 144 4.91 20.70 5.63
C ASN B 144 4.95 22.14 5.15
N GLU B 145 5.36 23.03 6.04
CA GLU B 145 5.48 24.44 5.71
C GLU B 145 6.62 24.66 4.71
N ARG B 146 7.68 23.88 4.86
CA ARG B 146 8.83 23.96 3.96
C ARG B 146 9.28 22.56 3.58
N VAL B 147 9.91 22.46 2.42
CA VAL B 147 10.38 21.18 1.91
C VAL B 147 11.88 21.24 1.67
N ARG B 148 12.61 20.26 2.20
CA ARG B 148 14.05 20.17 2.01
C ARG B 148 14.37 19.84 0.56
N GLY B 149 15.28 20.60 -0.04
CA GLY B 149 15.67 20.39 -1.43
C GLY B 149 17.10 19.93 -1.59
N TYR B 150 17.42 19.44 -2.79
CA TYR B 150 18.79 19.09 -3.12
C TYR B 150 19.09 19.36 -4.58
N THR B 151 20.36 19.41 -4.94
CA THR B 151 20.75 19.63 -6.32
C THR B 151 21.91 18.74 -6.73
N TYR B 152 21.97 18.39 -8.01
CA TYR B 152 23.16 17.78 -8.58
C TYR B 152 24.32 18.75 -8.40
N LEU B 153 25.53 18.22 -8.34
CA LEU B 153 26.71 19.07 -8.41
C LEU B 153 26.96 19.46 -9.86
N TYR B 154 26.85 20.75 -10.14
CA TYR B 154 27.08 21.22 -11.49
C TYR B 154 28.38 22.02 -11.53
N PRO B 155 28.97 22.17 -12.72
CA PRO B 155 30.16 22.99 -12.92
C PRO B 155 29.99 24.39 -12.35
N LEU B 156 31.04 24.92 -11.73
CA LEU B 156 31.08 26.34 -11.37
C LEU B 156 31.46 27.16 -12.59
N PRO B 157 31.11 28.46 -12.60
CA PRO B 157 31.35 29.32 -13.76
C PRO B 157 32.83 29.40 -14.19
N HIS B 158 33.73 28.77 -13.44
CA HIS B 158 35.14 28.77 -13.82
C HIS B 158 35.68 27.35 -14.08
N HIS B 159 34.84 26.36 -13.81
CA HIS B 159 35.23 24.97 -14.02
C HIS B 159 35.25 24.64 -15.50
N ASP B 160 36.30 23.97 -15.94
CA ASP B 160 36.31 23.43 -17.29
C ASP B 160 35.17 22.44 -17.38
N MET B 161 34.16 22.76 -18.17
CA MET B 161 32.93 21.98 -18.21
C MET B 161 33.12 20.53 -18.68
N THR B 162 34.29 20.23 -19.24
CA THR B 162 34.54 18.87 -19.72
C THR B 162 35.33 18.06 -18.69
N ALA B 163 36.28 18.71 -18.05
CA ALA B 163 37.06 18.08 -16.99
C ALA B 163 36.20 17.84 -15.75
N PHE B 164 35.26 18.74 -15.52
CA PHE B 164 34.45 18.75 -14.30
C PHE B 164 33.80 17.41 -13.98
N TRP B 165 33.52 16.61 -15.01
CA TRP B 165 32.76 15.38 -14.81
C TRP B 165 33.60 14.17 -14.39
N THR B 166 34.91 14.32 -14.38
CA THR B 166 35.78 13.26 -13.87
C THR B 166 36.70 13.78 -12.76
N SER B 167 36.31 14.88 -12.12
CA SER B 167 37.18 15.59 -11.19
C SER B 167 36.64 15.59 -9.76
N PRO B 168 37.20 14.72 -8.91
CA PRO B 168 36.80 14.75 -7.51
C PRO B 168 36.96 16.16 -6.96
N GLU B 169 38.09 16.77 -7.32
CA GLU B 169 38.45 18.09 -6.82
C GLU B 169 37.44 19.19 -7.18
N MET B 170 36.94 19.18 -8.42
CA MET B 170 35.99 20.22 -8.85
C MET B 170 34.60 19.97 -8.29
N ALA B 171 34.22 18.71 -8.17
CA ALA B 171 32.95 18.36 -7.55
C ALA B 171 32.90 18.90 -6.11
N ALA B 172 33.97 18.66 -5.36
CA ALA B 172 34.07 19.15 -3.99
C ALA B 172 33.88 20.66 -3.94
N GLU B 173 34.40 21.36 -4.94
CA GLU B 173 34.24 22.80 -5.02
C GLU B 173 32.77 23.16 -5.21
N SER B 174 32.10 22.47 -6.12
CA SER B 174 30.65 22.65 -6.31
C SER B 174 29.87 22.34 -5.04
N ALA B 175 30.26 21.26 -4.36
CA ALA B 175 29.60 20.86 -3.13
C ALA B 175 29.71 21.98 -2.10
N LEU B 176 30.89 22.58 -2.02
CA LEU B 176 31.13 23.65 -1.07
C LEU B 176 30.22 24.84 -1.37
N ASP B 177 30.07 25.14 -2.66
CA ASP B 177 29.25 26.24 -3.12
C ASP B 177 27.77 25.99 -2.86
N CYS B 178 27.33 24.75 -3.05
CA CYS B 178 25.94 24.36 -2.81
C CYS B 178 25.59 24.50 -1.32
N VAL B 179 26.56 24.17 -0.46
CA VAL B 179 26.37 24.25 0.98
C VAL B 179 26.24 25.71 1.40
N ALA B 180 27.09 26.57 0.84
CA ALA B 180 27.05 27.99 1.11
C ALA B 180 25.70 28.58 0.71
N ARG B 181 25.04 27.95 -0.25
CA ARG B 181 23.76 28.46 -0.72
C ARG B 181 22.58 27.90 0.08
N GLY B 182 22.89 27.00 1.01
CA GLY B 182 21.88 26.49 1.92
C GLY B 182 21.47 25.05 1.72
N TYR B 183 21.87 24.44 0.62
CA TYR B 183 21.56 23.02 0.42
C TYR B 183 22.16 22.13 1.50
N THR B 184 21.39 21.13 1.93
CA THR B 184 21.81 20.21 2.97
C THR B 184 22.06 18.80 2.43
N ALA B 185 22.04 18.66 1.12
CA ALA B 185 22.32 17.38 0.46
C ALA B 185 22.67 17.63 -1.00
N ILE B 186 23.54 16.79 -1.56
CA ILE B 186 24.00 16.99 -2.93
C ILE B 186 24.21 15.67 -3.65
N LYS B 187 23.77 15.59 -4.89
CA LYS B 187 23.88 14.37 -5.68
C LYS B 187 24.98 14.45 -6.74
N PHE B 188 25.43 13.29 -7.21
CA PHE B 188 26.50 13.18 -8.20
C PHE B 188 26.67 11.73 -8.63
N ASP B 189 27.11 11.51 -9.86
CA ASP B 189 27.36 10.15 -10.37
C ASP B 189 28.69 10.03 -11.12
N PRO B 190 29.71 9.47 -10.45
CA PRO B 190 31.05 9.31 -11.02
C PRO B 190 31.24 7.91 -11.59
N ALA B 191 30.18 7.11 -11.56
CA ALA B 191 30.30 5.67 -11.79
C ALA B 191 30.50 5.27 -13.26
N GLY B 192 30.42 6.23 -14.17
CA GLY B 192 30.65 5.93 -15.57
C GLY B 192 29.38 5.93 -16.39
N PRO B 193 29.48 5.61 -17.68
CA PRO B 193 28.39 5.65 -18.66
C PRO B 193 27.39 4.53 -18.46
N TYR B 194 26.11 4.82 -18.67
CA TYR B 194 25.11 3.77 -18.80
C TYR B 194 24.92 3.47 -20.27
N THR B 195 24.77 2.19 -20.62
CA THR B 195 24.62 1.83 -22.02
C THR B 195 23.34 1.07 -22.30
N MET B 196 23.05 0.91 -23.59
CA MET B 196 21.87 0.21 -24.05
C MET B 196 22.01 -1.32 -23.90
N ARG B 197 23.19 -1.75 -23.49
CA ARG B 197 23.52 -3.17 -23.45
C ARG B 197 23.01 -3.91 -22.22
N GLY B 198 22.55 -3.16 -21.22
CA GLY B 198 22.12 -3.76 -19.98
C GLY B 198 23.20 -3.55 -18.94
N GLY B 199 23.10 -4.24 -17.82
CA GLY B 199 24.04 -4.05 -16.74
C GLY B 199 25.42 -4.55 -17.08
N HIS B 200 26.45 -3.86 -16.58
CA HIS B 200 27.83 -4.30 -16.77
C HIS B 200 28.64 -4.18 -15.47
N MET B 201 29.71 -4.95 -15.37
CA MET B 201 30.63 -4.82 -14.25
C MET B 201 31.42 -3.52 -14.38
N PRO B 202 31.49 -2.73 -13.31
CA PRO B 202 32.26 -1.48 -13.38
C PRO B 202 33.73 -1.79 -13.62
N ALA B 203 34.43 -0.90 -14.29
CA ALA B 203 35.88 -0.99 -14.38
C ALA B 203 36.45 -0.59 -13.02
N MET B 204 37.61 -1.11 -12.66
CA MET B 204 38.20 -0.73 -11.37
C MET B 204 38.36 0.79 -11.28
N THR B 205 38.67 1.43 -12.39
CA THR B 205 38.81 2.87 -12.40
C THR B 205 37.49 3.55 -12.05
N ASP B 206 36.37 2.95 -12.43
CA ASP B 206 35.05 3.44 -12.08
C ASP B 206 34.89 3.41 -10.56
N ILE B 207 35.24 2.28 -9.96
CA ILE B 207 35.19 2.14 -8.51
C ILE B 207 36.09 3.17 -7.82
N SER B 208 37.36 3.21 -8.22
CA SER B 208 38.33 4.14 -7.62
C SER B 208 37.84 5.58 -7.72
N GLN B 209 37.39 5.95 -8.92
CA GLN B 209 36.81 7.26 -9.17
C GLN B 209 35.68 7.58 -8.18
N SER B 210 34.76 6.63 -8.03
CA SER B 210 33.62 6.81 -7.13
C SER B 210 34.08 7.02 -5.69
N VAL B 211 35.08 6.26 -5.28
CA VAL B 211 35.66 6.41 -3.96
C VAL B 211 36.31 7.78 -3.80
N ALA B 212 37.02 8.22 -4.83
CA ALA B 212 37.72 9.51 -4.77
C ALA B 212 36.73 10.68 -4.71
N PHE B 213 35.64 10.57 -5.46
CA PHE B 213 34.57 11.56 -5.37
C PHE B 213 33.96 11.61 -3.97
N CYS B 214 33.55 10.46 -3.45
CA CYS B 214 32.95 10.41 -2.13
C CYS B 214 33.91 10.95 -1.07
N LYS B 215 35.17 10.54 -1.15
CA LYS B 215 36.21 11.02 -0.24
C LYS B 215 36.37 12.53 -0.33
N ALA B 216 36.49 13.05 -1.55
CA ALA B 216 36.66 14.49 -1.75
C ALA B 216 35.46 15.28 -1.27
N ILE B 217 34.26 14.83 -1.62
CA ILE B 217 33.04 15.57 -1.30
C ILE B 217 32.71 15.54 0.20
N ARG B 218 32.86 14.38 0.82
CA ARG B 218 32.66 14.23 2.26
C ARG B 218 33.64 15.11 3.03
N ALA B 219 34.92 15.00 2.70
CA ALA B 219 35.95 15.81 3.34
C ALA B 219 35.59 17.29 3.24
N ALA B 220 35.09 17.71 2.08
CA ALA B 220 34.69 19.10 1.89
C ALA B 220 33.55 19.54 2.82
N VAL B 221 32.40 18.87 2.72
CA VAL B 221 31.19 19.33 3.39
C VAL B 221 31.06 18.81 4.81
N GLY B 222 31.92 17.86 5.15
CA GLY B 222 31.90 17.26 6.48
C GLY B 222 30.50 16.83 6.87
N ASP B 223 30.02 17.40 7.98
CA ASP B 223 28.66 17.16 8.49
C ASP B 223 27.62 18.03 7.84
N LYS B 224 28.05 19.13 7.23
CA LYS B 224 27.12 20.14 6.74
C LYS B 224 26.14 19.64 5.68
N ALA B 225 26.43 18.50 5.06
CA ALA B 225 25.52 17.98 4.05
C ALA B 225 25.56 16.47 3.86
N ASP B 226 24.48 15.92 3.32
CA ASP B 226 24.40 14.50 2.98
C ASP B 226 24.82 14.27 1.54
N LEU B 227 25.45 13.12 1.29
CA LEU B 227 25.89 12.72 -0.04
C LEU B 227 24.87 11.75 -0.67
N LEU B 228 24.43 12.06 -1.88
CA LEU B 228 23.49 11.22 -2.60
C LEU B 228 24.22 10.61 -3.79
N PHE B 229 24.40 9.30 -3.81
CA PHE B 229 25.02 8.63 -4.92
C PHE B 229 24.05 8.35 -6.01
N GLY B 230 24.15 9.14 -7.06
CA GLY B 230 23.19 9.25 -8.13
C GLY B 230 23.48 8.43 -9.36
N THR B 231 23.77 7.20 -9.09
CA THR B 231 23.92 6.18 -10.11
C THR B 231 22.73 6.02 -11.06
N HIS B 232 23.04 5.53 -12.22
CA HIS B 232 22.04 5.48 -13.29
C HIS B 232 21.74 4.12 -13.84
N GLY B 233 21.83 3.11 -12.99
CA GLY B 233 21.52 1.77 -13.35
C GLY B 233 22.43 1.11 -14.31
N GLN B 234 23.69 1.47 -14.28
CA GLN B 234 24.69 0.99 -15.21
C GLN B 234 25.02 -0.48 -15.00
N PHE B 235 24.75 -0.97 -13.79
CA PHE B 235 25.45 -2.16 -13.33
C PHE B 235 24.65 -3.46 -13.16
N THR B 236 25.36 -4.56 -13.27
CA THR B 236 24.84 -5.86 -12.89
C THR B 236 24.75 -5.87 -11.38
N THR B 237 23.91 -6.74 -10.84
CA THR B 237 23.77 -6.88 -9.40
C THR B 237 25.12 -7.01 -8.72
N ALA B 238 25.95 -7.91 -9.22
CA ALA B 238 27.34 -8.04 -8.77
C ALA B 238 28.10 -6.71 -8.77
N GLY B 239 28.04 -6.01 -9.89
CA GLY B 239 28.73 -4.73 -10.03
C GLY B 239 28.27 -3.72 -8.99
N ALA B 240 26.96 -3.61 -8.82
CA ALA B 240 26.38 -2.66 -7.88
C ALA B 240 26.83 -2.96 -6.44
N ILE B 241 26.83 -4.24 -6.10
CA ILE B 241 27.24 -4.65 -4.77
C ILE B 241 28.71 -4.27 -4.51
N ARG B 242 29.58 -4.60 -5.45
CA ARG B 242 30.98 -4.23 -5.34
C ARG B 242 31.18 -2.72 -5.15
N LEU B 243 30.54 -1.93 -6.01
CA LEU B 243 30.60 -0.47 -5.92
C LEU B 243 29.92 0.05 -4.66
N GLY B 244 28.80 -0.56 -4.30
CA GLY B 244 28.09 -0.18 -3.09
C GLY B 244 28.99 -0.27 -1.86
N ASN B 245 29.70 -1.38 -1.73
CA ASN B 245 30.56 -1.58 -0.57
C ASN B 245 31.81 -0.69 -0.59
N ALA B 246 32.25 -0.30 -1.78
CA ALA B 246 33.42 0.59 -1.89
C ALA B 246 33.13 2.02 -1.39
N ILE B 247 31.92 2.50 -1.67
CA ILE B 247 31.58 3.86 -1.25
C ILE B 247 30.88 3.90 0.10
N ALA B 248 30.56 2.72 0.64
CA ALA B 248 29.94 2.63 1.96
C ALA B 248 30.61 3.49 3.04
N PRO B 249 31.95 3.39 3.17
CA PRO B 249 32.71 4.11 4.20
C PRO B 249 32.43 5.61 4.31
N TYR B 250 31.97 6.24 3.23
CA TYR B 250 31.79 7.69 3.23
C TYR B 250 30.37 8.09 3.61
N SER B 251 29.60 7.08 4.01
CA SER B 251 28.32 7.29 4.65
C SER B 251 27.27 7.98 3.76
N PRO B 252 27.14 7.55 2.50
CA PRO B 252 26.16 8.15 1.60
C PRO B 252 24.73 7.95 2.09
N LEU B 253 23.91 8.99 1.96
CA LEU B 253 22.53 8.93 2.40
C LEU B 253 21.77 7.84 1.64
N TRP B 254 21.94 7.80 0.32
CA TRP B 254 21.31 6.76 -0.50
C TRP B 254 22.15 6.32 -1.69
N TYR B 255 21.78 5.16 -2.24
CA TYR B 255 22.44 4.57 -3.39
C TYR B 255 21.35 4.41 -4.43
N GLU B 256 21.37 5.28 -5.43
CA GLU B 256 20.28 5.42 -6.41
C GLU B 256 20.41 4.50 -7.61
N GLU B 257 19.33 3.80 -7.96
CA GLU B 257 19.29 2.97 -9.17
C GLU B 257 20.61 2.23 -9.38
N PRO B 258 20.94 1.31 -8.46
CA PRO B 258 22.20 0.57 -8.62
C PRO B 258 22.19 -0.30 -9.89
N ILE B 259 21.03 -0.83 -10.24
CA ILE B 259 20.89 -1.71 -11.40
C ILE B 259 19.72 -1.24 -12.25
N PRO B 260 19.62 -1.74 -13.49
CA PRO B 260 18.55 -1.28 -14.38
C PRO B 260 17.19 -1.53 -13.75
N PRO B 261 16.18 -0.76 -14.15
CA PRO B 261 14.83 -0.77 -13.56
C PRO B 261 13.97 -1.97 -13.94
N ASP B 262 14.55 -3.02 -14.50
CA ASP B 262 13.76 -4.15 -14.98
C ASP B 262 13.99 -5.46 -14.24
N ALA B 263 14.39 -5.40 -12.98
CA ALA B 263 14.63 -6.61 -12.19
C ALA B 263 14.46 -6.36 -10.69
N VAL B 264 13.21 -6.38 -10.24
CA VAL B 264 12.88 -5.98 -8.86
C VAL B 264 13.62 -6.79 -7.81
N GLU B 265 13.52 -8.11 -7.88
CA GLU B 265 14.18 -8.97 -6.90
C GLU B 265 15.70 -8.78 -6.87
N GLN B 266 16.29 -8.44 -8.02
CA GLN B 266 17.73 -8.19 -8.11
C GLN B 266 18.12 -6.94 -7.34
N MET B 267 17.28 -5.91 -7.42
CA MET B 267 17.59 -4.70 -6.71
C MET B 267 17.48 -4.91 -5.20
N ALA B 268 16.52 -5.73 -4.79
CA ALA B 268 16.42 -6.09 -3.38
C ALA B 268 17.66 -6.86 -2.93
N ALA B 269 18.29 -7.55 -3.88
CA ALA B 269 19.51 -8.30 -3.59
C ALA B 269 20.68 -7.37 -3.33
N VAL B 270 20.73 -6.27 -4.07
CA VAL B 270 21.70 -5.22 -3.78
C VAL B 270 21.46 -4.64 -2.39
N ALA B 271 20.21 -4.28 -2.14
CA ALA B 271 19.80 -3.68 -0.88
C ALA B 271 20.26 -4.49 0.34
N ARG B 272 20.09 -5.80 0.27
CA ARG B 272 20.50 -6.66 1.37
C ARG B 272 22.02 -6.77 1.52
N ALA B 273 22.75 -6.57 0.42
CA ALA B 273 24.18 -6.85 0.41
C ALA B 273 25.07 -5.64 0.72
N VAL B 274 24.50 -4.44 0.69
CA VAL B 274 25.23 -3.21 0.99
C VAL B 274 24.53 -2.47 2.10
N PRO B 275 25.29 -1.71 2.91
CA PRO B 275 24.75 -1.02 4.08
C PRO B 275 24.01 0.27 3.72
N ILE B 276 24.15 0.72 2.47
CA ILE B 276 23.54 1.98 2.02
C ILE B 276 22.08 1.79 1.62
N PRO B 277 21.20 2.69 2.10
CA PRO B 277 19.79 2.67 1.69
C PRO B 277 19.65 2.83 0.18
N VAL B 278 18.75 2.07 -0.43
CA VAL B 278 18.59 2.12 -1.88
C VAL B 278 17.48 3.06 -2.29
N ALA B 279 17.70 3.84 -3.34
CA ALA B 279 16.67 4.73 -3.86
C ALA B 279 16.39 4.38 -5.32
N THR B 280 15.13 4.40 -5.71
CA THR B 280 14.76 4.14 -7.10
C THR B 280 13.33 4.61 -7.41
N GLY B 281 13.03 4.73 -8.70
CA GLY B 281 11.66 5.02 -9.13
C GLY B 281 11.51 5.94 -10.33
N GLU B 282 12.55 6.68 -10.69
CA GLU B 282 12.41 7.66 -11.76
C GLU B 282 12.02 7.02 -13.09
N ARG B 283 12.27 5.73 -13.22
CA ARG B 283 11.93 5.05 -14.47
C ARG B 283 10.78 4.07 -14.32
N LEU B 284 10.12 4.12 -13.17
CA LEU B 284 8.95 3.28 -12.94
C LEU B 284 7.67 4.08 -13.16
N THR B 285 6.54 3.37 -13.24
CA THR B 285 5.25 4.02 -13.46
C THR B 285 4.09 3.25 -12.83
N THR B 286 3.18 4.01 -12.23
CA THR B 286 2.01 3.51 -11.50
C THR B 286 2.35 2.79 -10.20
N LYS B 287 1.39 2.78 -9.28
CA LYS B 287 1.52 2.06 -8.03
C LYS B 287 1.73 0.56 -8.28
N ALA B 288 1.27 0.07 -9.43
CA ALA B 288 1.45 -1.34 -9.79
C ALA B 288 2.93 -1.72 -9.85
N GLU B 289 3.79 -0.76 -10.17
CA GLU B 289 5.21 -1.03 -10.27
C GLU B 289 5.95 -0.70 -8.98
N PHE B 290 5.43 0.28 -8.23
CA PHE B 290 6.05 0.63 -6.96
C PHE B 290 5.71 -0.35 -5.85
N ALA B 291 4.53 -0.97 -5.93
CA ALA B 291 4.12 -1.95 -4.93
C ALA B 291 5.17 -3.04 -4.72
N PRO B 292 5.65 -3.69 -5.81
CA PRO B 292 6.65 -4.76 -5.66
C PRO B 292 8.02 -4.24 -5.19
N VAL B 293 8.34 -2.99 -5.51
CA VAL B 293 9.57 -2.40 -5.02
C VAL B 293 9.60 -2.34 -3.49
N LEU B 294 8.46 -1.95 -2.90
CA LEU B 294 8.32 -1.88 -1.45
C LEU B 294 8.21 -3.27 -0.84
N ARG B 295 7.35 -4.08 -1.43
CA ARG B 295 7.02 -5.39 -0.91
C ARG B 295 8.24 -6.31 -0.80
N SER B 296 9.22 -6.11 -1.67
CA SER B 296 10.40 -6.96 -1.71
C SER B 296 11.61 -6.36 -1.00
N GLY B 297 11.52 -5.08 -0.65
CA GLY B 297 12.64 -4.40 -0.01
C GLY B 297 13.70 -3.95 -1.01
N ALA B 298 13.28 -3.73 -2.25
CA ALA B 298 14.19 -3.29 -3.30
C ALA B 298 14.66 -1.86 -3.07
N ALA B 299 13.84 -1.05 -2.41
CA ALA B 299 14.24 0.31 -2.10
C ALA B 299 13.57 0.85 -0.83
N ALA B 300 14.28 1.73 -0.11
CA ALA B 300 13.73 2.35 1.09
C ALA B 300 13.31 3.78 0.82
N ILE B 301 13.73 4.32 -0.32
CA ILE B 301 13.41 5.68 -0.73
C ILE B 301 12.87 5.69 -2.16
N LEU B 302 11.65 6.16 -2.33
CA LEU B 302 11.01 6.14 -3.65
C LEU B 302 11.15 7.48 -4.36
N GLN B 303 11.40 7.43 -5.67
CA GLN B 303 11.68 8.63 -6.44
C GLN B 303 10.83 8.71 -7.70
N PRO B 304 9.54 9.00 -7.56
CA PRO B 304 8.70 9.05 -8.76
C PRO B 304 9.02 10.30 -9.56
N ALA B 305 8.88 10.21 -10.87
CA ALA B 305 8.79 11.40 -11.70
C ALA B 305 7.30 11.59 -11.97
N LEU B 306 6.71 12.61 -11.33
CA LEU B 306 5.27 12.86 -11.43
C LEU B 306 4.76 12.93 -12.87
N GLY B 307 5.59 13.41 -13.79
CA GLY B 307 5.23 13.47 -15.19
C GLY B 307 5.21 12.10 -15.87
N ARG B 308 5.60 11.07 -15.12
CA ARG B 308 5.65 9.71 -15.65
C ARG B 308 4.79 8.73 -14.85
N VAL B 309 4.84 8.86 -13.52
CA VAL B 309 4.29 7.85 -12.62
C VAL B 309 2.77 7.68 -12.69
N GLY B 310 2.07 8.72 -13.15
CA GLY B 310 0.61 8.66 -13.20
C GLY B 310 -0.01 9.97 -12.72
N GLY B 311 0.84 10.90 -12.30
CA GLY B 311 0.37 12.18 -11.83
C GLY B 311 0.42 12.34 -10.31
N ILE B 312 -0.09 13.48 -9.84
CA ILE B 312 -0.05 13.83 -8.42
C ILE B 312 -0.84 12.82 -7.57
N TRP B 313 -2.04 12.50 -8.02
CA TRP B 313 -2.92 11.59 -7.27
C TRP B 313 -2.33 10.20 -7.17
N GLU B 314 -1.92 9.64 -8.30
CA GLU B 314 -1.24 8.35 -8.31
C GLU B 314 -0.07 8.42 -7.31
N ALA B 315 0.70 9.50 -7.37
CA ALA B 315 1.83 9.69 -6.47
C ALA B 315 1.42 9.83 -4.98
N LYS B 316 0.26 10.44 -4.70
CA LYS B 316 -0.26 10.43 -3.33
C LYS B 316 -0.54 8.99 -2.88
N LYS B 317 -1.04 8.17 -3.80
CA LYS B 317 -1.33 6.78 -3.46
C LYS B 317 -0.04 6.07 -3.09
N ILE B 318 0.96 6.23 -3.94
CA ILE B 318 2.27 5.62 -3.73
C ILE B 318 2.92 6.07 -2.40
N ALA B 319 2.77 7.36 -2.08
CA ALA B 319 3.32 7.90 -0.83
C ALA B 319 2.63 7.30 0.42
N ALA B 320 1.33 7.02 0.30
CA ALA B 320 0.62 6.34 1.40
C ALA B 320 1.11 4.91 1.56
N MET B 321 1.43 4.26 0.43
CA MET B 321 2.04 2.93 0.46
C MET B 321 3.39 2.95 1.16
N ALA B 322 4.23 3.92 0.81
CA ALA B 322 5.54 4.05 1.44
C ALA B 322 5.44 4.16 2.97
N GLU B 323 4.41 4.87 3.43
CA GLU B 323 4.16 5.05 4.86
C GLU B 323 4.12 3.75 5.67
N VAL B 324 3.49 2.71 5.10
CA VAL B 324 3.32 1.46 5.83
C VAL B 324 4.56 0.58 5.74
N TYR B 325 5.56 1.06 5.00
CA TYR B 325 6.88 0.44 4.99
C TYR B 325 7.90 1.35 5.66
N ASN B 326 7.40 2.37 6.36
CA ASN B 326 8.27 3.32 7.02
C ASN B 326 9.32 3.86 6.04
N ALA B 327 8.90 4.01 4.78
CA ALA B 327 9.77 4.55 3.73
C ALA B 327 9.38 5.98 3.36
N GLN B 328 10.32 6.71 2.76
CA GLN B 328 10.08 8.09 2.34
C GLN B 328 10.13 8.33 0.84
N ILE B 329 9.44 9.38 0.41
CA ILE B 329 9.40 9.78 -0.99
C ILE B 329 10.41 10.89 -1.26
N ALA B 330 11.09 10.80 -2.40
CA ALA B 330 11.98 11.86 -2.86
C ALA B 330 11.76 12.09 -4.35
N PRO B 331 10.86 13.03 -4.69
CA PRO B 331 10.37 13.26 -6.05
C PRO B 331 11.47 13.62 -7.05
N HIS B 332 11.48 12.91 -8.18
CA HIS B 332 12.51 13.09 -9.20
C HIS B 332 12.32 14.37 -10.02
N LEU B 333 13.44 15.00 -10.37
CA LEU B 333 13.38 16.09 -11.34
C LEU B 333 14.56 16.09 -12.31
N TYR B 334 14.31 15.64 -13.52
CA TYR B 334 15.18 15.96 -14.63
C TYR B 334 14.29 16.47 -15.76
N ALA B 335 13.62 17.58 -15.47
CA ALA B 335 12.66 18.20 -16.37
C ALA B 335 12.45 19.68 -16.01
N GLY B 336 11.30 20.24 -16.37
CA GLY B 336 11.07 21.66 -16.18
C GLY B 336 10.36 22.08 -14.90
N PRO B 337 10.16 23.40 -14.73
CA PRO B 337 9.61 23.94 -13.48
C PRO B 337 8.14 23.58 -13.25
N VAL B 338 7.39 23.22 -14.29
CA VAL B 338 6.01 22.80 -14.08
C VAL B 338 5.94 21.45 -13.38
N GLU B 339 6.73 20.48 -13.83
CA GLU B 339 6.77 19.20 -13.14
C GLU B 339 7.19 19.42 -11.69
N TRP B 340 8.26 20.20 -11.53
CA TRP B 340 8.81 20.54 -10.22
C TRP B 340 7.74 21.09 -9.27
N ALA B 341 6.89 21.98 -9.78
CA ALA B 341 5.80 22.51 -9.00
C ALA B 341 4.88 21.39 -8.51
N ALA B 342 4.60 20.43 -9.38
CA ALA B 342 3.77 19.28 -9.01
C ALA B 342 4.42 18.53 -7.86
N ASN B 343 5.74 18.39 -7.93
CA ASN B 343 6.48 17.73 -6.87
C ASN B 343 6.38 18.47 -5.54
N ILE B 344 6.57 19.78 -5.59
CA ILE B 344 6.50 20.59 -4.37
C ILE B 344 5.14 20.41 -3.69
N HIS B 345 4.07 20.38 -4.48
CA HIS B 345 2.73 20.28 -3.93
C HIS B 345 2.46 18.91 -3.30
N LEU B 346 2.99 17.87 -3.91
CA LEU B 346 2.92 16.55 -3.29
C LEU B 346 3.78 16.54 -2.02
N ALA B 347 5.02 17.00 -2.13
CA ALA B 347 5.92 17.10 -0.98
C ALA B 347 5.25 17.80 0.20
N ALA B 348 4.50 18.86 -0.09
CA ALA B 348 3.87 19.68 0.95
C ALA B 348 2.76 18.94 1.69
N SER B 349 2.14 17.97 1.02
CA SER B 349 0.98 17.30 1.58
C SER B 349 1.26 15.95 2.26
N ILE B 350 2.53 15.51 2.27
CA ILE B 350 2.83 14.17 2.80
C ILE B 350 3.80 14.15 3.99
N PRO B 351 3.44 13.38 5.03
CA PRO B 351 4.25 13.27 6.25
C PRO B 351 5.61 12.67 5.97
N ASN B 352 5.68 11.76 4.99
CA ASN B 352 6.92 11.02 4.73
C ASN B 352 7.72 11.55 3.54
N ILE B 353 7.83 12.87 3.44
CA ILE B 353 8.68 13.49 2.44
C ILE B 353 10.11 13.43 2.93
N LEU B 354 11.06 13.23 2.02
CA LEU B 354 12.48 13.25 2.41
C LEU B 354 13.12 14.54 1.92
N MET B 355 13.07 14.73 0.61
CA MET B 355 13.58 15.94 -0.04
C MET B 355 13.13 16.02 -1.51
N CYS B 356 13.15 17.22 -2.06
CA CYS B 356 12.81 17.41 -3.47
C CYS B 356 14.04 17.73 -4.28
N GLU B 357 14.19 17.07 -5.42
CA GLU B 357 15.27 17.37 -6.35
C GLU B 357 15.05 18.75 -7.00
N CYS B 358 16.12 19.51 -7.14
CA CYS B 358 16.03 20.86 -7.69
C CYS B 358 17.02 21.08 -8.83
N ILE B 359 16.58 21.79 -9.86
CA ILE B 359 17.48 22.20 -10.93
C ILE B 359 17.38 23.71 -11.11
N GLU B 360 18.37 24.42 -10.61
CA GLU B 360 18.34 25.87 -10.57
C GLU B 360 19.02 26.51 -11.77
N THR B 361 18.23 26.85 -12.79
CA THR B 361 18.74 27.59 -13.93
C THR B 361 17.87 28.80 -14.22
N PRO B 362 18.47 29.85 -14.78
CA PRO B 362 17.69 31.00 -15.28
C PRO B 362 16.46 30.57 -16.06
N PHE B 363 16.61 29.61 -16.98
CA PHE B 363 15.47 29.21 -17.80
C PHE B 363 14.36 28.54 -17.01
N HIS B 364 14.70 27.80 -15.97
CA HIS B 364 13.70 27.22 -15.08
C HIS B 364 12.91 28.35 -14.45
N ASP B 365 13.65 29.30 -13.91
CA ASP B 365 13.09 30.40 -13.16
C ASP B 365 12.10 31.23 -13.98
N GLN B 366 12.47 31.58 -15.20
CA GLN B 366 11.64 32.51 -15.97
C GLN B 366 10.50 31.85 -16.72
N LEU B 367 10.53 30.54 -16.88
CA LEU B 367 9.42 29.85 -17.51
C LEU B 367 8.18 30.02 -16.64
N ILE B 368 8.39 30.27 -15.36
CA ILE B 368 7.29 30.43 -14.42
C ILE B 368 7.33 31.80 -13.75
N LYS B 369 8.13 32.71 -14.29
CA LYS B 369 8.24 34.06 -13.78
C LYS B 369 8.57 34.09 -12.29
N SER B 370 9.40 33.15 -11.85
CA SER B 370 9.94 33.13 -10.50
C SER B 370 8.90 32.94 -9.39
N THR B 371 7.74 32.40 -9.73
CA THR B 371 6.69 32.22 -8.73
C THR B 371 7.03 31.21 -7.61
N ILE B 372 7.84 30.20 -7.92
CA ILE B 372 8.30 29.26 -6.88
C ILE B 372 9.81 29.18 -6.91
N LYS B 373 10.44 29.19 -5.74
CA LYS B 373 11.88 29.39 -5.67
C LYS B 373 12.56 28.62 -4.53
N VAL B 374 13.75 28.13 -4.83
CA VAL B 374 14.63 27.57 -3.82
C VAL B 374 15.18 28.70 -2.94
N GLU B 375 14.89 28.65 -1.64
CA GLU B 375 15.40 29.67 -0.74
C GLU B 375 16.25 29.05 0.36
N ASP B 376 17.54 29.36 0.31
CA ASP B 376 18.52 28.78 1.24
C ASP B 376 18.28 27.29 1.53
N GLY B 377 18.18 26.51 0.47
CA GLY B 377 18.11 25.06 0.59
C GLY B 377 16.70 24.48 0.65
N PHE B 378 15.72 25.34 0.93
CA PHE B 378 14.35 24.85 1.10
C PHE B 378 13.32 25.54 0.21
N ILE B 379 12.16 24.89 0.08
CA ILE B 379 11.07 25.46 -0.69
C ILE B 379 9.84 25.59 0.20
N THR B 380 9.27 26.80 0.22
CA THR B 380 8.10 27.11 1.03
C THR B 380 6.82 26.74 0.29
N ALA B 381 5.86 26.18 0.99
CA ALA B 381 4.61 25.80 0.35
C ALA B 381 3.96 27.06 -0.23
N PRO B 382 3.70 27.07 -1.56
CA PRO B 382 3.12 28.22 -2.25
C PRO B 382 1.78 28.64 -1.65
N THR B 383 1.38 29.89 -1.86
CA THR B 383 0.09 30.35 -1.38
C THR B 383 -0.89 30.53 -2.53
N ALA B 384 -0.38 30.83 -3.72
CA ALA B 384 -1.24 31.07 -4.87
C ALA B 384 -2.09 29.83 -5.21
N ALA B 385 -3.14 30.04 -6.00
CA ALA B 385 -4.03 28.98 -6.43
C ALA B 385 -3.38 27.96 -7.38
N GLY B 386 -3.90 26.74 -7.37
CA GLY B 386 -3.40 25.69 -8.23
C GLY B 386 -1.96 25.36 -7.91
N LEU B 387 -1.14 25.23 -8.96
CA LEU B 387 0.27 24.93 -8.78
C LEU B 387 1.04 26.15 -8.28
N GLY B 388 0.41 27.32 -8.39
CA GLY B 388 1.01 28.57 -7.92
C GLY B 388 1.95 29.17 -8.95
N LEU B 389 1.72 28.84 -10.21
CA LEU B 389 2.64 29.20 -11.27
C LEU B 389 2.07 30.26 -12.19
N GLU B 390 2.96 31.07 -12.76
CA GLU B 390 2.59 31.89 -13.89
C GLU B 390 3.47 31.50 -15.07
N VAL B 391 2.97 30.60 -15.90
CA VAL B 391 3.75 30.05 -17.00
C VAL B 391 3.94 31.07 -18.13
N ASP B 392 5.19 31.31 -18.50
CA ASP B 392 5.51 32.22 -19.60
C ASP B 392 5.44 31.50 -20.96
N GLU B 393 4.23 31.39 -21.49
CA GLU B 393 3.98 30.62 -22.70
C GLU B 393 4.75 31.17 -23.91
N ALA B 394 4.91 32.48 -23.97
CA ALA B 394 5.64 33.10 -25.06
C ALA B 394 7.13 32.72 -25.00
N LEU B 395 7.71 32.72 -23.81
CA LEU B 395 9.10 32.28 -23.66
C LEU B 395 9.20 30.83 -24.08
N ALA B 396 8.21 30.03 -23.69
CA ALA B 396 8.18 28.62 -24.05
C ALA B 396 8.20 28.44 -25.56
N ARG B 397 7.39 29.23 -26.25
CA ARG B 397 7.26 29.12 -27.70
C ARG B 397 8.45 29.74 -28.42
N ALA B 398 9.10 30.67 -27.74
CA ALA B 398 10.28 31.32 -28.30
C ALA B 398 11.51 30.40 -28.24
N HIS B 399 11.33 29.23 -27.64
CA HIS B 399 12.42 28.25 -27.59
C HIS B 399 11.95 26.87 -28.01
N PRO B 400 11.83 26.63 -29.33
CA PRO B 400 11.36 25.35 -29.84
C PRO B 400 12.48 24.32 -29.80
N TYR B 401 12.13 23.05 -29.73
CA TYR B 401 13.14 22.01 -29.86
C TYR B 401 13.31 21.70 -31.34
N THR B 402 14.56 21.63 -31.78
CA THR B 402 14.84 21.45 -33.20
C THR B 402 15.87 20.33 -33.43
N GLY B 403 16.17 19.58 -32.38
CA GLY B 403 17.04 18.42 -32.49
C GLY B 403 16.27 17.16 -32.85
N ASN B 404 17.01 16.09 -33.13
CA ASN B 404 16.38 14.81 -33.42
C ASN B 404 16.78 13.77 -32.39
N GLY B 405 17.30 14.24 -31.27
CA GLY B 405 17.63 13.36 -30.16
C GLY B 405 16.45 13.19 -29.23
N LEU B 406 16.61 12.34 -28.24
CA LEU B 406 15.61 12.19 -27.21
C LEU B 406 16.03 12.98 -26.00
N HIS B 407 15.05 13.44 -25.22
CA HIS B 407 15.30 14.13 -23.96
C HIS B 407 16.52 13.56 -23.23
N LEU B 408 16.53 12.24 -23.05
CA LEU B 408 17.69 11.53 -22.54
C LEU B 408 18.01 10.35 -23.44
N GLU B 409 19.27 9.94 -23.46
CA GLU B 409 19.70 8.86 -24.34
C GLU B 409 20.71 7.91 -23.70
N MET B 410 20.64 6.64 -24.08
CA MET B 410 21.60 5.65 -23.59
C MET B 410 22.68 5.30 -24.62
N GLN B 411 23.93 5.45 -24.18
CA GLN B 411 25.12 5.22 -24.99
C GLN B 411 25.08 3.93 -25.80
N GLU B 412 25.63 3.98 -27.01
CA GLU B 412 25.76 2.80 -27.84
C GLU B 412 26.98 1.97 -27.45
N ALA B 413 28.12 2.64 -27.26
CA ALA B 413 29.37 1.98 -26.89
C ALA B 413 29.30 1.35 -25.50
N PRO B 414 30.01 0.23 -25.32
CA PRO B 414 30.00 -0.47 -24.03
C PRO B 414 30.90 0.24 -23.04
N CYS B 415 30.90 -0.20 -21.78
CA CYS B 415 31.83 0.33 -20.79
C CYS B 415 33.28 0.21 -21.30
N ASP B 416 34.11 1.17 -20.93
CA ASP B 416 35.48 1.24 -21.42
C ASP B 416 36.48 0.64 -20.44
N TYR B 417 36.99 -0.55 -20.76
CA TYR B 417 37.97 -1.22 -19.89
C TYR B 417 39.39 -1.00 -20.39
N SER C 22 -13.46 -15.52 47.10
CA SER C 22 -14.38 -15.19 48.18
C SER C 22 -14.34 -13.69 48.46
N MET C 23 -13.15 -13.15 48.69
CA MET C 23 -13.06 -11.70 48.87
C MET C 23 -13.29 -11.03 47.52
N LYS C 24 -13.77 -9.79 47.53
CA LYS C 24 -14.13 -9.16 46.27
C LYS C 24 -13.58 -7.74 46.14
N LEU C 25 -13.36 -7.31 44.90
CA LEU C 25 -12.90 -5.96 44.63
C LEU C 25 -14.07 -4.98 44.80
N GLN C 26 -13.92 -4.01 45.69
CA GLN C 26 -15.03 -3.13 46.01
C GLN C 26 -14.82 -1.66 45.62
N ASP C 27 -13.72 -1.08 46.08
CA ASP C 27 -13.53 0.36 45.93
C ASP C 27 -12.31 0.74 45.11
N LEU C 28 -12.48 1.82 44.36
CA LEU C 28 -11.42 2.36 43.52
C LEU C 28 -11.25 3.86 43.75
N GLU C 29 -10.01 4.26 44.03
CA GLU C 29 -9.63 5.65 44.01
C GLU C 29 -8.54 5.84 42.94
N VAL C 30 -8.70 6.87 42.11
CA VAL C 30 -7.66 7.25 41.15
C VAL C 30 -6.99 8.54 41.63
N ILE C 31 -5.66 8.51 41.67
CA ILE C 31 -4.90 9.64 42.16
C ILE C 31 -3.77 9.97 41.19
N VAL C 32 -3.88 11.12 40.54
CA VAL C 32 -2.85 11.59 39.61
C VAL C 32 -1.88 12.51 40.34
N THR C 33 -0.60 12.16 40.30
CA THR C 33 0.39 12.89 41.09
C THR C 33 1.50 13.42 40.20
N ALA C 34 1.98 14.62 40.51
CA ALA C 34 2.99 15.29 39.69
C ALA C 34 4.31 15.45 40.43
N PRO C 35 5.34 14.73 39.98
CA PRO C 35 6.67 14.85 40.60
C PRO C 35 7.17 16.28 40.51
N PRO C 36 7.96 16.70 41.49
CA PRO C 36 8.61 18.01 41.46
C PRO C 36 9.67 18.05 40.36
N ALA C 37 10.14 19.24 40.02
CA ALA C 37 11.26 19.38 39.10
C ALA C 37 12.50 18.68 39.69
N PRO C 38 13.45 18.30 38.82
CA PRO C 38 13.46 18.51 37.36
C PRO C 38 12.44 17.65 36.62
N GLY C 39 11.84 16.68 37.30
CA GLY C 39 10.76 15.91 36.71
C GLY C 39 11.14 14.59 36.07
N TRP C 40 12.31 14.04 36.42
CA TRP C 40 12.70 12.72 35.96
C TRP C 40 11.58 11.77 36.34
N GLY C 41 10.95 11.18 35.33
CA GLY C 41 9.79 10.33 35.56
C GLY C 41 8.57 10.82 34.79
N GLY C 42 8.69 12.01 34.20
CA GLY C 42 7.60 12.55 33.40
C GLY C 42 6.77 13.59 34.12
N ARG C 43 5.64 13.94 33.51
CA ARG C 43 4.79 15.02 34.02
C ARG C 43 3.87 14.57 35.17
N TYR C 44 3.43 13.32 35.13
CA TYR C 44 2.52 12.82 36.16
C TYR C 44 2.44 11.30 36.13
N TRP C 45 2.12 10.74 37.29
CA TRP C 45 1.90 9.30 37.42
C TRP C 45 0.45 9.05 37.80
N ILE C 46 -0.17 8.08 37.13
CA ILE C 46 -1.57 7.73 37.39
C ILE C 46 -1.66 6.55 38.34
N LEU C 47 -1.95 6.85 39.61
CA LEU C 47 -1.98 5.81 40.63
C LEU C 47 -3.41 5.33 40.88
N VAL C 48 -3.56 4.01 41.02
CA VAL C 48 -4.86 3.44 41.36
C VAL C 48 -4.75 2.73 42.69
N LYS C 49 -5.80 2.84 43.48
CA LYS C 49 -5.85 2.18 44.77
C LYS C 49 -7.14 1.41 44.83
N LEU C 50 -7.02 0.10 44.97
CA LEU C 50 -8.19 -0.76 45.08
C LEU C 50 -8.31 -1.26 46.51
N THR C 51 -9.56 -1.38 46.95
CA THR C 51 -9.84 -1.93 48.26
C THR C 51 -10.87 -3.04 48.10
N THR C 52 -10.63 -4.17 48.74
CA THR C 52 -11.59 -5.27 48.71
C THR C 52 -12.67 -5.04 49.75
N ASP C 53 -13.69 -5.89 49.75
CA ASP C 53 -14.78 -5.78 50.72
C ASP C 53 -14.35 -6.27 52.09
N THR C 54 -13.18 -6.90 52.15
CA THR C 54 -12.60 -7.30 53.41
C THR C 54 -11.61 -6.25 53.91
N GLY C 55 -11.45 -5.19 53.13
CA GLY C 55 -10.66 -4.04 53.57
C GLY C 55 -9.18 -4.09 53.24
N ILE C 56 -8.76 -5.05 52.41
CA ILE C 56 -7.37 -5.11 51.98
C ILE C 56 -7.12 -4.11 50.86
N VAL C 57 -6.01 -3.40 50.95
CA VAL C 57 -5.69 -2.35 49.98
C VAL C 57 -4.54 -2.75 49.09
N GLY C 58 -4.71 -2.51 47.78
CA GLY C 58 -3.65 -2.71 46.82
C GLY C 58 -3.40 -1.45 46.01
N TRP C 59 -2.15 -1.27 45.59
CA TRP C 59 -1.81 -0.14 44.75
C TRP C 59 -1.30 -0.59 43.38
N GLY C 60 -1.58 0.21 42.36
CA GLY C 60 -1.08 -0.06 41.03
C GLY C 60 -0.85 1.22 40.27
N GLU C 61 -0.20 1.11 39.12
CA GLU C 61 0.10 2.26 38.28
C GLU C 61 -0.31 2.04 36.83
N CYS C 62 -0.97 3.04 36.25
CA CYS C 62 -1.36 2.99 34.84
C CYS C 62 -0.37 3.76 33.98
N TYR C 63 -0.06 3.22 32.80
CA TYR C 63 0.82 3.90 31.85
C TYR C 63 0.05 4.14 30.57
N ALA C 64 -0.51 5.34 30.45
CA ALA C 64 -1.30 5.72 29.29
C ALA C 64 -1.38 7.24 29.15
N ALA C 65 -1.05 7.75 27.97
CA ALA C 65 -0.99 9.19 27.76
C ALA C 65 -1.46 9.58 26.37
N SER C 66 -2.22 8.71 25.73
CA SER C 66 -2.79 9.04 24.43
C SER C 66 -3.83 10.14 24.64
N VAL C 67 -4.46 10.12 25.81
CA VAL C 67 -5.27 11.24 26.26
C VAL C 67 -4.83 11.61 27.68
N GLY C 68 -5.33 12.74 28.18
CA GLY C 68 -4.88 13.30 29.44
C GLY C 68 -5.47 12.68 30.70
N PRO C 69 -4.92 13.05 31.85
CA PRO C 69 -5.28 12.46 33.16
C PRO C 69 -6.78 12.38 33.36
N GLN C 70 -7.50 13.45 33.07
CA GLN C 70 -8.94 13.48 33.31
C GLN C 70 -9.70 12.46 32.46
N ALA C 71 -9.31 12.33 31.19
CA ALA C 71 -9.94 11.33 30.34
C ALA C 71 -9.66 9.94 30.88
N MET C 72 -8.41 9.66 31.19
CA MET C 72 -8.03 8.37 31.71
C MET C 72 -8.85 8.00 32.93
N ARG C 73 -9.13 8.99 33.78
CA ARG C 73 -9.98 8.79 34.97
C ARG C 73 -11.30 8.09 34.61
N ALA C 74 -11.99 8.62 33.60
CA ALA C 74 -13.24 8.04 33.14
C ALA C 74 -13.02 6.63 32.56
N VAL C 75 -11.92 6.44 31.84
CA VAL C 75 -11.61 5.16 31.22
C VAL C 75 -11.36 4.11 32.31
N ILE C 76 -10.43 4.43 33.19
CA ILE C 76 -10.10 3.58 34.31
C ILE C 76 -11.34 3.25 35.12
N GLU C 77 -12.12 4.29 35.46
CA GLU C 77 -13.38 4.08 36.16
C GLU C 77 -14.36 3.18 35.41
N ASP C 78 -14.40 3.33 34.08
CA ASP C 78 -15.23 2.47 33.25
C ASP C 78 -14.73 1.02 33.30
N VAL C 79 -13.44 0.83 33.06
CA VAL C 79 -12.85 -0.50 33.06
C VAL C 79 -13.14 -1.25 34.37
N PHE C 80 -12.90 -0.58 35.49
CA PHE C 80 -13.10 -1.21 36.79
C PHE C 80 -14.57 -1.54 37.07
N ALA C 81 -15.45 -0.57 36.89
CA ALA C 81 -16.86 -0.81 37.17
C ALA C 81 -17.40 -1.93 36.31
N ARG C 82 -16.98 -1.93 35.04
CA ARG C 82 -17.55 -2.81 34.05
C ARG C 82 -17.05 -4.27 34.13
N HIS C 83 -15.79 -4.47 34.49
CA HIS C 83 -15.20 -5.80 34.41
C HIS C 83 -14.56 -6.35 35.69
N MET C 84 -14.38 -5.50 36.69
CA MET C 84 -13.57 -5.90 37.82
C MET C 84 -14.28 -5.83 39.16
N GLN C 85 -15.06 -4.77 39.34
CA GLN C 85 -15.74 -4.55 40.61
C GLN C 85 -16.69 -5.69 40.93
N GLY C 86 -16.57 -6.23 42.13
CA GLY C 86 -17.39 -7.33 42.57
C GLY C 86 -16.73 -8.68 42.32
N GLU C 87 -15.56 -8.66 41.68
CA GLU C 87 -14.90 -9.88 41.23
C GLU C 87 -13.79 -10.34 42.18
N ASN C 88 -13.66 -11.65 42.33
CA ASN C 88 -12.57 -12.25 43.10
C ASN C 88 -11.23 -11.90 42.45
N PRO C 89 -10.35 -11.21 43.19
CA PRO C 89 -9.03 -10.78 42.66
C PRO C 89 -8.19 -11.95 42.17
N GLU C 90 -8.43 -13.15 42.67
CA GLU C 90 -7.72 -14.33 42.19
C GLU C 90 -7.85 -14.50 40.67
N ASN C 91 -8.96 -13.99 40.11
CA ASN C 91 -9.34 -14.30 38.74
C ASN C 91 -8.74 -13.36 37.71
N ILE C 92 -7.41 -13.37 37.64
CA ILE C 92 -6.67 -12.51 36.74
C ILE C 92 -7.02 -12.81 35.27
N GLU C 93 -7.02 -14.09 34.91
CA GLU C 93 -7.34 -14.51 33.54
C GLU C 93 -8.70 -13.98 33.11
N LEU C 94 -9.70 -14.21 33.95
CA LEU C 94 -11.07 -13.78 33.64
C LEU C 94 -11.16 -12.27 33.42
N MET C 95 -10.61 -11.50 34.34
CA MET C 95 -10.72 -10.05 34.24
C MET C 95 -9.97 -9.50 33.03
N TYR C 96 -8.87 -10.15 32.67
CA TYR C 96 -8.14 -9.77 31.47
C TYR C 96 -8.97 -10.00 30.21
N ARG C 97 -9.60 -11.17 30.12
CA ARG C 97 -10.42 -11.48 28.95
C ARG C 97 -11.59 -10.49 28.75
N ARG C 98 -12.18 -10.01 29.84
CA ARG C 98 -13.28 -9.05 29.75
C ARG C 98 -12.82 -7.70 29.21
N ALA C 99 -11.77 -7.17 29.82
CA ALA C 99 -11.20 -5.88 29.42
C ALA C 99 -10.71 -5.91 27.98
N TYR C 100 -10.02 -7.00 27.63
CA TYR C 100 -9.47 -7.19 26.30
C TYR C 100 -10.60 -7.31 25.27
N SER C 101 -11.72 -7.88 25.70
CA SER C 101 -12.84 -8.13 24.78
C SER C 101 -13.87 -7.02 24.78
N SER C 102 -13.74 -6.09 25.71
CA SER C 102 -14.80 -5.11 25.97
C SER C 102 -15.40 -4.47 24.72
N GLY C 103 -16.72 -4.54 24.60
CA GLY C 103 -17.42 -3.89 23.51
C GLY C 103 -17.19 -4.53 22.16
N PHE C 104 -16.94 -5.84 22.16
CA PHE C 104 -16.70 -6.56 20.92
C PHE C 104 -15.46 -6.01 20.26
N THR C 105 -14.36 -6.03 21.01
CA THR C 105 -13.07 -5.67 20.43
C THR C 105 -12.18 -6.91 20.33
N GLN C 106 -11.54 -7.29 21.44
CA GLN C 106 -10.72 -8.49 21.47
C GLN C 106 -9.52 -8.37 20.52
N ARG C 107 -8.96 -7.17 20.47
CA ARG C 107 -7.65 -6.91 19.93
C ARG C 107 -7.11 -5.78 20.78
N PRO C 108 -5.79 -5.55 20.76
CA PRO C 108 -5.23 -4.60 21.73
C PRO C 108 -5.81 -3.18 21.65
N ASP C 109 -6.36 -2.71 22.77
CA ASP C 109 -6.73 -1.30 22.92
C ASP C 109 -5.73 -0.62 23.85
N LEU C 110 -4.87 0.20 23.27
CA LEU C 110 -3.81 0.87 24.01
C LEU C 110 -4.31 1.64 25.23
N THR C 111 -5.42 2.35 25.09
CA THR C 111 -5.96 3.16 26.18
C THR C 111 -6.64 2.30 27.25
N VAL C 112 -7.43 1.31 26.82
CA VAL C 112 -8.08 0.40 27.77
C VAL C 112 -7.07 -0.49 28.54
N MET C 113 -6.08 -1.03 27.84
CA MET C 113 -5.03 -1.82 28.50
C MET C 113 -4.18 -0.99 29.47
N GLY C 114 -3.93 0.27 29.13
CA GLY C 114 -3.23 1.17 30.03
C GLY C 114 -3.97 1.18 31.35
N ALA C 115 -5.29 1.35 31.27
CA ALA C 115 -6.14 1.38 32.44
C ALA C 115 -6.13 0.05 33.18
N PHE C 116 -6.37 -1.03 32.45
CA PHE C 116 -6.44 -2.35 33.06
C PHE C 116 -5.15 -2.77 33.79
N SER C 117 -4.00 -2.50 33.17
CA SER C 117 -2.71 -2.88 33.77
C SER C 117 -2.56 -2.37 35.20
N GLY C 118 -2.94 -1.12 35.41
CA GLY C 118 -2.85 -0.51 36.73
C GLY C 118 -3.74 -1.18 37.75
N LEU C 119 -4.97 -1.46 37.35
CA LEU C 119 -5.90 -2.20 38.19
C LEU C 119 -5.36 -3.60 38.45
N GLU C 120 -4.79 -4.22 37.42
CA GLU C 120 -4.28 -5.58 37.53
C GLU C 120 -3.13 -5.64 38.51
N ILE C 121 -2.21 -4.68 38.41
CA ILE C 121 -1.11 -4.60 39.36
C ILE C 121 -1.60 -4.40 40.79
N ALA C 122 -2.57 -3.52 40.98
CA ALA C 122 -3.21 -3.35 42.29
C ALA C 122 -3.80 -4.66 42.82
N CYS C 123 -4.35 -5.49 41.94
CA CYS C 123 -4.90 -6.77 42.36
C CYS C 123 -3.81 -7.67 42.92
N TRP C 124 -2.66 -7.67 42.28
CA TRP C 124 -1.54 -8.49 42.74
C TRP C 124 -1.07 -8.04 44.12
N ASP C 125 -1.05 -6.73 44.33
CA ASP C 125 -0.63 -6.21 45.61
C ASP C 125 -1.61 -6.75 46.65
N ILE C 126 -2.89 -6.69 46.32
CA ILE C 126 -3.93 -7.25 47.17
C ILE C 126 -3.68 -8.73 47.44
N LEU C 127 -3.42 -9.49 46.38
CA LEU C 127 -3.21 -10.93 46.50
C LEU C 127 -2.02 -11.28 47.38
N GLY C 128 -0.92 -10.55 47.19
CA GLY C 128 0.25 -10.73 48.02
C GLY C 128 -0.03 -10.46 49.49
N LYS C 129 -0.85 -9.45 49.76
CA LYS C 129 -1.20 -9.11 51.14
C LYS C 129 -2.12 -10.17 51.75
N ASP C 130 -3.04 -10.70 50.93
CA ASP C 130 -3.90 -11.79 51.39
C ASP C 130 -3.08 -13.03 51.71
N ARG C 131 -2.29 -13.49 50.73
CA ARG C 131 -1.44 -14.66 50.90
C ARG C 131 -0.33 -14.47 51.93
N ASP C 132 -0.07 -13.21 52.32
CA ASP C 132 1.08 -12.86 53.14
C ASP C 132 2.41 -13.27 52.51
N ARG C 133 2.51 -13.11 51.20
CA ARG C 133 3.75 -13.40 50.48
C ARG C 133 4.01 -12.31 49.47
N PRO C 134 5.29 -12.06 49.14
CA PRO C 134 5.65 -11.15 48.06
C PRO C 134 5.09 -11.65 46.74
N VAL C 135 4.75 -10.73 45.82
CA VAL C 135 4.16 -11.10 44.54
C VAL C 135 4.97 -12.17 43.80
N TYR C 136 6.28 -11.97 43.72
CA TYR C 136 7.13 -12.92 43.01
C TYR C 136 6.98 -14.36 43.53
N ALA C 137 6.77 -14.51 44.84
CA ALA C 137 6.55 -15.83 45.42
C ALA C 137 5.26 -16.47 44.89
N LEU C 138 4.38 -15.65 44.34
CA LEU C 138 3.10 -16.13 43.81
C LEU C 138 3.21 -16.53 42.34
N ILE C 139 4.19 -15.99 41.63
CA ILE C 139 4.29 -16.18 40.18
C ILE C 139 5.56 -16.94 39.74
N GLY C 140 5.92 -17.98 40.48
CA GLY C 140 7.04 -18.83 40.10
C GLY C 140 8.17 -18.90 41.12
N GLY C 141 8.15 -18.01 42.11
CA GLY C 141 9.15 -18.07 43.17
C GLY C 141 10.36 -17.19 42.94
N ARG C 142 11.30 -17.25 43.88
CA ARG C 142 12.50 -16.44 43.81
C ARG C 142 13.54 -17.04 42.87
N MET C 143 13.39 -16.76 41.59
CA MET C 143 14.34 -17.22 40.57
C MET C 143 15.65 -16.45 40.69
N ASN C 144 15.53 -15.20 41.11
CA ASN C 144 16.68 -14.31 41.20
C ASN C 144 16.67 -13.62 42.55
N GLU C 145 17.77 -13.77 43.28
CA GLU C 145 17.87 -13.17 44.60
C GLU C 145 18.00 -11.66 44.47
N ARG C 146 18.81 -11.24 43.52
CA ARG C 146 19.01 -9.82 43.21
C ARG C 146 18.73 -9.60 41.73
N VAL C 147 18.40 -8.37 41.37
CA VAL C 147 18.10 -8.03 39.99
C VAL C 147 18.99 -6.87 39.51
N ARG C 148 19.62 -7.08 38.36
CA ARG C 148 20.49 -6.08 37.75
C ARG C 148 19.73 -4.85 37.23
N GLY C 149 20.20 -3.66 37.58
CA GLY C 149 19.52 -2.44 37.23
C GLY C 149 20.32 -1.54 36.31
N TYR C 150 19.66 -0.56 35.72
CA TYR C 150 20.33 0.41 34.86
C TYR C 150 19.59 1.74 34.90
N THR C 151 20.25 2.80 34.44
CA THR C 151 19.66 4.13 34.51
C THR C 151 20.05 4.98 33.31
N TYR C 152 19.22 5.97 32.98
CA TYR C 152 19.59 7.00 32.02
C TYR C 152 20.72 7.81 32.63
N LEU C 153 21.54 8.42 31.77
CA LEU C 153 22.47 9.42 32.24
C LEU C 153 21.74 10.75 32.42
N TYR C 154 21.70 11.23 33.65
CA TYR C 154 21.07 12.51 33.95
C TYR C 154 22.17 13.51 34.31
N PRO C 155 21.86 14.81 34.18
CA PRO C 155 22.82 15.86 34.56
C PRO C 155 23.34 15.69 35.97
N LEU C 156 24.65 15.81 36.15
CA LEU C 156 25.23 15.93 37.48
C LEU C 156 24.92 17.34 37.96
N PRO C 157 24.87 17.53 39.29
CA PRO C 157 24.40 18.80 39.86
C PRO C 157 25.07 20.02 39.25
N HIS C 158 26.34 19.90 38.88
CA HIS C 158 27.08 21.03 38.32
C HIS C 158 26.94 21.17 36.81
N HIS C 159 26.03 20.41 36.21
CA HIS C 159 25.87 20.43 34.75
C HIS C 159 24.84 21.46 34.30
N ASP C 160 25.21 22.26 33.31
CA ASP C 160 24.25 23.11 32.62
C ASP C 160 23.11 22.19 32.15
N MET C 161 21.90 22.46 32.62
CA MET C 161 20.78 21.57 32.35
C MET C 161 20.52 21.42 30.85
N THR C 162 20.65 22.53 30.12
CA THR C 162 20.34 22.51 28.70
C THR C 162 21.50 22.03 27.82
N ALA C 163 22.71 22.38 28.22
CA ALA C 163 23.89 21.98 27.45
C ALA C 163 24.16 20.48 27.58
N PHE C 164 23.88 19.92 28.76
CA PHE C 164 24.14 18.51 29.07
C PHE C 164 23.62 17.58 27.98
N TRP C 165 22.45 17.87 27.44
CA TRP C 165 21.78 16.95 26.51
C TRP C 165 22.44 16.81 25.15
N THR C 166 23.33 17.76 24.80
CA THR C 166 24.06 17.64 23.54
C THR C 166 25.57 17.61 23.78
N SER C 167 25.97 17.13 24.96
CA SER C 167 27.38 17.13 25.34
C SER C 167 27.86 15.74 25.64
N PRO C 168 28.67 15.17 24.74
CA PRO C 168 29.34 13.89 24.98
C PRO C 168 30.16 13.94 26.26
N GLU C 169 30.83 15.06 26.48
CA GLU C 169 31.72 15.23 27.62
C GLU C 169 31.00 15.14 28.99
N MET C 170 29.88 15.84 29.14
CA MET C 170 29.10 15.79 30.40
C MET C 170 28.43 14.42 30.60
N ALA C 171 28.06 13.77 29.49
CA ALA C 171 27.48 12.44 29.54
C ALA C 171 28.48 11.43 30.08
N ALA C 172 29.73 11.56 29.66
CA ALA C 172 30.77 10.67 30.10
C ALA C 172 31.07 10.95 31.57
N GLU C 173 30.86 12.19 31.99
CA GLU C 173 31.00 12.54 33.39
C GLU C 173 29.88 11.87 34.18
N SER C 174 28.65 12.00 33.68
CA SER C 174 27.51 11.35 34.31
C SER C 174 27.61 9.82 34.30
N ALA C 175 28.08 9.25 33.19
CA ALA C 175 28.24 7.80 33.07
C ALA C 175 29.25 7.29 34.08
N LEU C 176 30.25 8.12 34.36
CA LEU C 176 31.33 7.76 35.28
C LEU C 176 30.80 7.77 36.72
N ASP C 177 29.84 8.66 36.98
CA ASP C 177 29.21 8.72 38.28
C ASP C 177 28.31 7.53 38.50
N CYS C 178 27.65 7.08 37.43
CA CYS C 178 26.80 5.90 37.51
C CYS C 178 27.60 4.63 37.81
N VAL C 179 28.78 4.52 37.23
CA VAL C 179 29.66 3.40 37.52
C VAL C 179 30.12 3.45 38.98
N ALA C 180 30.38 4.66 39.46
CA ALA C 180 30.82 4.86 40.84
C ALA C 180 29.75 4.41 41.84
N ARG C 181 28.49 4.60 41.50
CA ARG C 181 27.39 4.17 42.36
C ARG C 181 27.05 2.70 42.14
N GLY C 182 27.80 2.04 41.26
CA GLY C 182 27.67 0.61 41.07
C GLY C 182 26.82 0.15 39.91
N TYR C 183 26.40 1.07 39.06
CA TYR C 183 25.63 0.69 37.88
C TYR C 183 26.53 -0.01 36.85
N THR C 184 26.00 -1.04 36.20
CA THR C 184 26.79 -1.81 35.25
C THR C 184 26.30 -1.63 33.82
N ALA C 185 25.39 -0.68 33.64
CA ALA C 185 24.86 -0.35 32.33
C ALA C 185 24.25 1.04 32.43
N ILE C 186 24.32 1.80 31.34
CA ILE C 186 23.82 3.17 31.33
C ILE C 186 23.15 3.45 29.99
N LYS C 187 22.03 4.18 30.03
CA LYS C 187 21.30 4.53 28.81
C LYS C 187 21.34 6.03 28.48
N PHE C 188 21.23 6.34 27.20
CA PHE C 188 21.28 7.71 26.69
C PHE C 188 20.77 7.73 25.25
N ASP C 189 20.31 8.90 24.80
CA ASP C 189 19.82 9.06 23.43
C ASP C 189 20.22 10.41 22.83
N PRO C 190 21.28 10.41 22.01
CA PRO C 190 21.80 11.65 21.41
C PRO C 190 21.30 11.86 19.98
N ALA C 191 20.36 11.01 19.53
CA ALA C 191 20.03 10.94 18.11
C ALA C 191 19.11 12.04 17.59
N GLY C 192 18.62 12.91 18.48
CA GLY C 192 17.75 13.99 18.05
C GLY C 192 16.30 13.79 18.45
N PRO C 193 15.43 14.70 18.03
CA PRO C 193 14.03 14.68 18.47
C PRO C 193 13.17 13.72 17.67
N TYR C 194 12.18 13.11 18.33
CA TYR C 194 11.13 12.37 17.64
C TYR C 194 9.93 13.27 17.43
N THR C 195 9.30 13.17 16.26
CA THR C 195 8.19 14.04 15.92
C THR C 195 6.93 13.25 15.56
N MET C 196 5.79 13.92 15.50
CA MET C 196 4.52 13.31 15.10
C MET C 196 4.47 12.94 13.62
N ARG C 197 5.47 13.39 12.86
CA ARG C 197 5.46 13.24 11.42
C ARG C 197 5.71 11.80 10.98
N GLY C 198 6.22 10.99 11.90
CA GLY C 198 6.63 9.64 11.58
C GLY C 198 8.14 9.60 11.41
N GLY C 199 8.67 8.46 11.00
CA GLY C 199 10.11 8.31 10.86
C GLY C 199 10.75 9.32 9.93
N HIS C 200 11.89 9.87 10.34
CA HIS C 200 12.68 10.70 9.46
C HIS C 200 14.10 10.17 9.32
N MET C 201 14.83 10.68 8.32
CA MET C 201 16.24 10.36 8.16
C MET C 201 17.06 11.28 9.06
N PRO C 202 18.06 10.72 9.75
CA PRO C 202 18.90 11.58 10.60
C PRO C 202 19.68 12.60 9.78
N ALA C 203 19.90 13.77 10.35
CA ALA C 203 20.90 14.69 9.84
C ALA C 203 22.26 14.06 10.10
N MET C 204 23.26 14.35 9.27
CA MET C 204 24.60 13.81 9.52
C MET C 204 25.09 14.21 10.90
N THR C 205 24.71 15.41 11.36
CA THR C 205 25.07 15.86 12.70
C THR C 205 24.47 14.94 13.76
N ASP C 206 23.25 14.47 13.53
CA ASP C 206 22.64 13.51 14.43
C ASP C 206 23.52 12.25 14.52
N ILE C 207 24.04 11.80 13.38
CA ILE C 207 24.94 10.64 13.39
C ILE C 207 26.25 10.96 14.08
N SER C 208 26.93 12.02 13.62
CA SER C 208 28.19 12.44 14.24
C SER C 208 28.06 12.50 15.74
N GLN C 209 27.01 13.16 16.21
CA GLN C 209 26.78 13.35 17.63
C GLN C 209 26.60 12.04 18.37
N SER C 210 25.86 11.11 17.75
CA SER C 210 25.67 9.79 18.32
C SER C 210 27.01 9.07 18.48
N VAL C 211 27.85 9.18 17.45
CA VAL C 211 29.17 8.58 17.49
C VAL C 211 30.04 9.18 18.60
N ALA C 212 30.04 10.50 18.72
CA ALA C 212 30.83 11.18 19.74
C ALA C 212 30.39 10.82 21.16
N PHE C 213 29.07 10.72 21.36
CA PHE C 213 28.51 10.23 22.62
C PHE C 213 28.99 8.82 22.95
N CYS C 214 28.93 7.93 21.96
CA CYS C 214 29.42 6.57 22.16
C CYS C 214 30.93 6.54 22.42
N LYS C 215 31.70 7.17 21.54
CA LYS C 215 33.15 7.29 21.74
C LYS C 215 33.47 7.79 23.16
N ALA C 216 32.82 8.89 23.55
CA ALA C 216 33.09 9.47 24.86
C ALA C 216 32.68 8.55 26.02
N ILE C 217 31.46 8.05 25.98
CA ILE C 217 30.94 7.24 27.09
C ILE C 217 31.67 5.90 27.19
N ARG C 218 32.02 5.31 26.05
CA ARG C 218 32.78 4.06 26.05
C ARG C 218 34.18 4.23 26.64
N ALA C 219 34.86 5.30 26.24
CA ALA C 219 36.20 5.57 26.76
C ALA C 219 36.22 5.77 28.28
N ALA C 220 35.22 6.47 28.81
CA ALA C 220 35.14 6.68 30.25
C ALA C 220 35.00 5.37 31.03
N VAL C 221 33.99 4.57 30.68
CA VAL C 221 33.63 3.41 31.50
C VAL C 221 34.39 2.12 31.17
N GLY C 222 35.02 2.06 29.99
CA GLY C 222 35.70 0.85 29.55
C GLY C 222 34.81 -0.38 29.66
N ASP C 223 35.33 -1.47 30.20
CA ASP C 223 34.56 -2.70 30.38
C ASP C 223 33.58 -2.64 31.54
N LYS C 224 33.71 -1.60 32.37
CA LYS C 224 32.95 -1.55 33.61
C LYS C 224 31.45 -1.43 33.43
N ALA C 225 30.99 -1.08 32.22
CA ALA C 225 29.56 -0.95 32.00
C ALA C 225 29.16 -1.10 30.53
N ASP C 226 27.95 -1.63 30.33
CA ASP C 226 27.38 -1.70 29.00
C ASP C 226 26.73 -0.37 28.60
N LEU C 227 26.80 -0.07 27.31
CA LEU C 227 26.12 1.11 26.76
C LEU C 227 24.80 0.66 26.14
N LEU C 228 23.74 1.36 26.51
CA LEU C 228 22.41 1.11 25.97
C LEU C 228 22.00 2.31 25.14
N PHE C 229 21.91 2.15 23.84
CA PHE C 229 21.52 3.21 22.98
C PHE C 229 20.06 3.27 22.90
N GLY C 230 19.54 4.29 23.55
CA GLY C 230 18.16 4.47 23.90
C GLY C 230 17.36 5.45 23.10
N THR C 231 17.10 5.05 21.89
CA THR C 231 16.50 5.81 20.84
C THR C 231 15.00 5.66 20.96
N HIS C 232 14.30 6.42 20.19
CA HIS C 232 12.90 6.63 20.45
C HIS C 232 12.00 6.52 19.28
N GLY C 233 12.38 5.79 18.25
CA GLY C 233 11.58 5.60 17.05
C GLY C 233 11.54 6.84 16.17
N GLN C 234 12.62 7.62 16.21
CA GLN C 234 12.71 8.85 15.42
C GLN C 234 12.80 8.57 13.93
N PHE C 235 13.28 7.40 13.57
CA PHE C 235 13.81 7.21 12.21
C PHE C 235 13.04 6.29 11.28
N THR C 236 13.30 6.48 9.99
CA THR C 236 12.90 5.53 8.96
C THR C 236 13.82 4.32 9.04
N THR C 237 13.40 3.21 8.43
CA THR C 237 14.19 1.98 8.42
C THR C 237 15.59 2.23 7.89
N ALA C 238 15.67 3.00 6.79
CA ALA C 238 16.95 3.40 6.22
C ALA C 238 17.79 4.21 7.21
N GLY C 239 17.18 5.24 7.77
CA GLY C 239 17.85 6.08 8.75
C GLY C 239 18.31 5.31 9.97
N ALA C 240 17.49 4.35 10.40
CA ALA C 240 17.83 3.55 11.57
C ALA C 240 19.03 2.65 11.27
N ILE C 241 19.07 2.10 10.08
CA ILE C 241 20.20 1.27 9.69
C ILE C 241 21.50 2.08 9.55
N ARG C 242 21.42 3.26 8.92
CA ARG C 242 22.59 4.13 8.84
C ARG C 242 23.14 4.49 10.23
N LEU C 243 22.24 4.89 11.13
CA LEU C 243 22.64 5.20 12.50
C LEU C 243 23.25 3.96 13.20
N GLY C 244 22.53 2.84 13.11
CA GLY C 244 22.96 1.58 13.69
C GLY C 244 24.42 1.19 13.50
N ASN C 245 24.83 0.91 12.27
CA ASN C 245 26.22 0.49 12.09
C ASN C 245 27.23 1.64 12.10
N ALA C 246 26.74 2.86 12.37
CA ALA C 246 27.62 3.98 12.71
C ALA C 246 28.05 3.88 14.17
N ILE C 247 27.14 3.50 15.05
CA ILE C 247 27.47 3.33 16.47
C ILE C 247 27.98 1.94 16.85
N ALA C 248 27.93 0.99 15.92
CA ALA C 248 28.33 -0.39 16.21
C ALA C 248 29.75 -0.56 16.77
N PRO C 249 30.74 0.18 16.23
CA PRO C 249 32.12 0.07 16.71
C PRO C 249 32.31 0.23 18.23
N TYR C 250 31.34 0.83 18.91
CA TYR C 250 31.49 1.08 20.35
C TYR C 250 30.74 0.02 21.18
N SER C 251 30.18 -0.96 20.47
CA SER C 251 29.66 -2.17 21.09
C SER C 251 28.49 -1.97 22.06
N PRO C 252 27.44 -1.26 21.61
CA PRO C 252 26.28 -1.12 22.49
C PRO C 252 25.62 -2.46 22.76
N LEU C 253 25.20 -2.69 24.00
CA LEU C 253 24.49 -3.91 24.37
C LEU C 253 23.16 -4.01 23.62
N TRP C 254 22.47 -2.89 23.43
CA TRP C 254 21.28 -2.88 22.60
C TRP C 254 21.03 -1.57 21.84
N TYR C 255 20.11 -1.66 20.88
CA TYR C 255 19.71 -0.56 20.02
C TYR C 255 18.19 -0.49 20.17
N GLU C 256 17.71 0.50 20.91
CA GLU C 256 16.31 0.58 21.32
C GLU C 256 15.42 1.29 20.30
N GLU C 257 14.22 0.76 20.09
CA GLU C 257 13.22 1.39 19.22
C GLU C 257 13.85 2.20 18.10
N PRO C 258 14.53 1.53 17.16
CA PRO C 258 15.20 2.29 16.10
C PRO C 258 14.18 2.98 15.18
N ILE C 259 12.97 2.42 15.11
CA ILE C 259 11.91 3.00 14.30
C ILE C 259 10.59 3.03 15.08
N PRO C 260 9.57 3.72 14.54
CA PRO C 260 8.28 3.74 15.24
C PRO C 260 7.69 2.34 15.42
N PRO C 261 6.87 2.17 16.48
CA PRO C 261 6.31 0.88 16.90
C PRO C 261 5.22 0.33 15.98
N ASP C 262 5.00 0.93 14.82
CA ASP C 262 3.88 0.51 14.00
C ASP C 262 4.22 -0.31 12.75
N ALA C 263 5.43 -0.85 12.70
CA ALA C 263 5.86 -1.65 11.56
C ALA C 263 6.87 -2.76 11.92
N VAL C 264 6.35 -3.88 12.41
CA VAL C 264 7.18 -5.03 12.84
C VAL C 264 8.22 -5.50 11.82
N GLU C 265 7.75 -5.91 10.64
CA GLU C 265 8.64 -6.37 9.57
C GLU C 265 9.80 -5.40 9.32
N GLN C 266 9.55 -4.10 9.39
CA GLN C 266 10.60 -3.10 9.20
C GLN C 266 11.64 -3.15 10.30
N MET C 267 11.18 -3.35 11.53
CA MET C 267 12.11 -3.38 12.65
C MET C 267 12.99 -4.61 12.50
N ALA C 268 12.41 -5.72 12.06
CA ALA C 268 13.19 -6.92 11.77
C ALA C 268 14.24 -6.65 10.69
N ALA C 269 13.91 -5.75 9.76
CA ALA C 269 14.81 -5.39 8.68
C ALA C 269 15.99 -4.59 9.22
N VAL C 270 15.74 -3.78 10.24
CA VAL C 270 16.82 -3.09 10.91
C VAL C 270 17.70 -4.10 11.64
N ALA C 271 17.05 -5.07 12.28
CA ALA C 271 17.77 -6.04 13.08
C ALA C 271 18.71 -6.90 12.23
N ARG C 272 18.26 -7.25 11.02
CA ARG C 272 19.10 -8.06 10.14
C ARG C 272 20.30 -7.27 9.61
N ALA C 273 20.16 -5.94 9.57
CA ALA C 273 21.13 -5.08 8.88
C ALA C 273 22.22 -4.49 9.78
N VAL C 274 21.94 -4.35 11.08
CA VAL C 274 22.94 -3.85 12.02
C VAL C 274 23.38 -4.97 12.95
N PRO C 275 24.65 -4.94 13.38
CA PRO C 275 25.21 -5.98 14.27
C PRO C 275 24.77 -5.84 15.70
N ILE C 276 24.02 -4.78 16.03
CA ILE C 276 23.57 -4.55 17.39
C ILE C 276 22.24 -5.27 17.63
N PRO C 277 22.03 -5.78 18.85
CA PRO C 277 20.75 -6.36 19.24
C PRO C 277 19.69 -5.30 19.43
N VAL C 278 18.52 -5.52 18.85
CA VAL C 278 17.45 -4.56 18.93
C VAL C 278 16.54 -4.81 20.13
N ALA C 279 16.28 -3.77 20.90
CA ALA C 279 15.32 -3.84 22.00
C ALA C 279 14.12 -2.96 21.72
N THR C 280 12.94 -3.42 22.12
CA THR C 280 11.71 -2.65 21.92
C THR C 280 10.58 -3.15 22.82
N GLY C 281 9.51 -2.36 22.90
CA GLY C 281 8.28 -2.83 23.51
C GLY C 281 7.54 -1.87 24.43
N GLU C 282 8.16 -0.75 24.79
CA GLU C 282 7.54 0.16 25.75
C GLU C 282 6.23 0.76 25.24
N ARG C 283 6.07 0.83 23.93
CA ARG C 283 4.82 1.34 23.36
C ARG C 283 3.92 0.23 22.81
N LEU C 284 4.20 -1.01 23.22
CA LEU C 284 3.40 -2.16 22.79
C LEU C 284 2.50 -2.62 23.91
N THR C 285 1.45 -3.35 23.57
CA THR C 285 0.53 -3.88 24.57
C THR C 285 -0.04 -5.25 24.20
N THR C 286 -0.02 -6.14 25.20
CA THR C 286 -0.50 -7.52 25.09
C THR C 286 0.47 -8.43 24.34
N LYS C 287 0.43 -9.70 24.71
CA LYS C 287 1.20 -10.73 24.04
C LYS C 287 0.90 -10.74 22.54
N ALA C 288 -0.33 -10.36 22.17
CA ALA C 288 -0.74 -10.30 20.77
C ALA C 288 0.17 -9.39 19.93
N GLU C 289 0.74 -8.38 20.56
CA GLU C 289 1.65 -7.48 19.86
C GLU C 289 3.11 -7.90 20.03
N PHE C 290 3.40 -8.58 21.14
CA PHE C 290 4.76 -9.07 21.37
C PHE C 290 5.09 -10.35 20.62
N ALA C 291 4.08 -11.16 20.33
CA ALA C 291 4.27 -12.43 19.63
C ALA C 291 4.89 -12.22 18.24
N PRO C 292 4.34 -11.27 17.45
CA PRO C 292 4.91 -11.03 16.13
C PRO C 292 6.30 -10.37 16.15
N VAL C 293 6.64 -9.69 17.25
CA VAL C 293 7.97 -9.10 17.40
C VAL C 293 9.06 -10.18 17.52
N LEU C 294 8.80 -11.19 18.35
CA LEU C 294 9.73 -12.31 18.53
C LEU C 294 9.74 -13.19 17.30
N ARG C 295 8.56 -13.48 16.79
CA ARG C 295 8.40 -14.38 15.66
C ARG C 295 9.14 -13.85 14.43
N SER C 296 9.17 -12.53 14.28
CA SER C 296 9.74 -11.93 13.08
C SER C 296 11.22 -11.63 13.24
N GLY C 297 11.73 -11.77 14.46
CA GLY C 297 13.09 -11.35 14.76
C GLY C 297 13.23 -9.84 14.81
N ALA C 298 12.17 -9.15 15.17
CA ALA C 298 12.19 -7.69 15.21
C ALA C 298 13.02 -7.19 16.39
N ALA C 299 13.10 -8.00 17.44
CA ALA C 299 13.88 -7.62 18.61
C ALA C 299 14.33 -8.83 19.40
N ALA C 300 15.53 -8.75 19.98
CA ALA C 300 16.03 -9.81 20.84
C ALA C 300 15.77 -9.51 22.31
N ILE C 301 15.43 -8.26 22.61
CA ILE C 301 15.20 -7.83 23.99
C ILE C 301 13.87 -7.10 24.11
N LEU C 302 13.00 -7.57 25.01
CA LEU C 302 11.66 -7.03 25.14
C LEU C 302 11.51 -6.12 26.35
N GLN C 303 10.98 -4.92 26.13
CA GLN C 303 10.88 -3.92 27.18
C GLN C 303 9.44 -3.55 27.48
N PRO C 304 8.71 -4.42 28.17
CA PRO C 304 7.31 -4.10 28.45
C PRO C 304 7.23 -2.96 29.45
N ALA C 305 6.19 -2.15 29.34
CA ALA C 305 5.81 -1.27 30.43
C ALA C 305 4.60 -1.93 31.09
N LEU C 306 4.81 -2.48 32.28
CA LEU C 306 3.77 -3.27 32.95
C LEU C 306 2.46 -2.53 33.19
N GLY C 307 2.55 -1.20 33.30
CA GLY C 307 1.36 -0.38 33.43
C GLY C 307 0.59 -0.20 32.13
N ARG C 308 1.18 -0.69 31.03
CA ARG C 308 0.55 -0.60 29.71
C ARG C 308 0.29 -1.97 29.08
N VAL C 309 1.20 -2.92 29.29
CA VAL C 309 1.21 -4.18 28.54
C VAL C 309 0.04 -5.11 28.87
N GLY C 310 -0.59 -4.90 30.01
CA GLY C 310 -1.70 -5.75 30.43
C GLY C 310 -1.54 -6.29 31.83
N GLY C 311 -0.49 -5.86 32.51
CA GLY C 311 -0.30 -6.23 33.90
C GLY C 311 0.80 -7.26 34.12
N ILE C 312 1.01 -7.61 35.39
CA ILE C 312 2.06 -8.54 35.77
C ILE C 312 1.90 -9.91 35.10
N TRP C 313 0.68 -10.44 35.16
CA TRP C 313 0.38 -11.75 34.56
C TRP C 313 0.65 -11.79 33.05
N GLU C 314 0.05 -10.86 32.32
CA GLU C 314 0.27 -10.76 30.88
C GLU C 314 1.76 -10.71 30.59
N ALA C 315 2.50 -9.98 31.41
CA ALA C 315 3.93 -9.82 31.26
C ALA C 315 4.71 -11.12 31.51
N LYS C 316 4.22 -11.96 32.43
CA LYS C 316 4.82 -13.28 32.63
C LYS C 316 4.65 -14.15 31.39
N LYS C 317 3.47 -14.06 30.77
CA LYS C 317 3.20 -14.83 29.57
C LYS C 317 4.16 -14.42 28.46
N ILE C 318 4.36 -13.12 28.32
CA ILE C 318 5.30 -12.58 27.35
C ILE C 318 6.71 -13.07 27.64
N ALA C 319 7.11 -13.04 28.90
CA ALA C 319 8.45 -13.47 29.30
C ALA C 319 8.70 -14.94 28.97
N ALA C 320 7.68 -15.78 29.17
CA ALA C 320 7.80 -17.19 28.81
C ALA C 320 7.89 -17.32 27.30
N MET C 321 7.16 -16.48 26.58
CA MET C 321 7.27 -16.48 25.12
C MET C 321 8.69 -16.19 24.66
N ALA C 322 9.29 -15.13 25.21
CA ALA C 322 10.67 -14.79 24.89
C ALA C 322 11.64 -15.93 25.22
N GLU C 323 11.31 -16.73 26.23
CA GLU C 323 12.13 -17.89 26.60
C GLU C 323 12.41 -18.82 25.43
N VAL C 324 11.37 -19.14 24.65
CA VAL C 324 11.53 -20.06 23.53
C VAL C 324 12.17 -19.39 22.32
N TYR C 325 12.52 -18.13 22.45
CA TYR C 325 13.29 -17.43 21.41
C TYR C 325 14.66 -17.05 21.94
N ASN C 326 15.03 -17.63 23.08
CA ASN C 326 16.32 -17.35 23.70
C ASN C 326 16.51 -15.84 23.85
N ALA C 327 15.40 -15.15 24.14
CA ALA C 327 15.41 -13.71 24.30
C ALA C 327 15.16 -13.34 25.77
N GLN C 328 15.47 -12.11 26.13
CA GLN C 328 15.33 -11.66 27.52
C GLN C 328 14.35 -10.49 27.71
N ILE C 329 14.13 -10.13 28.96
CA ILE C 329 13.20 -9.06 29.26
C ILE C 329 13.88 -7.97 30.06
N ALA C 330 13.53 -6.73 29.71
CA ALA C 330 14.08 -5.53 30.35
C ALA C 330 12.94 -4.56 30.60
N PRO C 331 12.25 -4.72 31.75
CA PRO C 331 11.06 -3.93 32.07
C PRO C 331 11.33 -2.43 31.95
N HIS C 332 10.42 -1.73 31.31
CA HIS C 332 10.57 -0.32 31.04
C HIS C 332 10.09 0.49 32.23
N LEU C 333 10.84 1.53 32.58
CA LEU C 333 10.34 2.50 33.55
C LEU C 333 10.52 3.93 33.08
N TYR C 334 9.40 4.58 32.81
CA TYR C 334 9.36 6.03 32.77
C TYR C 334 8.12 6.49 33.54
N ALA C 335 8.10 6.15 34.83
CA ALA C 335 6.94 6.43 35.69
C ALA C 335 7.30 6.34 37.18
N GLY C 336 6.36 5.93 38.02
CA GLY C 336 6.54 5.98 39.47
C GLY C 336 6.96 4.68 40.11
N PRO C 337 7.26 4.71 41.42
CA PRO C 337 7.78 3.55 42.17
C PRO C 337 6.81 2.37 42.19
N VAL C 338 5.53 2.60 41.95
CA VAL C 338 4.56 1.51 41.92
C VAL C 338 4.73 0.61 40.69
N GLU C 339 4.79 1.20 39.50
CA GLU C 339 5.02 0.40 38.30
C GLU C 339 6.37 -0.30 38.44
N TRP C 340 7.34 0.43 38.98
CA TRP C 340 8.69 -0.11 39.18
C TRP C 340 8.67 -1.35 40.08
N ALA C 341 7.88 -1.28 41.16
CA ALA C 341 7.74 -2.40 42.07
C ALA C 341 7.20 -3.60 41.32
N ALA C 342 6.22 -3.37 40.45
CA ALA C 342 5.66 -4.44 39.64
C ALA C 342 6.76 -5.05 38.77
N ASN C 343 7.58 -4.19 38.18
CA ASN C 343 8.68 -4.65 37.34
C ASN C 343 9.61 -5.60 38.08
N ILE C 344 9.98 -5.24 39.30
CA ILE C 344 10.95 -5.99 40.06
C ILE C 344 10.41 -7.35 40.49
N HIS C 345 9.13 -7.42 40.77
CA HIS C 345 8.51 -8.69 41.12
C HIS C 345 8.44 -9.58 39.90
N LEU C 346 8.12 -9.00 38.74
CA LEU C 346 8.25 -9.76 37.50
C LEU C 346 9.70 -10.22 37.31
N ALA C 347 10.65 -9.30 37.51
CA ALA C 347 12.07 -9.60 37.36
C ALA C 347 12.52 -10.77 38.24
N ALA C 348 12.15 -10.73 39.52
CA ALA C 348 12.60 -11.74 40.45
C ALA C 348 12.04 -13.12 40.11
N SER C 349 11.03 -13.16 39.25
CA SER C 349 10.31 -14.42 38.97
C SER C 349 10.67 -15.10 37.65
N ILE C 350 11.52 -14.49 36.83
CA ILE C 350 11.82 -15.07 35.52
C ILE C 350 13.30 -15.37 35.31
N PRO C 351 13.59 -16.49 34.63
CA PRO C 351 14.96 -16.91 34.32
C PRO C 351 15.61 -15.94 33.34
N ASN C 352 14.82 -15.47 32.39
CA ASN C 352 15.35 -14.69 31.28
C ASN C 352 15.28 -13.19 31.49
N ILE C 353 15.52 -12.76 32.73
CA ILE C 353 15.60 -11.33 33.03
C ILE C 353 16.94 -10.78 32.59
N LEU C 354 16.93 -9.61 31.95
CA LEU C 354 18.17 -8.96 31.53
C LEU C 354 18.56 -7.92 32.56
N MET C 355 17.82 -6.83 32.57
CA MET C 355 18.00 -5.78 33.57
C MET C 355 16.73 -4.98 33.79
N CYS C 356 16.74 -4.12 34.81
CA CYS C 356 15.57 -3.32 35.14
C CYS C 356 15.89 -1.84 35.12
N GLU C 357 15.14 -1.09 34.33
CA GLU C 357 15.28 0.34 34.27
C GLU C 357 14.96 0.94 35.64
N CYS C 358 15.79 1.88 36.08
CA CYS C 358 15.62 2.54 37.37
C CYS C 358 15.65 4.05 37.21
N ILE C 359 14.75 4.73 37.91
CA ILE C 359 14.76 6.19 37.94
C ILE C 359 14.84 6.66 39.38
N GLU C 360 16.04 7.06 39.78
CA GLU C 360 16.32 7.37 41.18
C GLU C 360 16.13 8.86 41.48
N THR C 361 14.96 9.22 41.99
CA THR C 361 14.70 10.58 42.45
C THR C 361 14.19 10.57 43.89
N PRO C 362 14.37 11.68 44.61
CA PRO C 362 13.84 11.78 45.97
C PRO C 362 12.35 11.42 46.00
N PHE C 363 11.61 11.91 45.02
CA PHE C 363 10.15 11.75 45.04
C PHE C 363 9.76 10.31 44.79
N HIS C 364 10.54 9.60 43.98
CA HIS C 364 10.31 8.16 43.81
C HIS C 364 10.43 7.44 45.14
N ASP C 365 11.46 7.82 45.90
CA ASP C 365 11.75 7.23 47.20
C ASP C 365 10.63 7.51 48.20
N GLN C 366 10.27 8.78 48.36
CA GLN C 366 9.33 9.21 49.39
C GLN C 366 7.91 8.69 49.18
N LEU C 367 7.50 8.60 47.93
CA LEU C 367 6.16 8.14 47.60
C LEU C 367 5.90 6.69 48.06
N ILE C 368 6.97 5.93 48.29
CA ILE C 368 6.84 4.58 48.80
C ILE C 368 7.63 4.39 50.11
N LYS C 369 7.91 5.51 50.78
CA LYS C 369 8.64 5.51 52.05
C LYS C 369 9.86 4.60 52.02
N SER C 370 10.55 4.60 50.87
CA SER C 370 11.85 3.94 50.76
C SER C 370 11.82 2.43 50.90
N THR C 371 10.66 1.80 50.69
CA THR C 371 10.54 0.37 50.96
C THR C 371 11.33 -0.54 50.01
N ILE C 372 11.68 -0.01 48.83
CA ILE C 372 12.51 -0.75 47.88
C ILE C 372 13.59 0.17 47.34
N LYS C 373 14.84 -0.32 47.34
CA LYS C 373 15.97 0.50 46.97
C LYS C 373 16.88 -0.17 45.95
N VAL C 374 17.46 0.63 45.08
CA VAL C 374 18.60 0.19 44.28
C VAL C 374 19.82 0.29 45.19
N GLU C 375 20.64 -0.75 45.22
CA GLU C 375 21.81 -0.77 46.06
C GLU C 375 23.01 -1.25 45.25
N ASP C 376 23.97 -0.35 45.09
CA ASP C 376 25.15 -0.64 44.28
C ASP C 376 24.78 -1.26 42.93
N GLY C 377 23.78 -0.68 42.28
CA GLY C 377 23.41 -1.07 40.92
C GLY C 377 22.42 -2.22 40.84
N PHE C 378 22.03 -2.77 41.98
CA PHE C 378 21.16 -3.94 42.01
C PHE C 378 20.01 -3.77 42.99
N ILE C 379 18.91 -4.48 42.73
CA ILE C 379 17.76 -4.45 43.62
C ILE C 379 17.54 -5.84 44.19
N THR C 380 17.38 -5.93 45.51
CA THR C 380 17.16 -7.19 46.18
C THR C 380 15.68 -7.57 46.18
N ALA C 381 15.39 -8.82 45.86
CA ALA C 381 14.01 -9.31 45.92
C ALA C 381 13.38 -8.88 47.25
N PRO C 382 12.24 -8.19 47.19
CA PRO C 382 11.58 -7.70 48.40
C PRO C 382 11.04 -8.84 49.26
N THR C 383 10.99 -8.63 50.58
CA THR C 383 10.49 -9.67 51.48
C THR C 383 9.06 -9.41 51.94
N ALA C 384 8.69 -8.14 52.03
CA ALA C 384 7.36 -7.78 52.50
C ALA C 384 6.28 -8.29 51.56
N ALA C 385 5.06 -8.38 52.08
CA ALA C 385 3.93 -8.89 51.32
C ALA C 385 3.52 -7.97 50.16
N GLY C 386 2.78 -8.53 49.21
CA GLY C 386 2.33 -7.78 48.05
C GLY C 386 3.52 -7.27 47.28
N LEU C 387 3.40 -6.04 46.78
CA LEU C 387 4.51 -5.37 46.09
C LEU C 387 5.61 -4.95 47.07
N GLY C 388 5.32 -5.03 48.37
CA GLY C 388 6.30 -4.71 49.40
C GLY C 388 6.45 -3.22 49.63
N LEU C 389 5.40 -2.47 49.30
CA LEU C 389 5.43 -1.03 49.36
C LEU C 389 4.67 -0.48 50.55
N GLU C 390 5.03 0.71 50.98
CA GLU C 390 4.13 1.50 51.80
C GLU C 390 3.93 2.84 51.11
N VAL C 391 2.87 2.94 50.32
CA VAL C 391 2.61 4.11 49.51
C VAL C 391 2.16 5.30 50.36
N ASP C 392 2.78 6.45 50.13
CA ASP C 392 2.47 7.66 50.89
C ASP C 392 1.36 8.46 50.20
N GLU C 393 0.13 8.00 50.36
CA GLU C 393 -1.03 8.65 49.74
C GLU C 393 -1.00 10.15 50.00
N ALA C 394 -0.84 10.54 51.26
CA ALA C 394 -0.77 11.94 51.61
C ALA C 394 0.18 12.68 50.66
N LEU C 395 1.41 12.19 50.56
CA LEU C 395 2.38 12.81 49.67
C LEU C 395 1.81 12.96 48.27
N ALA C 396 1.16 11.91 47.77
CA ALA C 396 0.65 11.91 46.40
C ALA C 396 -0.45 12.95 46.20
N ARG C 397 -1.36 13.03 47.16
CA ARG C 397 -2.46 13.98 47.06
C ARG C 397 -1.98 15.42 47.19
N ALA C 398 -0.82 15.62 47.83
CA ALA C 398 -0.26 16.95 48.01
C ALA C 398 0.64 17.33 46.85
N HIS C 399 0.54 16.58 45.75
CA HIS C 399 1.25 16.94 44.52
C HIS C 399 0.37 16.63 43.33
N PRO C 400 -0.66 17.46 43.09
CA PRO C 400 -1.63 17.24 42.02
C PRO C 400 -1.04 17.68 40.70
N TYR C 401 -1.58 17.19 39.59
CA TYR C 401 -1.14 17.68 38.29
C TYR C 401 -2.13 18.72 37.77
N THR C 402 -1.62 19.91 37.49
CA THR C 402 -2.45 21.02 37.03
C THR C 402 -2.12 21.44 35.59
N GLY C 403 -1.16 20.75 34.97
CA GLY C 403 -0.73 21.10 33.63
C GLY C 403 -1.69 20.69 32.52
N ASN C 404 -1.41 21.17 31.31
CA ASN C 404 -2.29 20.89 30.18
C ASN C 404 -1.72 19.82 29.26
N GLY C 405 -0.49 19.40 29.52
CA GLY C 405 0.20 18.48 28.64
C GLY C 405 -0.01 17.03 28.96
N LEU C 406 0.61 16.16 28.15
CA LEU C 406 0.54 14.73 28.39
C LEU C 406 1.80 14.30 29.10
N HIS C 407 1.75 13.12 29.72
CA HIS C 407 2.93 12.55 30.36
C HIS C 407 4.16 12.64 29.45
N LEU C 408 3.99 12.21 28.20
CA LEU C 408 5.01 12.37 27.16
C LEU C 408 4.36 12.98 25.95
N GLU C 409 5.15 13.64 25.10
CA GLU C 409 4.59 14.29 23.91
C GLU C 409 5.52 14.23 22.71
N MET C 410 4.95 14.08 21.54
CA MET C 410 5.72 14.13 20.32
C MET C 410 5.67 15.51 19.69
N GLN C 411 6.86 16.06 19.47
CA GLN C 411 7.06 17.42 18.98
C GLN C 411 6.49 17.62 17.57
N GLU C 412 6.08 18.85 17.27
CA GLU C 412 5.45 19.17 16.00
C GLU C 412 6.44 19.59 14.90
N ALA C 413 7.48 20.33 15.28
CA ALA C 413 8.50 20.77 14.32
C ALA C 413 9.29 19.57 13.79
N PRO C 414 9.72 19.66 12.52
CA PRO C 414 10.50 18.59 11.88
C PRO C 414 11.90 18.49 12.48
N CYS C 415 12.59 17.41 12.18
CA CYS C 415 14.02 17.32 12.46
C CYS C 415 14.73 18.46 11.73
N ASP C 416 15.64 19.13 12.43
CA ASP C 416 16.36 20.26 11.86
C ASP C 416 17.50 19.80 10.93
N TYR C 417 17.53 20.33 9.71
CA TYR C 417 18.58 19.99 8.76
C TYR C 417 19.45 21.20 8.43
N SER D 22 27.00 -6.20 -46.02
CA SER D 22 25.74 -6.77 -45.56
C SER D 22 24.58 -5.86 -45.92
N MET D 23 23.40 -6.45 -46.10
CA MET D 23 22.22 -5.66 -46.43
C MET D 23 21.82 -4.79 -45.24
N LYS D 24 21.22 -3.64 -45.52
CA LYS D 24 20.78 -2.73 -44.47
C LYS D 24 19.29 -2.40 -44.62
N LEU D 25 18.59 -2.35 -43.49
CA LEU D 25 17.18 -1.95 -43.50
C LEU D 25 17.12 -0.52 -44.00
N GLN D 26 16.26 -0.25 -44.96
CA GLN D 26 16.17 1.06 -45.59
C GLN D 26 14.81 1.73 -45.45
N ASP D 27 13.77 1.06 -45.95
CA ASP D 27 12.44 1.68 -46.07
C ASP D 27 11.40 1.06 -45.16
N LEU D 28 10.51 1.91 -44.67
CA LEU D 28 9.38 1.46 -43.85
C LEU D 28 8.06 1.94 -44.43
N GLU D 29 7.07 1.06 -44.42
CA GLU D 29 5.74 1.41 -44.89
C GLU D 29 4.75 0.84 -43.89
N VAL D 30 3.98 1.71 -43.24
CA VAL D 30 2.95 1.25 -42.32
C VAL D 30 1.58 1.19 -43.03
N ILE D 31 0.86 0.10 -42.83
CA ILE D 31 -0.41 -0.08 -43.51
C ILE D 31 -1.44 -0.62 -42.53
N VAL D 32 -2.39 0.23 -42.15
CA VAL D 32 -3.48 -0.16 -41.25
C VAL D 32 -4.65 -0.69 -42.07
N THR D 33 -5.04 -1.94 -41.81
CA THR D 33 -6.10 -2.59 -42.56
C THR D 33 -7.22 -3.07 -41.64
N ALA D 34 -8.44 -3.08 -42.15
CA ALA D 34 -9.61 -3.35 -41.32
C ALA D 34 -10.44 -4.51 -41.84
N PRO D 35 -10.39 -5.64 -41.12
CA PRO D 35 -11.19 -6.82 -41.47
C PRO D 35 -12.65 -6.45 -41.69
N PRO D 36 -13.26 -6.99 -42.75
CA PRO D 36 -14.70 -6.84 -43.02
C PRO D 36 -15.55 -7.51 -41.94
N ALA D 37 -16.82 -7.14 -41.86
CA ALA D 37 -17.74 -7.74 -40.89
C ALA D 37 -17.89 -9.24 -41.12
N PRO D 38 -18.06 -10.03 -40.06
CA PRO D 38 -18.27 -9.54 -38.71
C PRO D 38 -17.03 -9.17 -37.95
N GLY D 39 -15.88 -9.34 -38.57
CA GLY D 39 -14.62 -8.87 -38.08
C GLY D 39 -14.03 -9.59 -36.90
N TRP D 40 -14.00 -10.90 -36.99
CA TRP D 40 -13.31 -11.65 -35.97
C TRP D 40 -11.88 -11.31 -36.19
N GLY D 41 -11.18 -11.05 -35.10
CA GLY D 41 -9.82 -10.61 -35.17
C GLY D 41 -9.57 -9.17 -34.88
N GLY D 42 -10.61 -8.44 -34.55
CA GLY D 42 -10.49 -7.05 -34.15
C GLY D 42 -10.85 -5.99 -35.14
N ARG D 43 -10.68 -4.76 -34.74
CA ARG D 43 -11.12 -3.66 -35.57
C ARG D 43 -10.18 -3.34 -36.72
N TYR D 44 -8.89 -3.63 -36.55
CA TYR D 44 -7.87 -3.28 -37.53
C TYR D 44 -6.55 -3.96 -37.18
N TRP D 45 -5.76 -4.29 -38.20
CA TRP D 45 -4.41 -4.83 -37.98
C TRP D 45 -3.38 -3.81 -38.46
N ILE D 46 -2.32 -3.62 -37.68
CA ILE D 46 -1.26 -2.70 -38.07
C ILE D 46 -0.11 -3.47 -38.68
N LEU D 47 -0.01 -3.44 -40.02
CA LEU D 47 1.06 -4.12 -40.72
C LEU D 47 2.23 -3.18 -40.96
N VAL D 48 3.44 -3.75 -41.01
CA VAL D 48 4.61 -2.99 -41.42
C VAL D 48 5.30 -3.73 -42.55
N LYS D 49 5.84 -2.96 -43.49
CA LYS D 49 6.53 -3.51 -44.64
C LYS D 49 7.90 -2.88 -44.70
N LEU D 50 8.94 -3.71 -44.54
CA LEU D 50 10.30 -3.21 -44.59
C LEU D 50 11.01 -3.64 -45.86
N THR D 51 11.84 -2.76 -46.39
CA THR D 51 12.65 -3.08 -47.56
C THR D 51 14.11 -2.77 -47.28
N THR D 52 14.98 -3.68 -47.70
CA THR D 52 16.41 -3.48 -47.52
C THR D 52 16.95 -2.64 -48.66
N ASP D 53 18.17 -2.13 -48.50
CA ASP D 53 18.84 -1.40 -49.57
C ASP D 53 19.06 -2.32 -50.77
N THR D 54 19.02 -3.63 -50.54
CA THR D 54 19.22 -4.59 -51.61
C THR D 54 17.88 -5.00 -52.23
N GLY D 55 16.79 -4.47 -51.68
CA GLY D 55 15.49 -4.63 -52.30
C GLY D 55 14.66 -5.77 -51.78
N ILE D 56 15.10 -6.38 -50.69
CA ILE D 56 14.36 -7.48 -50.06
C ILE D 56 13.22 -6.95 -49.18
N VAL D 57 12.04 -7.55 -49.32
CA VAL D 57 10.84 -7.08 -48.64
C VAL D 57 10.40 -8.05 -47.53
N GLY D 58 10.18 -7.51 -46.34
CA GLY D 58 9.70 -8.30 -45.22
C GLY D 58 8.43 -7.72 -44.60
N TRP D 59 7.52 -8.60 -44.21
CA TRP D 59 6.28 -8.19 -43.58
C TRP D 59 6.25 -8.56 -42.10
N GLY D 60 5.61 -7.72 -41.31
CA GLY D 60 5.38 -7.98 -39.90
C GLY D 60 4.10 -7.34 -39.40
N GLU D 61 3.74 -7.58 -38.14
CA GLU D 61 2.50 -7.07 -37.59
C GLU D 61 2.73 -6.50 -36.19
N CYS D 62 2.27 -5.27 -35.97
CA CYS D 62 2.36 -4.66 -34.65
C CYS D 62 1.09 -4.94 -33.88
N TYR D 63 1.25 -5.33 -32.61
CA TYR D 63 0.11 -5.51 -31.71
C TYR D 63 0.12 -4.44 -30.63
N ALA D 64 -0.52 -3.30 -30.91
CA ALA D 64 -0.58 -2.19 -29.98
C ALA D 64 -1.89 -1.41 -30.11
N ALA D 65 -2.54 -1.17 -28.98
CA ALA D 65 -3.82 -0.47 -29.01
C ALA D 65 -4.05 0.41 -27.79
N SER D 66 -2.99 0.74 -27.06
CA SER D 66 -3.09 1.72 -26.00
C SER D 66 -3.54 3.03 -26.60
N VAL D 67 -2.89 3.41 -27.69
CA VAL D 67 -3.30 4.56 -28.48
C VAL D 67 -3.70 4.06 -29.86
N GLY D 68 -4.33 4.93 -30.65
CA GLY D 68 -4.91 4.53 -31.93
C GLY D 68 -3.93 4.39 -33.08
N PRO D 69 -4.42 3.90 -34.23
CA PRO D 69 -3.62 3.65 -35.44
C PRO D 69 -2.75 4.84 -35.80
N GLN D 70 -3.29 6.05 -35.65
CA GLN D 70 -2.59 7.26 -36.08
C GLN D 70 -1.39 7.60 -35.20
N ALA D 71 -1.55 7.47 -33.90
CA ALA D 71 -0.44 7.71 -32.99
C ALA D 71 0.63 6.62 -33.14
N MET D 72 0.18 5.37 -33.29
CA MET D 72 1.09 4.23 -33.45
C MET D 72 1.98 4.35 -34.68
N ARG D 73 1.47 4.97 -35.75
CA ARG D 73 2.27 5.24 -36.94
C ARG D 73 3.49 6.05 -36.55
N ALA D 74 3.25 7.12 -35.78
CA ALA D 74 4.30 8.03 -35.37
C ALA D 74 5.28 7.31 -34.46
N VAL D 75 4.75 6.43 -33.62
CA VAL D 75 5.57 5.62 -32.73
C VAL D 75 6.46 4.69 -33.54
N ILE D 76 5.85 3.97 -34.48
CA ILE D 76 6.56 2.97 -35.28
C ILE D 76 7.65 3.62 -36.12
N GLU D 77 7.30 4.72 -36.78
CA GLU D 77 8.24 5.45 -37.62
C GLU D 77 9.42 5.97 -36.82
N ASP D 78 9.15 6.38 -35.58
CA ASP D 78 10.19 6.88 -34.69
C ASP D 78 11.15 5.74 -34.33
N VAL D 79 10.59 4.65 -33.83
CA VAL D 79 11.39 3.48 -33.45
C VAL D 79 12.23 2.99 -34.64
N PHE D 80 11.61 2.84 -35.80
CA PHE D 80 12.34 2.40 -36.97
C PHE D 80 13.52 3.31 -37.32
N ALA D 81 13.27 4.61 -37.33
CA ALA D 81 14.26 5.58 -37.77
C ALA D 81 15.39 5.72 -36.77
N ARG D 82 15.04 5.64 -35.49
CA ARG D 82 16.02 5.85 -34.43
C ARG D 82 16.92 4.63 -34.23
N HIS D 83 16.35 3.44 -34.34
CA HIS D 83 17.02 2.24 -33.84
C HIS D 83 17.34 1.16 -34.85
N MET D 84 16.60 1.12 -35.96
CA MET D 84 16.73 0.03 -36.92
C MET D 84 17.16 0.42 -38.35
N GLN D 85 16.77 1.61 -38.79
CA GLN D 85 17.11 2.05 -40.15
C GLN D 85 18.62 2.10 -40.35
N GLY D 86 19.09 1.48 -41.43
CA GLY D 86 20.50 1.48 -41.75
C GLY D 86 21.29 0.41 -40.99
N GLU D 87 20.58 -0.50 -40.33
CA GLU D 87 21.24 -1.60 -39.64
C GLU D 87 21.16 -2.91 -40.43
N ASN D 88 22.17 -3.74 -40.27
CA ASN D 88 22.10 -5.12 -40.71
C ASN D 88 20.99 -5.85 -39.98
N PRO D 89 20.01 -6.41 -40.72
CA PRO D 89 18.86 -7.11 -40.16
C PRO D 89 19.25 -8.32 -39.31
N GLU D 90 20.46 -8.82 -39.48
CA GLU D 90 20.97 -9.91 -38.66
C GLU D 90 21.11 -9.52 -37.19
N ASN D 91 21.27 -8.24 -36.92
CA ASN D 91 21.56 -7.79 -35.56
C ASN D 91 20.30 -7.59 -34.71
N ILE D 92 19.62 -8.70 -34.42
CA ILE D 92 18.37 -8.67 -33.69
C ILE D 92 18.54 -8.27 -32.21
N GLU D 93 19.55 -8.86 -31.55
CA GLU D 93 19.85 -8.52 -30.16
C GLU D 93 20.14 -7.02 -30.04
N LEU D 94 20.93 -6.48 -30.96
CA LEU D 94 21.34 -5.09 -30.89
C LEU D 94 20.16 -4.13 -31.06
N MET D 95 19.29 -4.41 -32.02
CA MET D 95 18.16 -3.55 -32.29
C MET D 95 17.13 -3.59 -31.14
N TYR D 96 17.01 -4.75 -30.51
CA TYR D 96 16.14 -4.90 -29.36
C TYR D 96 16.69 -4.07 -28.20
N ARG D 97 18.00 -4.20 -27.95
CA ARG D 97 18.64 -3.45 -26.88
C ARG D 97 18.42 -1.95 -27.05
N ARG D 98 18.49 -1.49 -28.31
CA ARG D 98 18.27 -0.06 -28.58
C ARG D 98 16.84 0.39 -28.26
N ALA D 99 15.86 -0.32 -28.79
CA ALA D 99 14.45 0.02 -28.58
C ALA D 99 14.03 -0.14 -27.12
N TYR D 100 14.45 -1.24 -26.51
CA TYR D 100 14.18 -1.51 -25.10
C TYR D 100 14.73 -0.38 -24.23
N SER D 101 15.85 0.21 -24.65
CA SER D 101 16.55 1.21 -23.85
C SER D 101 16.24 2.65 -24.21
N SER D 102 15.51 2.83 -25.31
CA SER D 102 15.27 4.16 -25.88
C SER D 102 14.91 5.22 -24.85
N GLY D 103 15.67 6.31 -24.87
CA GLY D 103 15.42 7.45 -24.03
C GLY D 103 15.66 7.18 -22.55
N PHE D 104 16.72 6.44 -22.25
CA PHE D 104 17.05 6.10 -20.86
C PHE D 104 15.83 5.49 -20.18
N THR D 105 15.42 4.33 -20.68
CA THR D 105 14.34 3.57 -20.06
C THR D 105 14.88 2.22 -19.60
N GLN D 106 15.09 1.31 -20.55
CA GLN D 106 15.56 -0.03 -20.24
C GLN D 106 14.62 -0.75 -19.27
N ARG D 107 13.32 -0.62 -19.51
CA ARG D 107 12.29 -1.41 -18.85
C ARG D 107 11.11 -1.50 -19.82
N PRO D 108 10.25 -2.51 -19.63
CA PRO D 108 9.22 -2.76 -20.65
C PRO D 108 8.32 -1.56 -20.92
N ASP D 109 8.31 -1.09 -22.16
CA ASP D 109 7.38 -0.06 -22.61
C ASP D 109 6.40 -0.66 -23.61
N LEU D 110 5.25 -1.11 -23.11
CA LEU D 110 4.22 -1.77 -23.92
C LEU D 110 4.00 -1.14 -25.30
N THR D 111 3.91 0.20 -25.35
CA THR D 111 3.67 0.88 -26.63
C THR D 111 4.85 0.79 -27.60
N VAL D 112 6.05 1.13 -27.12
CA VAL D 112 7.24 1.08 -27.96
C VAL D 112 7.53 -0.35 -28.43
N MET D 113 7.44 -1.29 -27.50
CA MET D 113 7.65 -2.69 -27.82
C MET D 113 6.63 -3.24 -28.82
N GLY D 114 5.41 -2.72 -28.80
CA GLY D 114 4.42 -3.14 -29.76
C GLY D 114 4.83 -2.72 -31.15
N ALA D 115 5.50 -1.57 -31.24
CA ALA D 115 6.01 -1.08 -32.50
C ALA D 115 7.20 -1.91 -32.95
N PHE D 116 8.19 -2.06 -32.07
CA PHE D 116 9.38 -2.82 -32.39
C PHE D 116 9.11 -4.29 -32.73
N SER D 117 8.14 -4.92 -32.05
CA SER D 117 7.81 -6.32 -32.32
C SER D 117 7.44 -6.56 -33.78
N GLY D 118 6.57 -5.72 -34.31
CA GLY D 118 6.15 -5.82 -35.70
C GLY D 118 7.31 -5.61 -36.66
N LEU D 119 8.14 -4.62 -36.35
CA LEU D 119 9.34 -4.38 -37.17
C LEU D 119 10.26 -5.59 -37.09
N GLU D 120 10.40 -6.16 -35.90
CA GLU D 120 11.27 -7.31 -35.67
C GLU D 120 10.83 -8.50 -36.52
N ILE D 121 9.52 -8.70 -36.59
CA ILE D 121 8.97 -9.79 -37.40
C ILE D 121 9.31 -9.61 -38.87
N ALA D 122 9.19 -8.37 -39.37
CA ALA D 122 9.54 -8.09 -40.76
C ALA D 122 11.01 -8.44 -41.02
N CYS D 123 11.86 -8.18 -40.02
CA CYS D 123 13.28 -8.50 -40.13
C CYS D 123 13.48 -10.01 -40.34
N TRP D 124 12.72 -10.81 -39.60
CA TRP D 124 12.80 -12.26 -39.76
C TRP D 124 12.31 -12.70 -41.13
N ASP D 125 11.25 -12.05 -41.61
CA ASP D 125 10.77 -12.33 -42.96
C ASP D 125 11.88 -12.03 -43.97
N ILE D 126 12.52 -10.87 -43.83
CA ILE D 126 13.63 -10.49 -44.69
C ILE D 126 14.76 -11.52 -44.64
N LEU D 127 15.16 -11.90 -43.42
CA LEU D 127 16.24 -12.84 -43.20
C LEU D 127 15.95 -14.21 -43.81
N GLY D 128 14.70 -14.67 -43.68
CA GLY D 128 14.33 -15.94 -44.24
C GLY D 128 14.49 -15.94 -45.75
N LYS D 129 14.20 -14.81 -46.36
CA LYS D 129 14.30 -14.67 -47.81
C LYS D 129 15.75 -14.60 -48.26
N ASP D 130 16.56 -13.85 -47.53
CA ASP D 130 17.99 -13.76 -47.82
C ASP D 130 18.66 -15.13 -47.73
N ARG D 131 18.36 -15.86 -46.66
CA ARG D 131 18.91 -17.19 -46.45
C ARG D 131 18.21 -18.20 -47.36
N ASP D 132 17.03 -17.81 -47.86
CA ASP D 132 16.17 -18.73 -48.60
C ASP D 132 15.78 -19.99 -47.80
N ARG D 133 15.38 -19.81 -46.55
CA ARG D 133 14.84 -20.89 -45.73
C ARG D 133 13.65 -20.37 -44.95
N PRO D 134 12.78 -21.27 -44.47
CA PRO D 134 11.72 -20.86 -43.55
C PRO D 134 12.33 -20.28 -42.26
N VAL D 135 11.62 -19.38 -41.58
CA VAL D 135 12.15 -18.75 -40.37
C VAL D 135 12.52 -19.76 -39.28
N TYR D 136 11.70 -20.81 -39.11
CA TYR D 136 11.99 -21.79 -38.08
C TYR D 136 13.32 -22.51 -38.32
N ALA D 137 13.70 -22.62 -39.58
CA ALA D 137 14.95 -23.27 -39.94
C ALA D 137 16.12 -22.40 -39.49
N LEU D 138 15.82 -21.15 -39.18
CA LEU D 138 16.84 -20.21 -38.74
C LEU D 138 16.93 -20.16 -37.22
N ILE D 139 15.89 -20.63 -36.54
CA ILE D 139 15.81 -20.44 -35.09
C ILE D 139 15.68 -21.75 -34.30
N GLY D 140 16.51 -22.73 -34.63
CA GLY D 140 16.52 -23.98 -33.90
C GLY D 140 16.04 -25.15 -34.73
N GLY D 141 15.41 -24.84 -35.86
CA GLY D 141 15.06 -25.85 -36.84
C GLY D 141 13.67 -26.43 -36.65
N ARG D 142 13.36 -27.47 -37.41
CA ARG D 142 12.03 -28.07 -37.37
C ARG D 142 11.86 -29.02 -36.20
N MET D 143 11.59 -28.46 -35.03
CA MET D 143 11.31 -29.24 -33.84
C MET D 143 9.96 -29.92 -33.99
N ASN D 144 9.08 -29.29 -34.75
CA ASN D 144 7.73 -29.79 -34.94
C ASN D 144 7.32 -29.71 -36.41
N GLU D 145 6.74 -30.78 -36.92
CA GLU D 145 6.33 -30.82 -38.31
C GLU D 145 4.93 -30.27 -38.48
N ARG D 146 4.09 -30.53 -37.49
CA ARG D 146 2.73 -30.02 -37.45
C ARG D 146 2.49 -29.33 -36.11
N VAL D 147 1.85 -28.18 -36.14
CA VAL D 147 1.49 -27.47 -34.93
C VAL D 147 0.02 -27.69 -34.61
N ARG D 148 -0.28 -27.95 -33.34
CA ARG D 148 -1.65 -28.15 -32.90
C ARG D 148 -2.31 -26.80 -32.77
N GLY D 149 -3.56 -26.70 -33.23
CA GLY D 149 -4.25 -25.42 -33.24
C GLY D 149 -5.53 -25.41 -32.41
N TYR D 150 -6.07 -24.22 -32.19
CA TYR D 150 -7.36 -24.09 -31.52
C TYR D 150 -8.07 -22.80 -31.95
N THR D 151 -9.35 -22.70 -31.61
CA THR D 151 -10.14 -21.56 -32.06
C THR D 151 -11.24 -21.21 -31.07
N TYR D 152 -11.58 -19.93 -31.02
CA TYR D 152 -12.74 -19.48 -30.28
C TYR D 152 -13.98 -20.10 -30.86
N LEU D 153 -15.01 -20.23 -30.03
CA LEU D 153 -16.33 -20.60 -30.50
C LEU D 153 -16.99 -19.35 -31.06
N TYR D 154 -17.11 -19.29 -32.38
CA TYR D 154 -17.77 -18.19 -33.06
C TYR D 154 -19.15 -18.69 -33.50
N PRO D 155 -20.06 -17.76 -33.79
CA PRO D 155 -21.41 -18.13 -34.21
C PRO D 155 -21.44 -18.93 -35.53
N LEU D 156 -22.26 -19.96 -35.58
CA LEU D 156 -22.57 -20.62 -36.83
C LEU D 156 -23.58 -19.76 -37.57
N PRO D 157 -23.58 -19.83 -38.92
CA PRO D 157 -24.47 -19.04 -39.76
C PRO D 157 -25.89 -18.90 -39.19
N HIS D 158 -26.53 -20.03 -38.90
CA HIS D 158 -27.94 -20.02 -38.49
C HIS D 158 -28.15 -19.48 -37.07
N HIS D 159 -27.08 -18.98 -36.46
CA HIS D 159 -27.18 -18.47 -35.09
C HIS D 159 -27.51 -16.98 -35.05
N ASP D 160 -28.46 -16.63 -34.19
CA ASP D 160 -28.70 -15.25 -33.81
C ASP D 160 -27.39 -14.71 -33.27
N MET D 161 -26.72 -13.88 -34.06
CA MET D 161 -25.36 -13.47 -33.74
C MET D 161 -25.23 -12.74 -32.40
N THR D 162 -26.35 -12.36 -31.80
CA THR D 162 -26.31 -11.64 -30.53
C THR D 162 -26.74 -12.49 -29.34
N ALA D 163 -27.65 -13.43 -29.57
CA ALA D 163 -28.05 -14.36 -28.52
C ALA D 163 -26.93 -15.37 -28.25
N PHE D 164 -26.14 -15.66 -29.27
CA PHE D 164 -25.09 -16.69 -29.23
C PHE D 164 -24.12 -16.54 -28.07
N TRP D 165 -23.71 -15.30 -27.79
CA TRP D 165 -22.65 -15.05 -26.82
C TRP D 165 -23.07 -15.33 -25.37
N THR D 166 -24.33 -15.69 -25.16
CA THR D 166 -24.78 -16.04 -23.82
C THR D 166 -25.59 -17.32 -23.88
N SER D 167 -25.32 -18.12 -24.90
CA SER D 167 -26.08 -19.33 -25.14
C SER D 167 -25.20 -20.57 -25.05
N PRO D 168 -25.25 -21.26 -23.92
CA PRO D 168 -24.50 -22.51 -23.80
C PRO D 168 -24.89 -23.47 -24.93
N GLU D 169 -26.19 -23.58 -25.19
CA GLU D 169 -26.68 -24.43 -26.27
C GLU D 169 -26.02 -24.16 -27.62
N MET D 170 -25.97 -22.89 -28.02
CA MET D 170 -25.40 -22.52 -29.32
C MET D 170 -23.89 -22.65 -29.33
N ALA D 171 -23.25 -22.39 -28.18
CA ALA D 171 -21.81 -22.55 -28.07
C ALA D 171 -21.45 -24.01 -28.26
N ALA D 172 -22.29 -24.89 -27.72
CA ALA D 172 -22.08 -26.32 -27.86
C ALA D 172 -22.21 -26.73 -29.31
N GLU D 173 -23.09 -26.08 -30.06
CA GLU D 173 -23.24 -26.38 -31.48
C GLU D 173 -21.99 -25.96 -32.23
N SER D 174 -21.46 -24.78 -31.89
CA SER D 174 -20.22 -24.32 -32.50
C SER D 174 -19.06 -25.27 -32.22
N ALA D 175 -18.91 -25.66 -30.96
CA ALA D 175 -17.80 -26.51 -30.55
C ALA D 175 -17.82 -27.83 -31.31
N LEU D 176 -19.02 -28.41 -31.39
CA LEU D 176 -19.28 -29.62 -32.13
C LEU D 176 -18.94 -29.50 -33.63
N ASP D 177 -19.19 -28.32 -34.20
CA ASP D 177 -18.78 -28.04 -35.58
C ASP D 177 -17.26 -27.96 -35.69
N CYS D 178 -16.62 -27.38 -34.68
CA CYS D 178 -15.17 -27.28 -34.65
C CYS D 178 -14.51 -28.66 -34.62
N VAL D 179 -15.09 -29.56 -33.84
CA VAL D 179 -14.57 -30.92 -33.77
C VAL D 179 -14.70 -31.64 -35.11
N ALA D 180 -15.79 -31.38 -35.84
CA ALA D 180 -15.96 -31.98 -37.16
C ALA D 180 -14.89 -31.47 -38.13
N ARG D 181 -14.44 -30.23 -37.92
CA ARG D 181 -13.41 -29.65 -38.77
C ARG D 181 -11.99 -30.07 -38.34
N GLY D 182 -11.88 -30.81 -37.24
CA GLY D 182 -10.60 -31.34 -36.81
C GLY D 182 -9.94 -30.66 -35.62
N TYR D 183 -10.54 -29.61 -35.11
CA TYR D 183 -10.00 -28.96 -33.91
C TYR D 183 -10.07 -29.91 -32.72
N THR D 184 -9.06 -29.83 -31.85
CA THR D 184 -8.99 -30.71 -30.69
C THR D 184 -9.04 -29.91 -29.39
N ALA D 185 -9.30 -28.61 -29.53
CA ALA D 185 -9.42 -27.69 -28.39
C ALA D 185 -10.17 -26.45 -28.83
N ILE D 186 -11.10 -25.99 -27.99
CA ILE D 186 -11.89 -24.82 -28.30
C ILE D 186 -11.99 -23.86 -27.10
N LYS D 187 -12.00 -22.57 -27.40
CA LYS D 187 -12.00 -21.53 -26.37
C LYS D 187 -13.28 -20.72 -26.35
N PHE D 188 -13.67 -20.27 -25.16
CA PHE D 188 -14.87 -19.47 -24.97
C PHE D 188 -14.76 -18.68 -23.66
N ASP D 189 -15.54 -17.60 -23.54
CA ASP D 189 -15.57 -16.82 -22.32
C ASP D 189 -16.99 -16.35 -22.03
N PRO D 190 -17.67 -17.02 -21.09
CA PRO D 190 -19.05 -16.69 -20.71
C PRO D 190 -19.07 -15.92 -19.39
N ALA D 191 -17.91 -15.44 -18.95
CA ALA D 191 -17.76 -14.94 -17.59
C ALA D 191 -18.19 -13.50 -17.40
N GLY D 192 -18.57 -12.82 -18.47
CA GLY D 192 -19.05 -11.46 -18.37
C GLY D 192 -18.02 -10.47 -18.90
N PRO D 193 -18.34 -9.17 -18.81
CA PRO D 193 -17.54 -8.11 -19.40
C PRO D 193 -16.36 -7.68 -18.53
N TYR D 194 -15.29 -7.26 -19.18
CA TYR D 194 -14.15 -6.66 -18.50
C TYR D 194 -14.29 -5.15 -18.54
N THR D 195 -14.08 -4.49 -17.41
CA THR D 195 -14.25 -3.05 -17.39
C THR D 195 -12.96 -2.33 -17.04
N MET D 196 -12.90 -1.06 -17.38
CA MET D 196 -11.77 -0.21 -17.09
C MET D 196 -11.59 0.02 -15.58
N ARG D 197 -12.51 -0.52 -14.79
CA ARG D 197 -12.55 -0.28 -13.34
C ARG D 197 -11.52 -1.08 -12.56
N GLY D 198 -11.05 -2.17 -13.15
CA GLY D 198 -10.19 -3.10 -12.45
C GLY D 198 -10.98 -4.38 -12.20
N GLY D 199 -10.42 -5.28 -11.41
CA GLY D 199 -11.08 -6.54 -11.12
C GLY D 199 -12.38 -6.33 -10.36
N HIS D 200 -13.39 -7.12 -10.68
CA HIS D 200 -14.63 -7.10 -9.92
C HIS D 200 -15.00 -8.50 -9.49
N MET D 201 -15.94 -8.60 -8.56
CA MET D 201 -16.51 -9.88 -8.17
C MET D 201 -17.58 -10.25 -9.19
N PRO D 202 -17.54 -11.50 -9.67
CA PRO D 202 -18.57 -11.88 -10.64
C PRO D 202 -19.92 -11.93 -9.96
N ALA D 203 -20.98 -11.61 -10.70
CA ALA D 203 -22.34 -11.86 -10.24
C ALA D 203 -22.55 -13.38 -10.19
N MET D 204 -23.45 -13.85 -9.33
CA MET D 204 -23.76 -15.28 -9.30
C MET D 204 -24.18 -15.79 -10.67
N THR D 205 -24.78 -14.91 -11.48
CA THR D 205 -25.22 -15.30 -12.82
C THR D 205 -24.02 -15.52 -13.73
N ASP D 206 -22.94 -14.78 -13.48
CA ASP D 206 -21.72 -14.95 -14.24
C ASP D 206 -21.16 -16.33 -13.98
N ILE D 207 -21.26 -16.77 -12.73
CA ILE D 207 -20.71 -18.05 -12.34
C ILE D 207 -21.60 -19.18 -12.85
N SER D 208 -22.92 -19.03 -12.70
CA SER D 208 -23.83 -20.08 -13.15
C SER D 208 -23.78 -20.26 -14.66
N GLN D 209 -23.63 -19.16 -15.39
CA GLN D 209 -23.59 -19.25 -16.84
C GLN D 209 -22.29 -19.88 -17.30
N SER D 210 -21.18 -19.52 -16.66
CA SER D 210 -19.89 -20.13 -16.95
C SER D 210 -19.99 -21.63 -16.80
N VAL D 211 -20.58 -22.07 -15.68
CA VAL D 211 -20.81 -23.48 -15.41
C VAL D 211 -21.67 -24.14 -16.50
N ALA D 212 -22.76 -23.47 -16.89
CA ALA D 212 -23.67 -24.03 -17.89
C ALA D 212 -23.00 -24.14 -19.26
N PHE D 213 -22.06 -23.24 -19.54
CA PHE D 213 -21.26 -23.30 -20.76
C PHE D 213 -20.33 -24.52 -20.77
N CYS D 214 -19.57 -24.69 -19.70
CA CYS D 214 -18.65 -25.81 -19.60
C CYS D 214 -19.37 -27.14 -19.66
N LYS D 215 -20.52 -27.21 -18.98
CA LYS D 215 -21.30 -28.43 -18.95
C LYS D 215 -21.81 -28.81 -20.34
N ALA D 216 -22.38 -27.84 -21.04
CA ALA D 216 -22.94 -28.09 -22.35
C ALA D 216 -21.85 -28.39 -23.39
N ILE D 217 -20.71 -27.72 -23.26
CA ILE D 217 -19.65 -27.92 -24.24
C ILE D 217 -18.90 -29.23 -24.00
N ARG D 218 -18.68 -29.59 -22.73
CA ARG D 218 -18.03 -30.85 -22.39
C ARG D 218 -18.93 -32.04 -22.72
N ALA D 219 -20.22 -31.88 -22.46
CA ALA D 219 -21.19 -32.90 -22.85
C ALA D 219 -21.13 -33.15 -24.36
N ALA D 220 -21.10 -32.08 -25.15
CA ALA D 220 -21.11 -32.20 -26.61
C ALA D 220 -19.83 -32.82 -27.18
N VAL D 221 -18.68 -32.38 -26.69
CA VAL D 221 -17.41 -32.83 -27.27
C VAL D 221 -16.86 -34.09 -26.61
N GLY D 222 -17.26 -34.33 -25.37
CA GLY D 222 -16.70 -35.43 -24.60
C GLY D 222 -15.18 -35.34 -24.55
N ASP D 223 -14.51 -36.45 -24.85
CA ASP D 223 -13.04 -36.50 -24.86
C ASP D 223 -12.42 -36.00 -26.16
N LYS D 224 -13.25 -35.65 -27.13
CA LYS D 224 -12.75 -35.30 -28.45
C LYS D 224 -12.05 -33.94 -28.48
N ALA D 225 -12.22 -33.14 -27.43
CA ALA D 225 -11.58 -31.83 -27.40
C ALA D 225 -11.45 -31.27 -25.99
N ASP D 226 -10.41 -30.45 -25.82
CA ASP D 226 -10.14 -29.75 -24.59
C ASP D 226 -10.88 -28.43 -24.55
N LEU D 227 -11.33 -28.07 -23.35
CA LEU D 227 -12.00 -26.80 -23.10
C LEU D 227 -10.99 -25.77 -22.63
N LEU D 228 -10.90 -24.65 -23.34
CA LEU D 228 -10.03 -23.55 -22.95
C LEU D 228 -10.88 -22.40 -22.47
N PHE D 229 -10.88 -22.19 -21.15
CA PHE D 229 -11.67 -21.13 -20.53
C PHE D 229 -10.95 -19.79 -20.72
N GLY D 230 -11.52 -18.96 -21.57
CA GLY D 230 -10.86 -17.83 -22.17
C GLY D 230 -11.18 -16.47 -21.62
N THR D 231 -11.23 -16.42 -20.32
CA THR D 231 -11.44 -15.24 -19.56
C THR D 231 -10.50 -14.10 -19.88
N HIS D 232 -10.92 -12.92 -19.51
CA HIS D 232 -10.21 -11.72 -19.87
C HIS D 232 -9.78 -10.82 -18.73
N GLY D 233 -9.34 -11.41 -17.63
CA GLY D 233 -8.85 -10.73 -16.44
C GLY D 233 -9.85 -9.77 -15.82
N GLN D 234 -11.13 -10.17 -15.83
CA GLN D 234 -12.21 -9.35 -15.31
C GLN D 234 -12.19 -9.24 -13.79
N PHE D 235 -11.69 -10.27 -13.13
CA PHE D 235 -12.02 -10.48 -11.71
C PHE D 235 -10.95 -10.11 -10.68
N THR D 236 -11.42 -9.75 -9.48
CA THR D 236 -10.55 -9.69 -8.31
C THR D 236 -10.04 -11.09 -8.04
N THR D 237 -8.95 -11.21 -7.28
CA THR D 237 -8.42 -12.52 -6.91
C THR D 237 -9.51 -13.41 -6.30
N ALA D 238 -10.21 -12.89 -5.30
CA ALA D 238 -11.28 -13.63 -4.64
C ALA D 238 -12.28 -14.16 -5.67
N GLY D 239 -12.70 -13.29 -6.58
CA GLY D 239 -13.68 -13.65 -7.58
C GLY D 239 -13.13 -14.67 -8.55
N ALA D 240 -11.85 -14.52 -8.90
CA ALA D 240 -11.21 -15.46 -9.81
C ALA D 240 -11.24 -16.86 -9.22
N ILE D 241 -10.95 -16.95 -7.92
CA ILE D 241 -10.89 -18.22 -7.23
C ILE D 241 -12.28 -18.88 -7.14
N ARG D 242 -13.30 -18.08 -6.87
CA ARG D 242 -14.66 -18.59 -6.82
C ARG D 242 -15.07 -19.15 -8.20
N LEU D 243 -14.75 -18.42 -9.27
CA LEU D 243 -15.12 -18.86 -10.60
C LEU D 243 -14.38 -20.14 -10.99
N GLY D 244 -13.07 -20.15 -10.76
CA GLY D 244 -12.25 -21.31 -11.05
C GLY D 244 -12.78 -22.57 -10.41
N ASN D 245 -13.04 -22.53 -9.10
CA ASN D 245 -13.55 -23.68 -8.39
C ASN D 245 -14.88 -24.17 -8.96
N ALA D 246 -15.73 -23.23 -9.34
CA ALA D 246 -17.03 -23.56 -9.91
C ALA D 246 -16.92 -24.33 -11.22
N ILE D 247 -15.93 -23.99 -12.06
CA ILE D 247 -15.82 -24.63 -13.36
C ILE D 247 -14.89 -25.86 -13.36
N ALA D 248 -14.14 -26.04 -12.28
CA ALA D 248 -13.20 -27.16 -12.17
C ALA D 248 -13.78 -28.51 -12.59
N PRO D 249 -15.00 -28.84 -12.11
CA PRO D 249 -15.64 -30.13 -12.41
C PRO D 249 -15.69 -30.53 -13.89
N TYR D 250 -15.61 -29.57 -14.80
CA TYR D 250 -15.73 -29.85 -16.23
C TYR D 250 -14.37 -29.96 -16.86
N SER D 251 -13.34 -29.83 -16.03
CA SER D 251 -11.99 -30.25 -16.38
C SER D 251 -11.39 -29.44 -17.51
N PRO D 252 -11.35 -28.10 -17.36
CA PRO D 252 -10.84 -27.28 -18.46
C PRO D 252 -9.33 -27.43 -18.54
N LEU D 253 -8.77 -27.43 -19.74
CA LEU D 253 -7.33 -27.55 -19.92
C LEU D 253 -6.59 -26.35 -19.34
N TRP D 254 -7.18 -25.17 -19.47
CA TRP D 254 -6.60 -23.96 -18.88
C TRP D 254 -7.63 -22.88 -18.49
N TYR D 255 -7.14 -21.97 -17.65
CA TYR D 255 -7.94 -20.88 -17.10
C TYR D 255 -7.12 -19.64 -17.44
N GLU D 256 -7.60 -18.90 -18.45
CA GLU D 256 -6.86 -17.79 -19.02
C GLU D 256 -7.07 -16.46 -18.27
N GLU D 257 -6.01 -15.67 -18.15
CA GLU D 257 -6.07 -14.35 -17.53
C GLU D 257 -7.16 -14.22 -16.46
N PRO D 258 -7.04 -14.99 -15.37
CA PRO D 258 -8.10 -14.96 -14.35
C PRO D 258 -8.30 -13.55 -13.77
N ILE D 259 -7.22 -12.79 -13.70
CA ILE D 259 -7.26 -11.43 -13.15
C ILE D 259 -6.50 -10.45 -14.06
N PRO D 260 -6.54 -9.15 -13.73
CA PRO D 260 -5.76 -8.18 -14.51
C PRO D 260 -4.25 -8.51 -14.51
N PRO D 261 -3.54 -8.08 -15.57
CA PRO D 261 -2.13 -8.47 -15.76
C PRO D 261 -1.15 -7.59 -14.98
N ASP D 262 -1.60 -6.96 -13.89
CA ASP D 262 -0.74 -6.02 -13.16
C ASP D 262 -0.48 -6.42 -11.71
N ALA D 263 -0.65 -7.70 -11.41
CA ALA D 263 -0.36 -8.21 -10.09
C ALA D 263 0.00 -9.70 -10.11
N VAL D 264 1.25 -10.01 -10.44
CA VAL D 264 1.69 -11.42 -10.56
C VAL D 264 1.54 -12.24 -9.28
N GLU D 265 2.02 -11.72 -8.15
CA GLU D 265 1.87 -12.43 -6.87
C GLU D 265 0.43 -12.86 -6.71
N GLN D 266 -0.47 -11.99 -7.13
CA GLN D 266 -1.89 -12.19 -7.00
C GLN D 266 -2.39 -13.28 -7.95
N MET D 267 -1.84 -13.34 -9.16
CA MET D 267 -2.25 -14.38 -10.10
C MET D 267 -1.71 -15.73 -9.65
N ALA D 268 -0.54 -15.73 -9.02
CA ALA D 268 0.01 -16.96 -8.46
C ALA D 268 -0.94 -17.47 -7.40
N ALA D 269 -1.57 -16.54 -6.69
CA ALA D 269 -2.50 -16.88 -5.62
C ALA D 269 -3.73 -17.64 -6.14
N VAL D 270 -4.28 -17.18 -7.27
CA VAL D 270 -5.37 -17.91 -7.94
C VAL D 270 -4.90 -19.32 -8.31
N ALA D 271 -3.73 -19.40 -8.93
CA ALA D 271 -3.17 -20.67 -9.39
C ALA D 271 -3.05 -21.68 -8.26
N ARG D 272 -2.64 -21.21 -7.09
CA ARG D 272 -2.54 -22.09 -5.94
C ARG D 272 -3.90 -22.46 -5.37
N ALA D 273 -4.91 -21.63 -5.61
CA ALA D 273 -6.21 -21.84 -5.00
C ALA D 273 -7.18 -22.66 -5.86
N VAL D 274 -6.89 -22.79 -7.14
CA VAL D 274 -7.74 -23.54 -8.05
C VAL D 274 -6.97 -24.71 -8.68
N PRO D 275 -7.67 -25.79 -9.04
CA PRO D 275 -7.03 -26.97 -9.65
C PRO D 275 -6.75 -26.79 -11.14
N ILE D 276 -7.22 -25.71 -11.74
CA ILE D 276 -7.06 -25.53 -13.18
C ILE D 276 -5.75 -24.83 -13.55
N PRO D 277 -4.99 -25.43 -14.48
CA PRO D 277 -3.76 -24.79 -14.96
C PRO D 277 -4.06 -23.37 -15.42
N VAL D 278 -3.29 -22.39 -14.92
CA VAL D 278 -3.48 -21.00 -15.31
C VAL D 278 -2.63 -20.62 -16.53
N ALA D 279 -3.24 -19.85 -17.45
CA ALA D 279 -2.53 -19.34 -18.62
C ALA D 279 -2.65 -17.82 -18.69
N THR D 280 -1.60 -17.17 -19.17
CA THR D 280 -1.63 -15.72 -19.33
C THR D 280 -0.46 -15.26 -20.20
N GLY D 281 -0.47 -13.99 -20.56
CA GLY D 281 0.65 -13.41 -21.25
C GLY D 281 0.31 -12.51 -22.42
N GLU D 282 -0.94 -12.52 -22.87
CA GLU D 282 -1.30 -11.79 -24.08
C GLU D 282 -1.18 -10.29 -23.88
N ARG D 283 -0.99 -9.86 -22.64
CA ARG D 283 -0.89 -8.44 -22.33
C ARG D 283 0.45 -8.08 -21.69
N LEU D 284 1.43 -8.98 -21.81
CA LEU D 284 2.76 -8.73 -21.26
C LEU D 284 3.74 -8.54 -22.39
N THR D 285 4.90 -7.96 -22.08
CA THR D 285 5.91 -7.70 -23.10
C THR D 285 7.31 -7.91 -22.52
N THR D 286 8.19 -8.47 -23.35
CA THR D 286 9.57 -8.75 -22.99
C THR D 286 9.72 -9.85 -21.94
N LYS D 287 10.90 -10.46 -21.92
CA LYS D 287 11.21 -11.53 -20.99
C LYS D 287 11.26 -11.00 -19.55
N ALA D 288 11.38 -9.68 -19.40
CA ALA D 288 11.41 -9.05 -18.09
C ALA D 288 10.08 -9.15 -17.33
N GLU D 289 8.97 -9.27 -18.05
CA GLU D 289 7.66 -9.45 -17.42
C GLU D 289 7.22 -10.92 -17.33
N PHE D 290 7.74 -11.76 -18.21
CA PHE D 290 7.42 -13.19 -18.18
C PHE D 290 8.20 -13.95 -17.12
N ALA D 291 9.40 -13.48 -16.81
CA ALA D 291 10.25 -14.16 -15.82
C ALA D 291 9.60 -14.30 -14.43
N PRO D 292 9.07 -13.19 -13.87
CA PRO D 292 8.36 -13.24 -12.59
C PRO D 292 7.09 -14.10 -12.62
N VAL D 293 6.44 -14.17 -13.77
CA VAL D 293 5.27 -15.02 -13.92
C VAL D 293 5.67 -16.46 -13.63
N LEU D 294 6.65 -16.96 -14.38
CA LEU D 294 7.16 -18.31 -14.19
C LEU D 294 7.72 -18.52 -12.79
N ARG D 295 8.48 -17.53 -12.34
CA ARG D 295 9.26 -17.63 -11.11
C ARG D 295 8.36 -17.73 -9.87
N SER D 296 7.16 -17.16 -9.96
CA SER D 296 6.25 -17.07 -8.82
C SER D 296 5.15 -18.12 -8.92
N GLY D 297 5.10 -18.82 -10.04
CA GLY D 297 4.07 -19.81 -10.27
C GLY D 297 2.73 -19.16 -10.58
N ALA D 298 2.79 -18.00 -11.22
CA ALA D 298 1.57 -17.29 -11.60
C ALA D 298 0.88 -17.96 -12.79
N ALA D 299 1.65 -18.60 -13.66
CA ALA D 299 1.05 -19.27 -14.81
C ALA D 299 1.85 -20.48 -15.25
N ALA D 300 1.15 -21.52 -15.69
CA ALA D 300 1.81 -22.74 -16.18
C ALA D 300 1.85 -22.73 -17.70
N ILE D 301 1.11 -21.81 -18.30
CA ILE D 301 1.06 -21.72 -19.75
C ILE D 301 1.19 -20.28 -20.22
N LEU D 302 2.26 -19.99 -20.96
CA LEU D 302 2.50 -18.63 -21.42
C LEU D 302 1.88 -18.39 -22.80
N GLN D 303 1.26 -17.23 -22.98
CA GLN D 303 0.63 -16.87 -24.24
C GLN D 303 1.07 -15.51 -24.73
N PRO D 304 2.28 -15.42 -25.29
CA PRO D 304 2.73 -14.10 -25.73
C PRO D 304 2.04 -13.75 -27.04
N ALA D 305 1.69 -12.48 -27.20
CA ALA D 305 1.32 -11.93 -28.50
C ALA D 305 2.63 -11.47 -29.13
N LEU D 306 3.03 -12.13 -30.21
CA LEU D 306 4.35 -11.87 -30.79
C LEU D 306 4.52 -10.43 -31.27
N GLY D 307 3.41 -9.78 -31.63
CA GLY D 307 3.45 -8.42 -32.10
C GLY D 307 3.55 -7.41 -30.98
N ARG D 308 3.72 -7.91 -29.76
CA ARG D 308 3.75 -7.04 -28.58
C ARG D 308 4.93 -7.38 -27.66
N VAL D 309 5.28 -8.65 -27.59
CA VAL D 309 6.21 -9.15 -26.59
C VAL D 309 7.68 -8.79 -26.87
N GLY D 310 7.99 -8.43 -28.10
CA GLY D 310 9.36 -8.07 -28.45
C GLY D 310 9.86 -8.77 -29.70
N GLY D 311 8.99 -9.57 -30.31
CA GLY D 311 9.32 -10.21 -31.56
C GLY D 311 9.57 -11.70 -31.43
N ILE D 312 10.01 -12.31 -32.52
CA ILE D 312 10.19 -13.75 -32.58
C ILE D 312 11.36 -14.21 -31.71
N TRP D 313 12.45 -13.44 -31.74
CA TRP D 313 13.64 -13.75 -30.95
C TRP D 313 13.33 -13.67 -29.47
N GLU D 314 12.63 -12.62 -29.07
CA GLU D 314 12.24 -12.44 -27.68
C GLU D 314 11.35 -13.59 -27.23
N ALA D 315 10.38 -13.95 -28.07
CA ALA D 315 9.55 -15.13 -27.82
C ALA D 315 10.36 -16.41 -27.66
N LYS D 316 11.46 -16.52 -28.41
CA LYS D 316 12.33 -17.68 -28.31
C LYS D 316 13.01 -17.76 -26.94
N LYS D 317 13.50 -16.62 -26.46
CA LYS D 317 14.15 -16.57 -25.16
C LYS D 317 13.14 -16.95 -24.10
N ILE D 318 11.93 -16.44 -24.25
CA ILE D 318 10.88 -16.74 -23.29
C ILE D 318 10.53 -18.22 -23.28
N ALA D 319 10.41 -18.82 -24.46
CA ALA D 319 10.13 -20.25 -24.58
C ALA D 319 11.22 -21.11 -23.89
N ALA D 320 12.48 -20.70 -24.04
CA ALA D 320 13.57 -21.38 -23.36
C ALA D 320 13.43 -21.26 -21.85
N MET D 321 13.01 -20.09 -21.39
CA MET D 321 12.76 -19.86 -19.99
C MET D 321 11.66 -20.79 -19.51
N ALA D 322 10.60 -20.91 -20.29
CA ALA D 322 9.48 -21.77 -19.92
C ALA D 322 9.96 -23.22 -19.74
N GLU D 323 10.89 -23.64 -20.59
CA GLU D 323 11.40 -25.01 -20.57
C GLU D 323 11.88 -25.46 -19.18
N VAL D 324 12.59 -24.59 -18.48
CA VAL D 324 13.17 -24.97 -17.19
C VAL D 324 12.12 -24.91 -16.08
N TYR D 325 10.91 -24.52 -16.44
CA TYR D 325 9.79 -24.52 -15.51
C TYR D 325 8.78 -25.60 -15.88
N ASN D 326 9.20 -26.48 -16.80
CA ASN D 326 8.34 -27.54 -17.32
C ASN D 326 7.01 -26.95 -17.75
N ALA D 327 7.09 -25.72 -18.27
CA ALA D 327 5.92 -25.00 -18.73
C ALA D 327 5.92 -24.90 -20.26
N GLN D 328 4.75 -24.63 -20.83
CA GLN D 328 4.61 -24.62 -22.29
C GLN D 328 4.25 -23.24 -22.83
N ILE D 329 4.26 -23.14 -24.16
CA ILE D 329 3.95 -21.90 -24.85
C ILE D 329 2.71 -22.07 -25.74
N ALA D 330 1.76 -21.14 -25.62
CA ALA D 330 0.55 -21.15 -26.44
C ALA D 330 0.34 -19.77 -27.10
N PRO D 331 1.00 -19.53 -28.25
CA PRO D 331 1.05 -18.22 -28.91
C PRO D 331 -0.32 -17.58 -29.13
N HIS D 332 -0.44 -16.31 -28.72
CA HIS D 332 -1.71 -15.61 -28.77
C HIS D 332 -2.00 -15.07 -30.16
N LEU D 333 -3.28 -15.08 -30.54
CA LEU D 333 -3.69 -14.44 -31.77
C LEU D 333 -5.06 -13.80 -31.65
N TYR D 334 -5.06 -12.48 -31.67
CA TYR D 334 -6.27 -11.72 -31.98
C TYR D 334 -5.86 -10.61 -32.93
N ALA D 335 -5.36 -11.00 -34.08
CA ALA D 335 -4.90 -10.07 -35.10
C ALA D 335 -4.91 -10.77 -36.45
N GLY D 336 -4.12 -10.27 -37.39
CA GLY D 336 -4.12 -10.79 -38.75
C GLY D 336 -3.21 -11.98 -38.98
N PRO D 337 -3.15 -12.46 -40.23
CA PRO D 337 -2.40 -13.66 -40.61
C PRO D 337 -0.87 -13.51 -40.46
N VAL D 338 -0.37 -12.28 -40.61
CA VAL D 338 1.07 -12.03 -40.50
C VAL D 338 1.61 -12.35 -39.11
N GLU D 339 0.99 -11.84 -38.06
CA GLU D 339 1.42 -12.21 -36.71
C GLU D 339 1.22 -13.70 -36.49
N TRP D 340 0.15 -14.27 -37.06
CA TRP D 340 -0.12 -15.70 -36.97
C TRP D 340 1.06 -16.49 -37.53
N ALA D 341 1.55 -16.09 -38.70
CA ALA D 341 2.69 -16.74 -39.31
C ALA D 341 3.90 -16.75 -38.36
N ALA D 342 4.22 -15.59 -37.78
CA ALA D 342 5.30 -15.54 -36.80
C ALA D 342 5.02 -16.50 -35.63
N ASN D 343 3.75 -16.64 -35.27
CA ASN D 343 3.35 -17.64 -34.28
C ASN D 343 3.71 -19.06 -34.74
N ILE D 344 3.34 -19.39 -35.97
CA ILE D 344 3.60 -20.72 -36.52
C ILE D 344 5.10 -21.08 -36.56
N HIS D 345 5.93 -20.13 -36.97
CA HIS D 345 7.37 -20.37 -37.05
C HIS D 345 8.04 -20.53 -35.67
N LEU D 346 7.53 -19.77 -34.70
CA LEU D 346 7.96 -19.95 -33.32
C LEU D 346 7.57 -21.35 -32.85
N ALA D 347 6.30 -21.71 -33.05
CA ALA D 347 5.79 -23.01 -32.65
C ALA D 347 6.59 -24.16 -33.27
N ALA D 348 6.92 -24.01 -34.54
CA ALA D 348 7.63 -25.06 -35.25
C ALA D 348 9.00 -25.36 -34.64
N SER D 349 9.57 -24.37 -33.94
CA SER D 349 10.96 -24.46 -33.50
C SER D 349 11.16 -24.77 -32.02
N ILE D 350 10.08 -24.88 -31.26
CA ILE D 350 10.22 -25.07 -29.82
C ILE D 350 9.69 -26.41 -29.33
N PRO D 351 10.49 -27.10 -28.50
CA PRO D 351 10.05 -28.39 -27.96
C PRO D 351 8.76 -28.25 -27.18
N ASN D 352 8.63 -27.17 -26.40
CA ASN D 352 7.50 -27.00 -25.48
C ASN D 352 6.33 -26.20 -26.02
N ILE D 353 6.03 -26.37 -27.30
CA ILE D 353 4.81 -25.81 -27.87
C ILE D 353 3.66 -26.61 -27.30
N LEU D 354 2.49 -25.99 -27.18
CA LEU D 354 1.30 -26.69 -26.73
C LEU D 354 0.20 -26.61 -27.79
N MET D 355 -0.07 -25.39 -28.25
CA MET D 355 -1.03 -25.18 -29.33
C MET D 355 -1.04 -23.72 -29.80
N CYS D 356 -1.45 -23.51 -31.05
CA CYS D 356 -1.51 -22.16 -31.61
C CYS D 356 -2.95 -21.71 -31.85
N GLU D 357 -3.28 -20.52 -31.35
CA GLU D 357 -4.60 -19.95 -31.56
C GLU D 357 -4.80 -19.63 -33.04
N CYS D 358 -5.99 -19.93 -33.55
CA CYS D 358 -6.30 -19.69 -34.95
C CYS D 358 -7.61 -18.93 -35.11
N ILE D 359 -7.63 -18.02 -36.08
CA ILE D 359 -8.84 -17.31 -36.45
C ILE D 359 -9.10 -17.47 -37.94
N GLU D 360 -10.13 -18.24 -38.26
CA GLU D 360 -10.40 -18.62 -39.64
C GLU D 360 -11.48 -17.74 -40.28
N THR D 361 -11.05 -16.67 -40.94
CA THR D 361 -11.95 -15.85 -41.74
C THR D 361 -11.46 -15.78 -43.19
N PRO D 362 -12.37 -15.53 -44.13
CA PRO D 362 -11.94 -15.37 -45.51
C PRO D 362 -10.87 -14.28 -45.64
N PHE D 363 -11.01 -13.21 -44.88
CA PHE D 363 -10.06 -12.10 -44.99
C PHE D 363 -8.64 -12.46 -44.52
N HIS D 364 -8.54 -13.21 -43.43
CA HIS D 364 -7.25 -13.75 -43.00
C HIS D 364 -6.62 -14.46 -44.19
N ASP D 365 -7.41 -15.36 -44.78
CA ASP D 365 -6.96 -16.17 -45.90
C ASP D 365 -6.46 -15.29 -47.07
N GLN D 366 -7.31 -14.35 -47.48
CA GLN D 366 -7.03 -13.48 -48.62
C GLN D 366 -5.83 -12.59 -48.44
N LEU D 367 -5.64 -12.06 -47.24
CA LEU D 367 -4.54 -11.14 -46.99
C LEU D 367 -3.18 -11.77 -47.28
N ILE D 368 -3.07 -13.09 -47.11
CA ILE D 368 -1.82 -13.78 -47.39
C ILE D 368 -2.02 -14.81 -48.50
N LYS D 369 -3.06 -14.61 -49.29
CA LYS D 369 -3.32 -15.48 -50.44
C LYS D 369 -3.31 -16.97 -50.10
N SER D 370 -3.93 -17.32 -48.97
CA SER D 370 -4.23 -18.71 -48.68
C SER D 370 -2.94 -19.54 -48.54
N THR D 371 -1.86 -18.84 -48.20
CA THR D 371 -0.53 -19.39 -48.31
C THR D 371 -0.15 -20.28 -47.12
N ILE D 372 -0.68 -19.97 -45.94
CA ILE D 372 -0.59 -20.88 -44.79
C ILE D 372 -2.01 -21.17 -44.33
N LYS D 373 -2.32 -22.43 -44.06
CA LYS D 373 -3.69 -22.83 -43.74
C LYS D 373 -3.77 -23.75 -42.54
N VAL D 374 -4.92 -23.70 -41.85
CA VAL D 374 -5.27 -24.74 -40.91
C VAL D 374 -5.83 -25.91 -41.68
N GLU D 375 -5.33 -27.11 -41.41
CA GLU D 375 -5.89 -28.32 -42.00
C GLU D 375 -6.19 -29.32 -40.90
N ASP D 376 -7.46 -29.71 -40.79
CA ASP D 376 -7.88 -30.71 -39.83
C ASP D 376 -7.32 -30.45 -38.43
N GLY D 377 -7.37 -29.20 -38.00
CA GLY D 377 -6.98 -28.85 -36.65
C GLY D 377 -5.52 -28.52 -36.46
N PHE D 378 -4.71 -28.76 -37.50
CA PHE D 378 -3.27 -28.54 -37.36
C PHE D 378 -2.70 -27.61 -38.43
N ILE D 379 -1.48 -27.15 -38.19
CA ILE D 379 -0.76 -26.34 -39.17
C ILE D 379 0.61 -26.95 -39.46
N THR D 380 0.85 -27.23 -40.74
CA THR D 380 2.10 -27.84 -41.16
C THR D 380 3.20 -26.81 -41.32
N ALA D 381 4.38 -27.12 -40.81
CA ALA D 381 5.54 -26.22 -40.89
C ALA D 381 5.69 -25.69 -42.32
N PRO D 382 5.58 -24.37 -42.49
CA PRO D 382 5.72 -23.77 -43.82
C PRO D 382 7.03 -24.12 -44.52
N THR D 383 7.03 -24.01 -45.84
CA THR D 383 8.15 -24.43 -46.67
C THR D 383 8.81 -23.28 -47.41
N ALA D 384 8.00 -22.34 -47.89
CA ALA D 384 8.53 -21.19 -48.60
C ALA D 384 9.47 -20.40 -47.69
N ALA D 385 10.27 -19.53 -48.28
CA ALA D 385 11.28 -18.80 -47.52
C ALA D 385 10.63 -17.77 -46.58
N GLY D 386 11.40 -17.29 -45.61
CA GLY D 386 10.92 -16.31 -44.66
C GLY D 386 9.71 -16.79 -43.88
N LEU D 387 8.72 -15.91 -43.75
CA LEU D 387 7.45 -16.28 -43.11
C LEU D 387 6.61 -17.20 -44.02
N GLY D 388 7.01 -17.31 -45.28
CA GLY D 388 6.32 -18.17 -46.24
C GLY D 388 4.99 -17.59 -46.65
N LEU D 389 4.88 -16.27 -46.57
CA LEU D 389 3.64 -15.60 -46.89
C LEU D 389 3.72 -14.93 -48.26
N GLU D 390 2.56 -14.71 -48.87
CA GLU D 390 2.47 -13.80 -49.99
C GLU D 390 1.41 -12.74 -49.67
N VAL D 391 1.84 -11.67 -49.00
CA VAL D 391 0.91 -10.64 -48.55
C VAL D 391 0.30 -9.84 -49.71
N ASP D 392 -1.03 -9.71 -49.69
CA ASP D 392 -1.73 -8.97 -50.72
C ASP D 392 -1.89 -7.51 -50.31
N GLU D 393 -0.86 -6.72 -50.61
CA GLU D 393 -0.85 -5.30 -50.25
C GLU D 393 -2.09 -4.58 -50.77
N ALA D 394 -2.46 -4.83 -52.02
CA ALA D 394 -3.60 -4.15 -52.61
C ALA D 394 -4.89 -4.36 -51.80
N LEU D 395 -5.12 -5.61 -51.38
CA LEU D 395 -6.31 -5.90 -50.59
C LEU D 395 -6.26 -5.17 -49.25
N ALA D 396 -5.07 -5.06 -48.68
CA ALA D 396 -4.89 -4.38 -47.41
C ALA D 396 -5.18 -2.89 -47.55
N ARG D 397 -4.55 -2.27 -48.55
CA ARG D 397 -4.75 -0.85 -48.82
C ARG D 397 -6.17 -0.52 -49.28
N ALA D 398 -6.94 -1.54 -49.64
CA ALA D 398 -8.32 -1.32 -50.05
C ALA D 398 -9.28 -1.41 -48.87
N HIS D 399 -8.76 -1.79 -47.70
CA HIS D 399 -9.59 -1.88 -46.49
C HIS D 399 -9.06 -0.98 -45.39
N PRO D 400 -9.21 0.33 -45.58
CA PRO D 400 -8.73 1.35 -44.64
C PRO D 400 -9.55 1.32 -43.37
N TYR D 401 -8.93 1.63 -42.24
CA TYR D 401 -9.67 1.78 -41.01
C TYR D 401 -10.29 3.18 -40.94
N THR D 402 -11.61 3.23 -40.88
CA THR D 402 -12.32 4.51 -40.88
C THR D 402 -12.99 4.79 -39.53
N GLY D 403 -12.87 3.83 -38.62
CA GLY D 403 -13.47 3.97 -37.30
C GLY D 403 -12.50 4.66 -36.36
N ASN D 404 -12.96 4.95 -35.14
CA ASN D 404 -12.14 5.66 -34.16
C ASN D 404 -11.71 4.75 -33.02
N GLY D 405 -12.43 3.65 -32.84
CA GLY D 405 -12.24 2.78 -31.71
C GLY D 405 -10.87 2.13 -31.73
N LEU D 406 -10.39 1.75 -30.56
CA LEU D 406 -9.17 0.96 -30.48
C LEU D 406 -9.45 -0.48 -30.92
N HIS D 407 -8.40 -1.20 -31.28
CA HIS D 407 -8.51 -2.60 -31.69
C HIS D 407 -9.40 -3.39 -30.72
N LEU D 408 -9.18 -3.18 -29.43
CA LEU D 408 -10.01 -3.72 -28.36
C LEU D 408 -10.25 -2.60 -27.37
N GLU D 409 -11.29 -2.72 -26.57
CA GLU D 409 -11.58 -1.67 -25.58
C GLU D 409 -12.09 -2.23 -24.28
N MET D 410 -11.94 -1.45 -23.22
CA MET D 410 -12.46 -1.83 -21.91
C MET D 410 -13.71 -1.05 -21.57
N GLN D 411 -14.79 -1.79 -21.35
CA GLN D 411 -16.08 -1.23 -20.98
C GLN D 411 -15.97 -0.14 -19.91
N GLU D 412 -16.81 0.87 -20.02
CA GLU D 412 -16.94 1.94 -19.01
C GLU D 412 -17.90 1.50 -17.91
N ALA D 413 -19.03 0.93 -18.31
CA ALA D 413 -20.06 0.48 -17.38
C ALA D 413 -19.55 -0.57 -16.40
N PRO D 414 -20.01 -0.52 -15.14
CA PRO D 414 -19.63 -1.53 -14.15
C PRO D 414 -20.27 -2.87 -14.49
N CYS D 415 -19.80 -3.92 -13.83
CA CYS D 415 -20.44 -5.22 -13.95
C CYS D 415 -21.90 -5.10 -13.50
N ASP D 416 -22.80 -5.78 -14.20
CA ASP D 416 -24.22 -5.66 -13.88
C ASP D 416 -24.70 -6.71 -12.88
N TYR D 417 -25.13 -6.27 -11.71
CA TYR D 417 -25.60 -7.18 -10.68
C TYR D 417 -27.12 -7.19 -10.57
#